data_2VUZ
# 
_entry.id   2VUZ 
# 
_audit_conform.dict_name       mmcif_pdbx.dic 
_audit_conform.dict_version    5.382 
_audit_conform.dict_location   http://mmcif.pdb.org/dictionaries/ascii/mmcif_pdbx.dic 
# 
loop_
_database_2.database_id 
_database_2.database_code 
_database_2.pdbx_database_accession 
_database_2.pdbx_DOI 
PDB   2VUZ         pdb_00002vuz 10.2210/pdb2vuz/pdb 
PDBE  EBI-36457    ?            ?                   
WWPDB D_1290036457 ?            ?                   
# 
_pdbx_database_related.db_name        PDB 
_pdbx_database_related.db_id          2VUV 
_pdbx_database_related.content_type   unspecified 
_pdbx_database_related.details        'CRYSTAL STRUCTURE OF CODAKINE AT 1.3A RESOLUTION' 
# 
_pdbx_database_status.status_code                     REL 
_pdbx_database_status.entry_id                        2VUZ 
_pdbx_database_status.deposit_site                    PDBE 
_pdbx_database_status.process_site                    PDBE 
_pdbx_database_status.SG_entry                        . 
_pdbx_database_status.recvd_initial_deposition_date   2008-06-02 
_pdbx_database_status.pdb_format_compatible           Y 
_pdbx_database_status.status_code_sf                  REL 
_pdbx_database_status.status_code_mr                  ? 
_pdbx_database_status.status_code_cs                  ? 
_pdbx_database_status.methods_development_category    ? 
_pdbx_database_status.status_code_nmr_data            ? 
# 
loop_
_audit_author.name 
_audit_author.pdbx_ordinal 
'Gourdine, J.P.'    1 
'Cioci, G.C.'       2 
'Miguet, L.'        3 
'Unverzagt, C.'     4 
'Varrot, A.'        5 
'Gauthier, C.'      6 
'Smith-Ravin, E.J.' 7 
'Imberty, A.'       8 
# 
_citation.id                        primary 
_citation.title                     
;High Affinity Interaction between a Bivalve C-Type Lectin and a Biantennary Complex-Type N-Glycan Revealed by Crystallography and Microcalorimetry.
;
_citation.journal_abbrev            J.Biol.Chem. 
_citation.journal_volume            283 
_citation.page_first                30112 
_citation.page_last                 ? 
_citation.year                      2008 
_citation.journal_id_ASTM           JBCHA3 
_citation.country                   US 
_citation.journal_id_ISSN           0021-9258 
_citation.journal_id_CSD            0071 
_citation.book_publisher            ? 
_citation.pdbx_database_id_PubMed   18687680 
_citation.pdbx_database_id_DOI      10.1074/JBC.M804353200 
# 
loop_
_citation_author.citation_id 
_citation_author.name 
_citation_author.ordinal 
_citation_author.identifier_ORCID 
primary 'Gourdine, J.P.'    1 ? 
primary 'Cioci, G.C.'       2 ? 
primary 'Miguet, L.'        3 ? 
primary 'Unverzagt, C.'     4 ? 
primary 'Silva, D.V.'       5 ? 
primary 'Varrot, A.'        6 ? 
primary 'Gautier, C.'       7 ? 
primary 'Smith-Ravin, E.J.' 8 ? 
primary 'Imberty, A.'       9 ? 
# 
_cell.entry_id           2VUZ 
_cell.length_a           32.163 
_cell.length_b           100.197 
_cell.length_c           95.738 
_cell.angle_alpha        90.00 
_cell.angle_beta         90.00 
_cell.angle_gamma        90.00 
_cell.Z_PDB              8 
_cell.pdbx_unique_axis   ? 
# 
_symmetry.entry_id                         2VUZ 
_symmetry.space_group_name_H-M             'C 2 2 21' 
_symmetry.pdbx_full_space_group_name_H-M   ? 
_symmetry.cell_setting                     ? 
_symmetry.Int_Tables_number                20 
# 
loop_
_entity.id 
_entity.type 
_entity.src_method 
_entity.pdbx_description 
_entity.formula_weight 
_entity.pdbx_number_of_molecules 
_entity.pdbx_ec 
_entity.pdbx_mutation 
_entity.pdbx_fragment 
_entity.details 
1 polymer     nat CODAKINE 14187.471 1   ? ? 'RESIDUES 20-148' ? 
2 branched    man 
;2-acetamido-2-deoxy-beta-D-glucopyranose-(1-2)-alpha-D-mannopyranose-(1-3)-[2-acetamido-2-deoxy-beta-D-glucopyranose-(1-2)-alpha-D-mannopyranose-(1-6)]beta-D-mannopyranose-(1-4)-2-acetamido-2-deoxy-beta-D-glucopyranose-(1-4)-2-acetamido-2-deoxy-beta-D-glucopyranose
;
1317.209  1   ? ? ?                 ? 
3 non-polymer syn 'CALCIUM ION' 40.078    1   ? ? ?                 ? 
4 non-polymer syn GLYCEROL 92.094    3   ? ? ?                 ? 
5 water       nat water 18.015    121 ? ? ?                 ? 
# 
_entity_poly.entity_id                      1 
_entity_poly.type                           'polypeptide(L)' 
_entity_poly.nstd_linkage                   no 
_entity_poly.nstd_monomer                   yes 
_entity_poly.pdbx_seq_one_letter_code       
;GCPDGWTQFLDLCYIYQSAKASWASAQSSCQALGGILAEPDTACENEVLIHMCKENGDAGSFGPWLGGQKVGGAWQWSSS
GAAFDYLRWG(HYP)NEPNNSGGNEDCLHYNWLSWNDLRCHYQASYLCQRAAE
;
_entity_poly.pdbx_seq_one_letter_code_can   
;GCPDGWTQFLDLCYIYQSAKASWASAQSSCQALGGILAEPDTACENEVLIHMCKENGDAGSFGPWLGGQKVGGAWQWSSS
GAAFDYLRWGPNEPNNSGGNEDCLHYNWLSWNDLRCHYQASYLCQRAAE
;
_entity_poly.pdbx_strand_id                 A 
_entity_poly.pdbx_target_identifier         ? 
# 
loop_
_entity_poly_seq.entity_id 
_entity_poly_seq.num 
_entity_poly_seq.mon_id 
_entity_poly_seq.hetero 
1 1   GLY n 
1 2   CYS n 
1 3   PRO n 
1 4   ASP n 
1 5   GLY n 
1 6   TRP n 
1 7   THR n 
1 8   GLN n 
1 9   PHE n 
1 10  LEU n 
1 11  ASP n 
1 12  LEU n 
1 13  CYS n 
1 14  TYR n 
1 15  ILE n 
1 16  TYR n 
1 17  GLN n 
1 18  SER n 
1 19  ALA n 
1 20  LYS n 
1 21  ALA n 
1 22  SER n 
1 23  TRP n 
1 24  ALA n 
1 25  SER n 
1 26  ALA n 
1 27  GLN n 
1 28  SER n 
1 29  SER n 
1 30  CYS n 
1 31  GLN n 
1 32  ALA n 
1 33  LEU n 
1 34  GLY n 
1 35  GLY n 
1 36  ILE n 
1 37  LEU n 
1 38  ALA n 
1 39  GLU n 
1 40  PRO n 
1 41  ASP n 
1 42  THR n 
1 43  ALA n 
1 44  CYS n 
1 45  GLU n 
1 46  ASN n 
1 47  GLU n 
1 48  VAL n 
1 49  LEU n 
1 50  ILE n 
1 51  HIS n 
1 52  MET n 
1 53  CYS n 
1 54  LYS n 
1 55  GLU n 
1 56  ASN n 
1 57  GLY n 
1 58  ASP n 
1 59  ALA n 
1 60  GLY n 
1 61  SER n 
1 62  PHE n 
1 63  GLY n 
1 64  PRO n 
1 65  TRP n 
1 66  LEU n 
1 67  GLY n 
1 68  GLY n 
1 69  GLN n 
1 70  LYS n 
1 71  VAL n 
1 72  GLY n 
1 73  GLY n 
1 74  ALA n 
1 75  TRP n 
1 76  GLN n 
1 77  TRP n 
1 78  SER n 
1 79  SER n 
1 80  SER n 
1 81  GLY n 
1 82  ALA n 
1 83  ALA n 
1 84  PHE n 
1 85  ASP n 
1 86  TYR n 
1 87  LEU n 
1 88  ARG n 
1 89  TRP n 
1 90  GLY n 
1 91  HYP n 
1 92  ASN n 
1 93  GLU n 
1 94  PRO n 
1 95  ASN n 
1 96  ASN n 
1 97  SER n 
1 98  GLY n 
1 99  GLY n 
1 100 ASN n 
1 101 GLU n 
1 102 ASP n 
1 103 CYS n 
1 104 LEU n 
1 105 HIS n 
1 106 TYR n 
1 107 ASN n 
1 108 TRP n 
1 109 LEU n 
1 110 SER n 
1 111 TRP n 
1 112 ASN n 
1 113 ASP n 
1 114 LEU n 
1 115 ARG n 
1 116 CYS n 
1 117 HIS n 
1 118 TYR n 
1 119 GLN n 
1 120 ALA n 
1 121 SER n 
1 122 TYR n 
1 123 LEU n 
1 124 CYS n 
1 125 GLN n 
1 126 ARG n 
1 127 ALA n 
1 128 ALA n 
1 129 GLU n 
# 
_entity_src_nat.entity_id                  1 
_entity_src_nat.pdbx_src_id                1 
_entity_src_nat.pdbx_alt_source_flag       sample 
_entity_src_nat.pdbx_beg_seq_num           ? 
_entity_src_nat.pdbx_end_seq_num           ? 
_entity_src_nat.common_name                ? 
_entity_src_nat.pdbx_organism_scientific   'CODAKIA ORBICULARIS' 
_entity_src_nat.pdbx_ncbi_taxonomy_id      13016 
_entity_src_nat.genus                      ? 
_entity_src_nat.species                    ? 
_entity_src_nat.strain                     ? 
_entity_src_nat.tissue                     ? 
_entity_src_nat.tissue_fraction            ? 
_entity_src_nat.pdbx_secretion             ? 
_entity_src_nat.pdbx_fragment              ? 
_entity_src_nat.pdbx_variant               ? 
_entity_src_nat.pdbx_cell_line             ? 
_entity_src_nat.pdbx_atcc                  ? 
_entity_src_nat.pdbx_cellular_location     ? 
_entity_src_nat.pdbx_organ                 ? 
_entity_src_nat.pdbx_organelle             ? 
_entity_src_nat.pdbx_cell                  ? 
_entity_src_nat.pdbx_plasmid_name          ? 
_entity_src_nat.pdbx_plasmid_details       ? 
_entity_src_nat.details                    ? 
# 
_struct_ref.id                         1 
_struct_ref.db_name                    UNP 
_struct_ref.db_code                    Q3KVL7_9BIVA 
_struct_ref.entity_id                  1 
_struct_ref.pdbx_seq_one_letter_code   ? 
_struct_ref.pdbx_align_begin           ? 
_struct_ref.pdbx_db_accession          Q3KVL7 
_struct_ref.pdbx_db_isoform            ? 
# 
_struct_ref_seq.align_id                      1 
_struct_ref_seq.ref_id                        1 
_struct_ref_seq.pdbx_PDB_id_code              2VUZ 
_struct_ref_seq.pdbx_strand_id                A 
_struct_ref_seq.seq_align_beg                 1 
_struct_ref_seq.pdbx_seq_align_beg_ins_code   ? 
_struct_ref_seq.seq_align_end                 129 
_struct_ref_seq.pdbx_seq_align_end_ins_code   ? 
_struct_ref_seq.pdbx_db_accession             Q3KVL7 
_struct_ref_seq.db_align_beg                  20 
_struct_ref_seq.pdbx_db_align_beg_ins_code    ? 
_struct_ref_seq.db_align_end                  148 
_struct_ref_seq.pdbx_db_align_end_ins_code    ? 
_struct_ref_seq.pdbx_auth_seq_align_beg       1 
_struct_ref_seq.pdbx_auth_seq_align_end       129 
# 
_struct_ref_seq_dif.align_id                     1 
_struct_ref_seq_dif.pdbx_pdb_id_code             2VUZ 
_struct_ref_seq_dif.mon_id                       LYS 
_struct_ref_seq_dif.pdbx_pdb_strand_id           A 
_struct_ref_seq_dif.seq_num                      54 
_struct_ref_seq_dif.pdbx_pdb_ins_code            ? 
_struct_ref_seq_dif.pdbx_seq_db_name             UNP 
_struct_ref_seq_dif.pdbx_seq_db_accession_code   Q3KVL7 
_struct_ref_seq_dif.db_mon_id                    ARG 
_struct_ref_seq_dif.pdbx_seq_db_seq_num          73 
_struct_ref_seq_dif.details                      conflict 
_struct_ref_seq_dif.pdbx_auth_seq_num            54 
_struct_ref_seq_dif.pdbx_ordinal                 1 
# 
loop_
_chem_comp.id 
_chem_comp.type 
_chem_comp.mon_nstd_flag 
_chem_comp.name 
_chem_comp.pdbx_synonyms 
_chem_comp.formula 
_chem_comp.formula_weight 
ALA 'L-peptide linking'           y ALANINE                                  ? 'C3 H7 N O2'     89.093  
ARG 'L-peptide linking'           y ARGININE                                 ? 'C6 H15 N4 O2 1' 175.209 
ASN 'L-peptide linking'           y ASPARAGINE                               ? 'C4 H8 N2 O3'    132.118 
ASP 'L-peptide linking'           y 'ASPARTIC ACID'                          ? 'C4 H7 N O4'     133.103 
BMA 'D-saccharide, beta linking'  . beta-D-mannopyranose                     'beta-D-mannose; D-mannose; mannose' 'C6 H12 O6'      
180.156 
CA  non-polymer                   . 'CALCIUM ION'                            ? 'Ca 2'           40.078  
CYS 'L-peptide linking'           y CYSTEINE                                 ? 'C3 H7 N O2 S'   121.158 
GLN 'L-peptide linking'           y GLUTAMINE                                ? 'C5 H10 N2 O3'   146.144 
GLU 'L-peptide linking'           y 'GLUTAMIC ACID'                          ? 'C5 H9 N O4'     147.129 
GLY 'peptide linking'             y GLYCINE                                  ? 'C2 H5 N O2'     75.067  
GOL non-polymer                   . GLYCEROL                                 'GLYCERIN; PROPANE-1,2,3-TRIOL' 'C3 H8 O3'       
92.094  
HIS 'L-peptide linking'           y HISTIDINE                                ? 'C6 H10 N3 O2 1' 156.162 
HOH non-polymer                   . WATER                                    ? 'H2 O'           18.015  
HYP 'L-peptide linking'           n 4-HYDROXYPROLINE                         HYDROXYPROLINE 'C5 H9 N O3'     131.130 
ILE 'L-peptide linking'           y ISOLEUCINE                               ? 'C6 H13 N O2'    131.173 
LEU 'L-peptide linking'           y LEUCINE                                  ? 'C6 H13 N O2'    131.173 
LYS 'L-peptide linking'           y LYSINE                                   ? 'C6 H15 N2 O2 1' 147.195 
MAN 'D-saccharide, alpha linking' . alpha-D-mannopyranose                    'alpha-D-mannose; D-mannose; mannose' 'C6 H12 O6' 
180.156 
MET 'L-peptide linking'           y METHIONINE                               ? 'C5 H11 N O2 S'  149.211 
NAG 'D-saccharide, beta linking'  . 2-acetamido-2-deoxy-beta-D-glucopyranose 
;N-acetyl-beta-D-glucosamine; 2-acetamido-2-deoxy-beta-D-glucose; 2-acetamido-2-deoxy-D-glucose; 2-acetamido-2-deoxy-glucose; N-ACETYL-D-GLUCOSAMINE
;
'C8 H15 N O6'    221.208 
PHE 'L-peptide linking'           y PHENYLALANINE                            ? 'C9 H11 N O2'    165.189 
PRO 'L-peptide linking'           y PROLINE                                  ? 'C5 H9 N O2'     115.130 
SER 'L-peptide linking'           y SERINE                                   ? 'C3 H7 N O3'     105.093 
THR 'L-peptide linking'           y THREONINE                                ? 'C4 H9 N O3'     119.119 
TRP 'L-peptide linking'           y TRYPTOPHAN                               ? 'C11 H12 N2 O2'  204.225 
TYR 'L-peptide linking'           y TYROSINE                                 ? 'C9 H11 N O3'    181.189 
VAL 'L-peptide linking'           y VALINE                                   ? 'C5 H11 N O2'    117.146 
# 
_exptl.entry_id          2VUZ 
_exptl.method            'X-RAY DIFFRACTION' 
_exptl.crystals_number   1 
# 
_exptl_crystal.id                    1 
_exptl_crystal.density_meas          ? 
_exptl_crystal.density_Matthews      2.2 
_exptl_crystal.density_percent_sol   43 
_exptl_crystal.description           NONE 
# 
_exptl_crystal_grow.crystal_id      1 
_exptl_crystal_grow.method          ? 
_exptl_crystal_grow.temp            ? 
_exptl_crystal_grow.temp_details    ? 
_exptl_crystal_grow.pH              ? 
_exptl_crystal_grow.pdbx_pH_range   ? 
_exptl_crystal_grow.pdbx_details    '0.2M LITHIUM SULFATE IN 100 MM SODIUM ACETATE PH 7.5 WITH 15% PEG 4000' 
# 
_diffrn.id                     1 
_diffrn.ambient_temp           100 
_diffrn.ambient_temp_details   ? 
_diffrn.crystal_id             1 
# 
_diffrn_detector.diffrn_id              1 
_diffrn_detector.detector               CCD 
_diffrn_detector.type                   'ADSC CCD' 
_diffrn_detector.pdbx_collection_date   ? 
_diffrn_detector.details                MIRRORS 
# 
_diffrn_radiation.diffrn_id                        1 
_diffrn_radiation.wavelength_id                    1 
_diffrn_radiation.pdbx_monochromatic_or_laue_m_l   M 
_diffrn_radiation.monochromator                    SI111 
_diffrn_radiation.pdbx_diffrn_protocol             'SINGLE WAVELENGTH' 
_diffrn_radiation.pdbx_scattering_type             x-ray 
# 
_diffrn_radiation_wavelength.id           1 
_diffrn_radiation_wavelength.wavelength   0.97618 
_diffrn_radiation_wavelength.wt           1.0 
# 
_diffrn_source.diffrn_id                   1 
_diffrn_source.source                      SYNCHROTRON 
_diffrn_source.type                        'ESRF BEAMLINE ID29' 
_diffrn_source.pdbx_synchrotron_site       ESRF 
_diffrn_source.pdbx_synchrotron_beamline   ID29 
_diffrn_source.pdbx_wavelength             0.97618 
_diffrn_source.pdbx_wavelength_list        ? 
# 
_reflns.pdbx_diffrn_id               1 
_reflns.pdbx_ordinal                 1 
_reflns.entry_id                     2VUZ 
_reflns.observed_criterion_sigma_I   2.0 
_reflns.observed_criterion_sigma_F   ? 
_reflns.d_resolution_low             34.60 
_reflns.d_resolution_high            1.70 
_reflns.number_obs                   17204 
_reflns.number_all                   ? 
_reflns.percent_possible_obs         98.6 
_reflns.pdbx_Rmerge_I_obs            0.08 
_reflns.pdbx_Rsym_value              ? 
_reflns.pdbx_netI_over_sigmaI        5.30 
_reflns.B_iso_Wilson_estimate        19.70 
_reflns.pdbx_redundancy              5.6 
# 
_reflns_shell.pdbx_diffrn_id         1 
_reflns_shell.pdbx_ordinal           1 
_reflns_shell.d_res_high             1.70 
_reflns_shell.d_res_low              1.74 
_reflns_shell.percent_possible_all   99.3 
_reflns_shell.Rmerge_I_obs           0.38 
_reflns_shell.pdbx_Rsym_value        ? 
_reflns_shell.meanI_over_sigI_obs    2.00 
_reflns_shell.pdbx_redundancy        5.7 
# 
_refine.pdbx_refine_id                           'X-RAY DIFFRACTION' 
_refine.entry_id                                 2VUZ 
_refine.pdbx_diffrn_id                           1 
_refine.pdbx_TLS_residual_ADP_flag               ? 
_refine.ls_number_reflns_obs                     16302 
_refine.ls_number_reflns_all                     ? 
_refine.pdbx_ls_sigma_I                          ? 
_refine.pdbx_ls_sigma_F                          ? 
_refine.pdbx_data_cutoff_high_absF               ? 
_refine.pdbx_data_cutoff_low_absF                ? 
_refine.pdbx_data_cutoff_high_rms_absF           ? 
_refine.ls_d_res_low                             50.13 
_refine.ls_d_res_high                            1.70 
_refine.ls_percent_reflns_obs                    98.2 
_refine.ls_R_factor_obs                          0.204 
_refine.ls_R_factor_all                          ? 
_refine.ls_R_factor_R_work                       0.202 
_refine.ls_R_factor_R_free                       0.258 
_refine.ls_R_factor_R_free_error                 ? 
_refine.ls_R_factor_R_free_error_details         ? 
_refine.ls_percent_reflns_R_free                 5.100 
_refine.ls_number_reflns_R_free                  874 
_refine.ls_number_parameters                     ? 
_refine.ls_number_restraints                     ? 
_refine.occupancy_min                            ? 
_refine.occupancy_max                            ? 
_refine.correlation_coeff_Fo_to_Fc               0.951 
_refine.correlation_coeff_Fo_to_Fc_free          0.920 
_refine.B_iso_mean                               18.48 
_refine.aniso_B[1][1]                            1.28000 
_refine.aniso_B[2][2]                            0.52000 
_refine.aniso_B[3][3]                            -1.79000 
_refine.aniso_B[1][2]                            0.00000 
_refine.aniso_B[1][3]                            0.00000 
_refine.aniso_B[2][3]                            0.00000 
_refine.solvent_model_details                    MASK 
_refine.solvent_model_param_ksol                 ? 
_refine.solvent_model_param_bsol                 ? 
_refine.pdbx_solvent_vdw_probe_radii             1.20 
_refine.pdbx_solvent_ion_probe_radii             0.80 
_refine.pdbx_solvent_shrinkage_radii             0.80 
_refine.pdbx_ls_cross_valid_method               THROUGHOUT 
_refine.details                                  'HYDROGENS HAVE BEEN ADDED IN THE RIDING POSITIONS.' 
_refine.pdbx_starting_model                      'PDB ENTRY 2VUV' 
_refine.pdbx_method_to_determine_struct          'MOLECULAR REPLACEMENT' 
_refine.pdbx_isotropic_thermal_model             ? 
_refine.pdbx_stereochemistry_target_values       'MAXIMUM LIKELIHOOD' 
_refine.pdbx_stereochem_target_val_spec_case     ? 
_refine.pdbx_R_Free_selection_details            RANDOM 
_refine.pdbx_overall_ESU_R                       0.117 
_refine.pdbx_overall_ESU_R_Free                  0.125 
_refine.overall_SU_ML                            0.091 
_refine.pdbx_overall_phase_error                 ? 
_refine.overall_SU_B                             2.773 
_refine.overall_SU_R_Cruickshank_DPI             ? 
_refine.pdbx_overall_SU_R_free_Cruickshank_DPI   ? 
_refine.pdbx_overall_SU_R_Blow_DPI               ? 
_refine.pdbx_overall_SU_R_free_Blow_DPI          ? 
# 
_refine_hist.pdbx_refine_id                   'X-RAY DIFFRACTION' 
_refine_hist.cycle_id                         LAST 
_refine_hist.pdbx_number_atoms_protein        997 
_refine_hist.pdbx_number_atoms_nucleic_acid   0 
_refine_hist.pdbx_number_atoms_ligand         109 
_refine_hist.number_atoms_solvent             121 
_refine_hist.number_atoms_total               1227 
_refine_hist.d_res_high                       1.70 
_refine_hist.d_res_low                        50.13 
# 
loop_
_refine_ls_restr.type 
_refine_ls_restr.dev_ideal 
_refine_ls_restr.dev_ideal_target 
_refine_ls_restr.weight 
_refine_ls_restr.number 
_refine_ls_restr.pdbx_refine_id 
_refine_ls_restr.pdbx_restraint_function 
r_bond_refined_d             0.018  0.021  ? 1178 'X-RAY DIFFRACTION' ? 
r_bond_other_d               0.003  0.020  ? 769  'X-RAY DIFFRACTION' ? 
r_angle_refined_deg          1.763  2.016  ? 1618 'X-RAY DIFFRACTION' ? 
r_angle_other_deg            0.980  3.007  ? 1844 'X-RAY DIFFRACTION' ? 
r_dihedral_angle_1_deg       6.997  5.000  ? 136  'X-RAY DIFFRACTION' ? 
r_dihedral_angle_2_deg       38.288 25.185 ? 54   'X-RAY DIFFRACTION' ? 
r_dihedral_angle_3_deg       14.863 15.000 ? 151  'X-RAY DIFFRACTION' ? 
r_dihedral_angle_4_deg       10.068 15.000 ? 3    'X-RAY DIFFRACTION' ? 
r_chiral_restr               0.103  0.200  ? 174  'X-RAY DIFFRACTION' ? 
r_gen_planes_refined         0.008  0.020  ? 1280 'X-RAY DIFFRACTION' ? 
r_gen_planes_other           0.001  0.020  ? 231  'X-RAY DIFFRACTION' ? 
r_nbd_refined                0.211  0.200  ? 242  'X-RAY DIFFRACTION' ? 
r_nbd_other                  0.200  0.200  ? 850  'X-RAY DIFFRACTION' ? 
r_nbtor_refined              0.190  0.200  ? 559  'X-RAY DIFFRACTION' ? 
r_nbtor_other                0.090  0.200  ? 580  'X-RAY DIFFRACTION' ? 
r_xyhbond_nbd_refined        0.173  0.200  ? 87   'X-RAY DIFFRACTION' ? 
r_xyhbond_nbd_other          ?      ?      ? ?    'X-RAY DIFFRACTION' ? 
r_metal_ion_refined          ?      ?      ? ?    'X-RAY DIFFRACTION' ? 
r_metal_ion_other            ?      ?      ? ?    'X-RAY DIFFRACTION' ? 
r_symmetry_vdw_refined       0.388  0.200  ? 25   'X-RAY DIFFRACTION' ? 
r_symmetry_vdw_other         0.254  0.200  ? 32   'X-RAY DIFFRACTION' ? 
r_symmetry_hbond_refined     0.144  0.200  ? 10   'X-RAY DIFFRACTION' ? 
r_symmetry_hbond_other       ?      ?      ? ?    'X-RAY DIFFRACTION' ? 
r_symmetry_metal_ion_refined ?      ?      ? ?    'X-RAY DIFFRACTION' ? 
r_symmetry_metal_ion_other   ?      ?      ? ?    'X-RAY DIFFRACTION' ? 
r_mcbond_it                  1.141  1.500  ? 676  'X-RAY DIFFRACTION' ? 
r_mcbond_other               ?      ?      ? ?    'X-RAY DIFFRACTION' ? 
r_mcangle_it                 1.792  2.000  ? 1036 'X-RAY DIFFRACTION' ? 
r_mcangle_other              ?      ?      ? ?    'X-RAY DIFFRACTION' ? 
r_scbond_it                  2.306  3.000  ? 599  'X-RAY DIFFRACTION' ? 
r_scbond_other               ?      ?      ? ?    'X-RAY DIFFRACTION' ? 
r_scangle_it                 3.250  4.500  ? 581  'X-RAY DIFFRACTION' ? 
r_scangle_other              ?      ?      ? ?    'X-RAY DIFFRACTION' ? 
r_long_range_B_refined       ?      ?      ? ?    'X-RAY DIFFRACTION' ? 
r_long_range_B_other         ?      ?      ? ?    'X-RAY DIFFRACTION' ? 
r_rigid_bond_restr           ?      ?      ? ?    'X-RAY DIFFRACTION' ? 
r_sphericity_free            ?      ?      ? ?    'X-RAY DIFFRACTION' ? 
r_sphericity_bonded          ?      ?      ? ?    'X-RAY DIFFRACTION' ? 
# 
_refine_ls_shell.pdbx_refine_id                   'X-RAY DIFFRACTION' 
_refine_ls_shell.pdbx_total_number_of_bins_used   20 
_refine_ls_shell.d_res_high                       1.70 
_refine_ls_shell.d_res_low                        1.74 
_refine_ls_shell.number_reflns_R_work             1171 
_refine_ls_shell.R_factor_R_work                  0.3040 
_refine_ls_shell.percent_reflns_obs               ? 
_refine_ls_shell.R_factor_R_free                  0.3630 
_refine_ls_shell.R_factor_R_free_error            ? 
_refine_ls_shell.percent_reflns_R_free            ? 
_refine_ls_shell.number_reflns_R_free             59 
_refine_ls_shell.number_reflns_all                ? 
_refine_ls_shell.R_factor_all                     ? 
# 
_struct.entry_id                  2VUZ 
_struct.title                     'Crystal structure of Codakine in complex with biantennary nonasaccharide at 1.7A resolution' 
_struct.pdbx_model_details        ? 
_struct.pdbx_CASP_flag            ? 
_struct.pdbx_model_type_details   ? 
# 
_struct_keywords.entry_id        2VUZ 
_struct_keywords.pdbx_keywords   'SUGAR BINDING PROTEIN' 
_struct_keywords.text            
;NONASACCHARIDE, CODAKIA ORBICULARIS, SUGAR-BINDING PROTEIN, C-TYPE, LECTIN, CODAKINE, BIANTENNARY, INVERTEBRATE, SUGAR BINDING PROTEIN
;
# 
loop_
_struct_asym.id 
_struct_asym.pdbx_blank_PDB_chainid_flag 
_struct_asym.pdbx_modified 
_struct_asym.entity_id 
_struct_asym.details 
A N N 1 ? 
B N N 2 ? 
C N N 3 ? 
D N N 4 ? 
E N N 4 ? 
F N N 4 ? 
G N N 5 ? 
# 
_struct_biol.id   1 
# 
loop_
_struct_conf.conf_type_id 
_struct_conf.id 
_struct_conf.pdbx_PDB_helix_id 
_struct_conf.beg_label_comp_id 
_struct_conf.beg_label_asym_id 
_struct_conf.beg_label_seq_id 
_struct_conf.pdbx_beg_PDB_ins_code 
_struct_conf.end_label_comp_id 
_struct_conf.end_label_asym_id 
_struct_conf.end_label_seq_id 
_struct_conf.pdbx_end_PDB_ins_code 
_struct_conf.beg_auth_comp_id 
_struct_conf.beg_auth_asym_id 
_struct_conf.beg_auth_seq_id 
_struct_conf.end_auth_comp_id 
_struct_conf.end_auth_asym_id 
_struct_conf.end_auth_seq_id 
_struct_conf.pdbx_PDB_helix_class 
_struct_conf.details 
_struct_conf.pdbx_PDB_helix_length 
HELX_P HELX_P1 1 SER A 22 ? LEU A 33 ? SER A 22 LEU A 33 1 ? 12 
HELX_P HELX_P2 2 THR A 42 ? ASN A 56 ? THR A 42 ASN A 56 1 ? 15 
# 
_struct_conf_type.id          HELX_P 
_struct_conf_type.criteria    ? 
_struct_conf_type.reference   ? 
# 
loop_
_struct_conn.id 
_struct_conn.conn_type_id 
_struct_conn.pdbx_leaving_atom_flag 
_struct_conn.pdbx_PDB_id 
_struct_conn.ptnr1_label_asym_id 
_struct_conn.ptnr1_label_comp_id 
_struct_conn.ptnr1_label_seq_id 
_struct_conn.ptnr1_label_atom_id 
_struct_conn.pdbx_ptnr1_label_alt_id 
_struct_conn.pdbx_ptnr1_PDB_ins_code 
_struct_conn.pdbx_ptnr1_standard_comp_id 
_struct_conn.ptnr1_symmetry 
_struct_conn.ptnr2_label_asym_id 
_struct_conn.ptnr2_label_comp_id 
_struct_conn.ptnr2_label_seq_id 
_struct_conn.ptnr2_label_atom_id 
_struct_conn.pdbx_ptnr2_label_alt_id 
_struct_conn.pdbx_ptnr2_PDB_ins_code 
_struct_conn.ptnr1_auth_asym_id 
_struct_conn.ptnr1_auth_comp_id 
_struct_conn.ptnr1_auth_seq_id 
_struct_conn.ptnr2_auth_asym_id 
_struct_conn.ptnr2_auth_comp_id 
_struct_conn.ptnr2_auth_seq_id 
_struct_conn.ptnr2_symmetry 
_struct_conn.pdbx_ptnr3_label_atom_id 
_struct_conn.pdbx_ptnr3_label_seq_id 
_struct_conn.pdbx_ptnr3_label_comp_id 
_struct_conn.pdbx_ptnr3_label_asym_id 
_struct_conn.pdbx_ptnr3_label_alt_id 
_struct_conn.pdbx_ptnr3_PDB_ins_code 
_struct_conn.details 
_struct_conn.pdbx_dist_value 
_struct_conn.pdbx_value_order 
_struct_conn.pdbx_role 
disulf1 disulf ?    ? A CYS 2   SG  ? ? ? 1_555 A CYS 13  SG ? ? A CYS 2   A CYS 13  1_555 ? ? ? ? ? ? ? 2.052 ? ? 
disulf2 disulf ?    ? A CYS 30  SG  ? ? ? 1_555 A CYS 124 SG ? ? A CYS 30  A CYS 124 1_555 ? ? ? ? ? ? ? 2.046 ? ? 
disulf3 disulf ?    ? A CYS 44  SG  ? ? ? 1_555 A CYS 44  SG ? ? A CYS 44  A CYS 44  4_555 ? ? ? ? ? ? ? 2.335 ? ? 
disulf4 disulf ?    ? A CYS 103 SG  ? ? ? 1_555 A CYS 116 SG ? ? A CYS 103 A CYS 116 1_555 ? ? ? ? ? ? ? 2.049 ? ? 
covale1 covale both ? A GLY 90  C   ? ? ? 1_555 A HYP 91  N  ? ? A GLY 90  A HYP 91  1_555 ? ? ? ? ? ? ? 1.349 ? ? 
covale2 covale both ? A HYP 91  C   ? ? ? 1_555 A ASN 92  N  ? ? A HYP 91  A ASN 92  1_555 ? ? ? ? ? ? ? 1.345 ? ? 
covale3 covale both ? B NAG .   O4  ? ? ? 1_555 B NAG .   C1 ? ? B NAG 1   B NAG 2   1_555 ? ? ? ? ? ? ? 1.435 ? ? 
covale4 covale both ? B NAG .   O4  ? ? ? 1_555 B BMA .   C1 ? ? B NAG 2   B BMA 3   1_555 ? ? ? ? ? ? ? 1.397 ? ? 
covale5 covale both ? B BMA .   O3  ? ? ? 1_555 B MAN .   C1 ? ? B BMA 3   B MAN 4   1_555 ? ? ? ? ? ? ? 1.407 ? ? 
covale6 covale both ? B BMA .   O6  ? ? ? 1_555 B MAN .   C1 ? ? B BMA 3   B MAN 6   1_555 ? ? ? ? ? ? ? 1.421 ? ? 
covale7 covale both ? B MAN .   O2  ? ? ? 1_555 B NAG .   C1 ? ? B MAN 4   B NAG 5   1_555 ? ? ? ? ? ? ? 1.422 ? ? 
covale8 covale both ? B MAN .   O2  ? ? ? 1_555 B NAG .   C1 ? ? B MAN 6   B NAG 7   1_555 ? ? ? ? ? ? ? 1.422 ? ? 
metalc1 metalc ?    ? A GLU 93  OE1 ? ? ? 1_555 C CA  .   CA ? ? A GLU 93  A CA  201 1_555 ? ? ? ? ? ? ? 2.702 ? ? 
metalc2 metalc ?    ? A ASN 95  OD1 ? ? ? 1_555 C CA  .   CA ? ? A ASN 95  A CA  201 1_555 ? ? ? ? ? ? ? 2.347 ? ? 
metalc3 metalc ?    ? A GLU 101 OE1 ? ? ? 1_555 C CA  .   CA ? ? A GLU 101 A CA  201 1_555 ? ? ? ? ? ? ? 2.580 ? ? 
metalc4 metalc ?    ? A ASN 112 OD1 ? ? ? 1_555 C CA  .   CA ? ? A ASN 112 A CA  201 1_555 ? ? ? ? ? ? ? 2.402 ? ? 
metalc5 metalc ?    ? A ASP 113 O   ? ? ? 1_555 C CA  .   CA ? ? A ASP 113 A CA  201 1_555 ? ? ? ? ? ? ? 2.605 ? ? 
metalc6 metalc ?    ? A ASP 113 OD1 ? ? ? 1_555 C CA  .   CA ? ? A ASP 113 A CA  201 1_555 ? ? ? ? ? ? ? 2.320 ? ? 
metalc7 metalc ?    ? C CA  .   CA  ? ? ? 1_555 B MAN .   O3 ? ? A CA  201 B MAN 6   1_555 ? ? ? ? ? ? ? 2.482 ? ? 
metalc8 metalc ?    ? C CA  .   CA  ? ? ? 1_555 B MAN .   O4 ? ? A CA  201 B MAN 6   1_555 ? ? ? ? ? ? ? 2.648 ? ? 
# 
loop_
_struct_conn_type.id 
_struct_conn_type.criteria 
_struct_conn_type.reference 
disulf ? ? 
covale ? ? 
metalc ? ? 
# 
_struct_mon_prot_cis.pdbx_id                1 
_struct_mon_prot_cis.label_comp_id          GLU 
_struct_mon_prot_cis.label_seq_id           93 
_struct_mon_prot_cis.label_asym_id          A 
_struct_mon_prot_cis.label_alt_id           . 
_struct_mon_prot_cis.pdbx_PDB_ins_code      ? 
_struct_mon_prot_cis.auth_comp_id           GLU 
_struct_mon_prot_cis.auth_seq_id            93 
_struct_mon_prot_cis.auth_asym_id           A 
_struct_mon_prot_cis.pdbx_label_comp_id_2   PRO 
_struct_mon_prot_cis.pdbx_label_seq_id_2    94 
_struct_mon_prot_cis.pdbx_label_asym_id_2   A 
_struct_mon_prot_cis.pdbx_PDB_ins_code_2    ? 
_struct_mon_prot_cis.pdbx_auth_comp_id_2    PRO 
_struct_mon_prot_cis.pdbx_auth_seq_id_2     94 
_struct_mon_prot_cis.pdbx_auth_asym_id_2    A 
_struct_mon_prot_cis.pdbx_PDB_model_num     1 
_struct_mon_prot_cis.pdbx_omega_angle       -4.02 
# 
loop_
_struct_sheet.id 
_struct_sheet.type 
_struct_sheet.number_strands 
_struct_sheet.details 
AA ? 4 ? 
AB ? 4 ? 
# 
loop_
_struct_sheet_order.sheet_id 
_struct_sheet_order.range_id_1 
_struct_sheet_order.range_id_2 
_struct_sheet_order.offset 
_struct_sheet_order.sense 
AA 1 2 ? anti-parallel 
AA 2 3 ? anti-parallel 
AA 3 4 ? anti-parallel 
AB 1 2 ? anti-parallel 
AB 2 3 ? anti-parallel 
AB 3 4 ? anti-parallel 
# 
loop_
_struct_sheet_range.sheet_id 
_struct_sheet_range.id 
_struct_sheet_range.beg_label_comp_id 
_struct_sheet_range.beg_label_asym_id 
_struct_sheet_range.beg_label_seq_id 
_struct_sheet_range.pdbx_beg_PDB_ins_code 
_struct_sheet_range.end_label_comp_id 
_struct_sheet_range.end_label_asym_id 
_struct_sheet_range.end_label_seq_id 
_struct_sheet_range.pdbx_end_PDB_ins_code 
_struct_sheet_range.beg_auth_comp_id 
_struct_sheet_range.beg_auth_asym_id 
_struct_sheet_range.beg_auth_seq_id 
_struct_sheet_range.end_auth_comp_id 
_struct_sheet_range.end_auth_asym_id 
_struct_sheet_range.end_auth_seq_id 
AA 1 THR A 7   ? PHE A 9   ? THR A 7   PHE A 9   
AA 2 LEU A 12  ? ALA A 21  ? LEU A 12  ALA A 21  
AA 3 ALA A 120 ? ALA A 127 ? ALA A 120 ALA A 127 
AA 4 ILE A 36  ? LEU A 37  ? ILE A 36  LEU A 37  
AB 1 ALA A 74  ? TRP A 77  ? ALA A 74  TRP A 77  
AB 2 TRP A 65  ? VAL A 71  ? TRP A 65  VAL A 71  
AB 3 CYS A 103 ? ASN A 107 ? CYS A 103 ASN A 107 
AB 4 SER A 110 ? LEU A 114 ? SER A 110 LEU A 114 
# 
loop_
_pdbx_struct_sheet_hbond.sheet_id 
_pdbx_struct_sheet_hbond.range_id_1 
_pdbx_struct_sheet_hbond.range_id_2 
_pdbx_struct_sheet_hbond.range_1_label_atom_id 
_pdbx_struct_sheet_hbond.range_1_label_comp_id 
_pdbx_struct_sheet_hbond.range_1_label_asym_id 
_pdbx_struct_sheet_hbond.range_1_label_seq_id 
_pdbx_struct_sheet_hbond.range_1_PDB_ins_code 
_pdbx_struct_sheet_hbond.range_1_auth_atom_id 
_pdbx_struct_sheet_hbond.range_1_auth_comp_id 
_pdbx_struct_sheet_hbond.range_1_auth_asym_id 
_pdbx_struct_sheet_hbond.range_1_auth_seq_id 
_pdbx_struct_sheet_hbond.range_2_label_atom_id 
_pdbx_struct_sheet_hbond.range_2_label_comp_id 
_pdbx_struct_sheet_hbond.range_2_label_asym_id 
_pdbx_struct_sheet_hbond.range_2_label_seq_id 
_pdbx_struct_sheet_hbond.range_2_PDB_ins_code 
_pdbx_struct_sheet_hbond.range_2_auth_atom_id 
_pdbx_struct_sheet_hbond.range_2_auth_comp_id 
_pdbx_struct_sheet_hbond.range_2_auth_asym_id 
_pdbx_struct_sheet_hbond.range_2_auth_seq_id 
AA 1 2 N PHE A 9   ? N PHE A 9   O LEU A 12  ? O LEU A 12  
AA 2 3 N ALA A 21  ? N ALA A 21  O ALA A 120 ? O ALA A 120 
AA 3 4 N GLN A 125 ? N GLN A 125 O ILE A 36  ? O ILE A 36  
AB 1 2 N GLN A 76  ? N GLN A 76  O GLN A 69  ? O GLN A 69  
AB 2 3 N LEU A 66  ? N LEU A 66  O LEU A 104 ? O LEU A 104 
AB 3 4 N ASN A 107 ? N ASN A 107 O SER A 110 ? O SER A 110 
# 
_atom_sites.entry_id                    2VUZ 
_atom_sites.fract_transf_matrix[1][1]   0.01386822 
_atom_sites.fract_transf_matrix[1][2]   -0.02275401 
_atom_sites.fract_transf_matrix[1][3]   -0.01601998 
_atom_sites.fract_transf_matrix[2][1]   -0.00017273 
_atom_sites.fract_transf_matrix[2][2]   0.00567386 
_atom_sites.fract_transf_matrix[2][3]   -0.00820841 
_atom_sites.fract_transf_matrix[3][1]   0.00934667 
_atom_sites.fract_transf_matrix[3][2]   0.00392500 
_atom_sites.fract_transf_matrix[3][3]   0.00251637 
_atom_sites.fract_transf_vector[1]      0.072935 
_atom_sites.fract_transf_vector[2]      -0.121447 
_atom_sites.fract_transf_vector[3]      0.108725 
# 
loop_
_atom_type.symbol 
C  
CA 
N  
O  
S  
# 
loop_
_atom_site.group_PDB 
_atom_site.id 
_atom_site.type_symbol 
_atom_site.label_atom_id 
_atom_site.label_alt_id 
_atom_site.label_comp_id 
_atom_site.label_asym_id 
_atom_site.label_entity_id 
_atom_site.label_seq_id 
_atom_site.pdbx_PDB_ins_code 
_atom_site.Cartn_x 
_atom_site.Cartn_y 
_atom_site.Cartn_z 
_atom_site.occupancy 
_atom_site.B_iso_or_equiv 
_atom_site.pdbx_formal_charge 
_atom_site.auth_seq_id 
_atom_site.auth_comp_id 
_atom_site.auth_asym_id 
_atom_site.auth_atom_id 
_atom_site.pdbx_PDB_model_num 
ATOM   1    N  N   . GLY A 1 1   ? 1.924   -2.302  -21.313 1.00 42.62 ? 1   GLY A N   1 
ATOM   2    C  CA  . GLY A 1 1   ? 2.241   -3.728  -20.982 1.00 42.45 ? 1   GLY A CA  1 
ATOM   3    C  C   . GLY A 1 1   ? 2.554   -3.861  -19.501 1.00 41.67 ? 1   GLY A C   1 
ATOM   4    O  O   . GLY A 1 1   ? 3.191   -2.988  -18.924 1.00 41.96 ? 1   GLY A O   1 
ATOM   5    N  N   . CYS A 1 2   ? 2.086   -4.949  -18.901 1.00 40.76 ? 2   CYS A N   1 
ATOM   6    C  CA  . CYS A 1 2   ? 2.318   -5.280  -17.487 1.00 39.40 ? 2   CYS A CA  1 
ATOM   7    C  C   . CYS A 1 2   ? 2.709   -6.718  -17.526 1.00 38.76 ? 2   CYS A C   1 
ATOM   8    O  O   . CYS A 1 2   ? 2.297   -7.409  -18.448 1.00 39.08 ? 2   CYS A O   1 
ATOM   9    C  CB  . CYS A 1 2   ? 1.049   -5.169  -16.641 1.00 37.47 ? 2   CYS A CB  1 
ATOM   10   S  SG  . CYS A 1 2   ? 0.598   -3.544  -16.271 1.00 37.74 ? 2   CYS A SG  1 
ATOM   11   N  N   . PRO A 1 3   ? 3.526   -7.171  -16.561 1.00 38.71 ? 3   PRO A N   1 
ATOM   12   C  CA  . PRO A 1 3   ? 3.904   -8.567  -16.488 1.00 37.80 ? 3   PRO A CA  1 
ATOM   13   C  C   . PRO A 1 3   ? 2.746   -9.506  -16.141 1.00 38.02 ? 3   PRO A C   1 
ATOM   14   O  O   . PRO A 1 3   ? 1.679   -9.079  -15.670 1.00 36.81 ? 3   PRO A O   1 
ATOM   15   C  CB  . PRO A 1 3   ? 4.968   -8.601  -15.369 1.00 37.83 ? 3   PRO A CB  1 
ATOM   16   C  CG  . PRO A 1 3   ? 5.367   -7.227  -15.159 1.00 38.04 ? 3   PRO A CG  1 
ATOM   17   C  CD  . PRO A 1 3   ? 4.180   -6.388  -15.493 1.00 38.47 ? 3   PRO A CD  1 
ATOM   18   N  N   . ASP A 1 4   ? 2.993   -10.787 -16.358 1.00 37.37 ? 4   ASP A N   1 
ATOM   19   C  CA  . ASP A 1 4   ? 1.941   -11.794 -16.278 1.00 37.45 ? 4   ASP A CA  1 
ATOM   20   C  C   . ASP A 1 4   ? 1.525   -12.046 -14.834 1.00 36.49 ? 4   ASP A C   1 
ATOM   21   O  O   . ASP A 1 4   ? 2.364   -12.290 -13.953 1.00 36.80 ? 4   ASP A O   1 
ATOM   22   C  CB  . ASP A 1 4   ? 2.384   -13.112 -16.951 1.00 37.86 ? 4   ASP A CB  1 
ATOM   23   C  CG  . ASP A 1 4   ? 2.156   -13.111 -18.481 1.00 39.26 ? 4   ASP A CG  1 
ATOM   24   O  OD1 . ASP A 1 4   ? 1.902   -12.023 -19.081 1.00 42.21 ? 4   ASP A OD1 1 
ATOM   25   O  OD2 . ASP A 1 4   ? 2.252   -14.200 -19.090 1.00 37.51 ? 4   ASP A OD2 1 
ATOM   26   N  N   . GLY A 1 5   ? 0.212   -12.009 -14.612 1.00 34.11 ? 5   GLY A N   1 
ATOM   27   C  CA  . GLY A 1 5   ? -0.354  -12.132 -13.270 1.00 32.75 ? 5   GLY A CA  1 
ATOM   28   C  C   . GLY A 1 5   ? -0.509  -10.793 -12.558 1.00 30.85 ? 5   GLY A C   1 
ATOM   29   O  O   . GLY A 1 5   ? -1.070  -10.759 -11.443 1.00 31.51 ? 5   GLY A O   1 
ATOM   30   N  N   . TRP A 1 6   ? 0.003   -9.711  -13.165 1.00 28.80 ? 6   TRP A N   1 
ATOM   31   C  CA  . TRP A 1 6   ? -0.167  -8.349  -12.666 1.00 27.33 ? 6   TRP A CA  1 
ATOM   32   C  C   . TRP A 1 6   ? -1.428  -7.703  -13.241 1.00 27.16 ? 6   TRP A C   1 
ATOM   33   O  O   . TRP A 1 6   ? -1.887  -8.079  -14.337 1.00 28.04 ? 6   TRP A O   1 
ATOM   34   C  CB  . TRP A 1 6   ? 1.050   -7.472  -13.014 1.00 26.58 ? 6   TRP A CB  1 
ATOM   35   C  CG  . TRP A 1 6   ? 2.313   -7.877  -12.322 1.00 25.57 ? 6   TRP A CG  1 
ATOM   36   C  CD1 . TRP A 1 6   ? 2.925   -9.093  -12.373 1.00 26.74 ? 6   TRP A CD1 1 
ATOM   37   C  CD2 . TRP A 1 6   ? 3.145   -7.051  -11.468 1.00 24.93 ? 6   TRP A CD2 1 
ATOM   38   N  NE1 . TRP A 1 6   ? 4.061   -9.098  -11.581 1.00 26.39 ? 6   TRP A NE1 1 
ATOM   39   C  CE2 . TRP A 1 6   ? 4.235   -7.849  -11.044 1.00 25.13 ? 6   TRP A CE2 1 
ATOM   40   C  CE3 . TRP A 1 6   ? 3.068   -5.731  -11.022 1.00 23.59 ? 6   TRP A CE3 1 
ATOM   41   C  CZ2 . TRP A 1 6   ? 5.217   -7.376  -10.177 1.00 24.87 ? 6   TRP A CZ2 1 
ATOM   42   C  CZ3 . TRP A 1 6   ? 4.059   -5.261  -10.162 1.00 24.24 ? 6   TRP A CZ3 1 
ATOM   43   C  CH2 . TRP A 1 6   ? 5.103   -6.071  -9.753  1.00 23.36 ? 6   TRP A CH2 1 
ATOM   44   N  N   . THR A 1 7   ? -1.960  -6.717  -12.519 1.00 26.00 ? 7   THR A N   1 
ATOM   45   C  CA  . THR A 1 7   ? -3.135  -5.950  -12.902 1.00 25.35 ? 7   THR A CA  1 
ATOM   46   C  C   . THR A 1 7   ? -2.762  -4.541  -13.418 1.00 26.29 ? 7   THR A C   1 
ATOM   47   O  O   . THR A 1 7   ? -2.055  -3.807  -12.765 1.00 25.64 ? 7   THR A O   1 
ATOM   48   C  CB  . THR A 1 7   ? -4.110  -5.819  -11.693 1.00 25.28 ? 7   THR A CB  1 
ATOM   49   O  OG1 . THR A 1 7   ? -4.583  -7.121  -11.299 1.00 20.89 ? 7   THR A OG1 1 
ATOM   50   C  CG2 . THR A 1 7   ? -5.292  -4.866  -12.013 1.00 24.22 ? 7   THR A CG2 1 
ATOM   51   N  N   . GLN A 1 8   ? -3.287  -4.167  -14.595 1.00 28.01 ? 8   GLN A N   1 
ATOM   52   C  CA  . GLN A 1 8   ? -2.949  -2.909  -15.267 1.00 28.28 ? 8   GLN A CA  1 
ATOM   53   C  C   . GLN A 1 8   ? -3.904  -1.783  -14.947 1.00 28.45 ? 8   GLN A C   1 
ATOM   54   O  O   . GLN A 1 8   ? -5.136  -1.971  -14.879 1.00 29.05 ? 8   GLN A O   1 
ATOM   55   C  CB  . GLN A 1 8   ? -2.857  -3.146  -16.779 1.00 29.27 ? 8   GLN A CB  1 
ATOM   56   C  CG  . GLN A 1 8   ? -2.017  -2.095  -17.530 1.00 28.74 ? 8   GLN A CG  1 
ATOM   57   C  CD  . GLN A 1 8   ? -1.414  -2.558  -18.892 1.00 29.42 ? 8   GLN A CD  1 
ATOM   58   O  OE1 . GLN A 1 8   ? -1.540  -3.722  -19.325 1.00 34.81 ? 8   GLN A OE1 1 
ATOM   59   N  NE2 . GLN A 1 8   ? -0.726  -1.636  -19.544 1.00 27.11 ? 8   GLN A NE2 1 
ATOM   60   N  N   . PHE A 1 9   ? -3.357  -0.609  -14.696 1.00 27.63 ? 9   PHE A N   1 
ATOM   61   C  CA  . PHE A 1 9   ? -4.156  0.571   -14.565 1.00 27.75 ? 9   PHE A CA  1 
ATOM   62   C  C   . PHE A 1 9   ? -3.438  1.832   -15.054 1.00 28.63 ? 9   PHE A C   1 
ATOM   63   O  O   . PHE A 1 9   ? -2.359  2.136   -14.571 1.00 28.39 ? 9   PHE A O   1 
ATOM   64   C  CB  . PHE A 1 9   ? -4.616  0.790   -13.143 1.00 26.64 ? 9   PHE A CB  1 
ATOM   65   C  CG  . PHE A 1 9   ? -5.440  2.001   -13.008 1.00 27.17 ? 9   PHE A CG  1 
ATOM   66   C  CD1 . PHE A 1 9   ? -6.677  2.074   -13.655 1.00 24.23 ? 9   PHE A CD1 1 
ATOM   67   C  CD2 . PHE A 1 9   ? -4.971  3.107   -12.346 1.00 24.79 ? 9   PHE A CD2 1 
ATOM   68   C  CE1 . PHE A 1 9   ? -7.424  3.179   -13.586 1.00 25.31 ? 9   PHE A CE1 1 
ATOM   69   C  CE2 . PHE A 1 9   ? -5.719  4.199   -12.238 1.00 27.28 ? 9   PHE A CE2 1 
ATOM   70   C  CZ  . PHE A 1 9   ? -6.965  4.271   -12.886 1.00 28.78 ? 9   PHE A CZ  1 
ATOM   71   N  N   . LEU A 1 10  ? -4.077  2.584   -15.959 1.00 29.01 ? 10  LEU A N   1 
ATOM   72   C  CA  . LEU A 1 10  ? -3.390  3.661   -16.713 1.00 28.62 ? 10  LEU A CA  1 
ATOM   73   C  C   . LEU A 1 10  ? -1.943  3.178   -17.036 1.00 29.15 ? 10  LEU A C   1 
ATOM   74   O  O   . LEU A 1 10  ? -1.779  2.120   -17.662 1.00 30.19 ? 10  LEU A O   1 
ATOM   75   C  CB  . LEU A 1 10  ? -3.475  4.983   -15.916 1.00 28.86 ? 10  LEU A CB  1 
ATOM   76   C  CG  . LEU A 1 10  ? -4.890  5.351   -15.397 1.00 29.51 ? 10  LEU A CG  1 
ATOM   77   C  CD1 . LEU A 1 10  ? -4.909  6.586   -14.505 1.00 26.74 ? 10  LEU A CD1 1 
ATOM   78   C  CD2 . LEU A 1 10  ? -5.880  5.482   -16.518 1.00 30.01 ? 10  LEU A CD2 1 
ATOM   79   N  N   . ASP A 1 11  ? -0.912  3.853   -16.522 1.00 29.88 ? 11  ASP A N   1 
ATOM   80   C  CA  . ASP A 1 11  ? 0.516   3.501   -16.830 1.00 29.98 ? 11  ASP A CA  1 
ATOM   81   C  C   . ASP A 1 11  ? 1.228   2.508   -15.812 1.00 29.60 ? 11  ASP A C   1 
ATOM   82   O  O   . ASP A 1 11  ? 2.472   2.308   -15.848 1.00 27.49 ? 11  ASP A O   1 
ATOM   83   C  CB  . ASP A 1 11  ? 1.334   4.800   -16.868 1.00 30.76 ? 11  ASP A CB  1 
ATOM   84   C  CG  . ASP A 1 11  ? 0.762   5.872   -17.824 1.00 34.28 ? 11  ASP A CG  1 
ATOM   85   O  OD1 . ASP A 1 11  ? 0.568   5.583   -19.021 1.00 35.67 ? 11  ASP A OD1 1 
ATOM   86   O  OD2 . ASP A 1 11  ? 0.553   7.031   -17.371 1.00 40.37 ? 11  ASP A OD2 1 
ATOM   87   N  N   A LEU A 1 12  ? 0.432   1.884   -14.949 0.50 29.01 ? 12  LEU A N   1 
ATOM   88   N  N   B LEU A 1 12  ? 0.438   1.893   -14.935 0.50 29.00 ? 12  LEU A N   1 
ATOM   89   C  CA  A LEU A 1 12  ? 0.957   1.116   -13.829 0.50 28.86 ? 12  LEU A CA  1 
ATOM   90   C  CA  B LEU A 1 12  ? 0.966   1.152   -13.788 0.50 28.87 ? 12  LEU A CA  1 
ATOM   91   C  C   A LEU A 1 12  ? 0.586   -0.358  -13.892 0.50 28.32 ? 12  LEU A C   1 
ATOM   92   C  C   B LEU A 1 12  ? 0.535   -0.310  -13.792 0.50 28.33 ? 12  LEU A C   1 
ATOM   93   O  O   A LEU A 1 12  ? -0.340  -0.768  -14.602 0.50 29.09 ? 12  LEU A O   1 
ATOM   94   O  O   B LEU A 1 12  ? -0.520  -0.648  -14.340 0.50 29.21 ? 12  LEU A O   1 
ATOM   95   C  CB  A LEU A 1 12  ? 0.469   1.740   -12.522 0.50 28.72 ? 12  LEU A CB  1 
ATOM   96   C  CB  B LEU A 1 12  ? 0.504   1.835   -12.499 0.50 28.66 ? 12  LEU A CB  1 
ATOM   97   C  CG  A LEU A 1 12  ? 1.053   3.102   -12.151 0.50 29.78 ? 12  LEU A CG  1 
ATOM   98   C  CG  B LEU A 1 12  ? 1.141   3.180   -12.152 0.50 29.83 ? 12  LEU A CG  1 
ATOM   99   C  CD1 A LEU A 1 12  ? 0.251   3.771   -11.054 0.50 30.15 ? 12  LEU A CD1 1 
ATOM   100  C  CD1 B LEU A 1 12  ? 0.374   3.900   -11.063 0.50 30.01 ? 12  LEU A CD1 1 
ATOM   101  C  CD2 A LEU A 1 12  ? 2.530   2.944   -11.740 0.50 29.21 ? 12  LEU A CD2 1 
ATOM   102  C  CD2 B LEU A 1 12  ? 2.611   2.973   -11.748 0.50 29.03 ? 12  LEU A CD2 1 
ATOM   103  N  N   . CYS A 1 13  ? 1.350   -1.171  -13.175 1.00 27.12 ? 13  CYS A N   1 
ATOM   104  C  CA  . CYS A 1 13  ? 1.070   -2.576  -13.026 1.00 25.80 ? 13  CYS A CA  1 
ATOM   105  C  C   . CYS A 1 13  ? 1.112   -2.857  -11.549 1.00 23.05 ? 13  CYS A C   1 
ATOM   106  O  O   . CYS A 1 13  ? 2.009   -2.370  -10.864 1.00 19.86 ? 13  CYS A O   1 
ATOM   107  C  CB  . CYS A 1 13  ? 2.129   -3.434  -13.699 1.00 27.48 ? 13  CYS A CB  1 
ATOM   108  S  SG  . CYS A 1 13  ? 2.317   -2.881  -15.368 1.00 32.76 ? 13  CYS A SG  1 
ATOM   109  N  N   . TYR A 1 14  ? 0.168   -3.653  -11.071 1.00 20.85 ? 14  TYR A N   1 
ATOM   110  C  CA  . TYR A 1 14  ? 0.117   -4.000  -9.665  1.00 18.57 ? 14  TYR A CA  1 
ATOM   111  C  C   . TYR A 1 14  ? 0.047   -5.472  -9.419  1.00 17.93 ? 14  TYR A C   1 
ATOM   112  O  O   . TYR A 1 14  ? -0.465  -6.255  -10.241 1.00 17.08 ? 14  TYR A O   1 
ATOM   113  C  CB  . TYR A 1 14  ? -1.125  -3.404  -9.004  1.00 18.37 ? 14  TYR A CB  1 
ATOM   114  C  CG  . TYR A 1 14  ? -1.375  -1.934  -9.091  1.00 19.22 ? 14  TYR A CG  1 
ATOM   115  C  CD1 . TYR A 1 14  ? -0.530  -1.027  -8.486  1.00 18.33 ? 14  TYR A CD1 1 
ATOM   116  C  CD2 . TYR A 1 14  ? -2.538  -1.437  -9.694  1.00 17.87 ? 14  TYR A CD2 1 
ATOM   117  C  CE1 . TYR A 1 14  ? -0.768  0.304   -8.500  1.00 17.52 ? 14  TYR A CE1 1 
ATOM   118  C  CE2 . TYR A 1 14  ? -2.805  -0.092  -9.698  1.00 18.86 ? 14  TYR A CE2 1 
ATOM   119  C  CZ  . TYR A 1 14  ? -1.924  0.794   -9.082  1.00 17.68 ? 14  TYR A CZ  1 
ATOM   120  O  OH  . TYR A 1 14  ? -2.167  2.115   -9.057  1.00 17.52 ? 14  TYR A OH  1 
ATOM   121  N  N   . ILE A 1 15  ? 0.488   -5.869  -8.222  1.00 16.14 ? 15  ILE A N   1 
ATOM   122  C  CA  . ILE A 1 15  ? 0.353   -7.238  -7.842  1.00 17.91 ? 15  ILE A CA  1 
ATOM   123  C  C   . ILE A 1 15  ? 0.192   -7.373  -6.354  1.00 17.87 ? 15  ILE A C   1 
ATOM   124  O  O   . ILE A 1 15  ? 0.791   -6.578  -5.596  1.00 16.63 ? 15  ILE A O   1 
ATOM   125  C  CB  . ILE A 1 15  ? 1.568   -8.042  -8.370  1.00 18.74 ? 15  ILE A CB  1 
ATOM   126  C  CG1 . ILE A 1 15  ? 1.250   -9.553  -8.360  1.00 21.50 ? 15  ILE A CG1 1 
ATOM   127  C  CG2 . ILE A 1 15  ? 2.805   -7.661  -7.560  1.00 18.78 ? 15  ILE A CG2 1 
ATOM   128  C  CD1 . ILE A 1 15  ? 2.015   -10.357 -9.453  1.00 20.29 ? 15  ILE A CD1 1 
ATOM   129  N  N   . TYR A 1 16  ? -0.647  -8.328  -5.951  1.00 16.67 ? 16  TYR A N   1 
ATOM   130  C  CA  . TYR A 1 16  ? -0.940  -8.661  -4.560  1.00 17.83 ? 16  TYR A CA  1 
ATOM   131  C  C   . TYR A 1 16  ? -0.127  -9.851  -4.219  1.00 18.95 ? 16  TYR A C   1 
ATOM   132  O  O   . TYR A 1 16  ? -0.139  -10.838 -4.991  1.00 20.20 ? 16  TYR A O   1 
ATOM   133  C  CB  . TYR A 1 16  ? -2.416  -8.992  -4.340  1.00 17.97 ? 16  TYR A CB  1 
ATOM   134  C  CG  . TYR A 1 16  ? -2.726  -9.414  -2.932  1.00 17.06 ? 16  TYR A CG  1 
ATOM   135  C  CD1 . TYR A 1 16  ? -3.105  -8.472  -1.931  1.00 14.97 ? 16  TYR A CD1 1 
ATOM   136  C  CD2 . TYR A 1 16  ? -2.632  -10.732 -2.553  1.00 18.15 ? 16  TYR A CD2 1 
ATOM   137  C  CE1 . TYR A 1 16  ? -3.370  -8.879  -0.643  1.00 16.41 ? 16  TYR A CE1 1 
ATOM   138  C  CE2 . TYR A 1 16  ? -2.879  -11.128 -1.273  1.00 17.97 ? 16  TYR A CE2 1 
ATOM   139  C  CZ  . TYR A 1 16  ? -3.272  -10.205 -0.297  1.00 17.64 ? 16  TYR A CZ  1 
ATOM   140  O  OH  . TYR A 1 16  ? -3.527  -10.687 1.002   1.00 18.02 ? 16  TYR A OH  1 
ATOM   141  N  N   . GLN A 1 17  ? 0.593   -9.785  -3.105  1.00 20.00 ? 17  GLN A N   1 
ATOM   142  C  CA  . GLN A 1 17  ? 1.352   -10.938 -2.644  1.00 20.59 ? 17  GLN A CA  1 
ATOM   143  C  C   . GLN A 1 17  ? 0.938   -11.262 -1.205  1.00 20.03 ? 17  GLN A C   1 
ATOM   144  O  O   . GLN A 1 17  ? 0.981   -10.419 -0.301  1.00 18.70 ? 17  GLN A O   1 
ATOM   145  C  CB  . GLN A 1 17  ? 2.888   -10.742 -2.770  1.00 20.94 ? 17  GLN A CB  1 
ATOM   146  C  CG  . GLN A 1 17  ? 3.501   -10.534 -4.194  1.00 24.09 ? 17  GLN A CG  1 
ATOM   147  C  CD  . GLN A 1 17  ? 3.580   -11.779 -5.066  1.00 28.40 ? 17  GLN A CD  1 
ATOM   148  O  OE1 . GLN A 1 17  ? 2.574   -12.189 -5.647  1.00 32.67 ? 17  GLN A OE1 1 
ATOM   149  N  NE2 . GLN A 1 17  ? 4.790   -12.346 -5.235  1.00 27.95 ? 17  GLN A NE2 1 
ATOM   150  N  N   . SER A 1 18  ? 0.416   -12.474 -1.032  1.00 19.80 ? 18  SER A N   1 
ATOM   151  C  CA  . SER A 1 18  ? 0.094   -13.028 0.237   1.00 20.98 ? 18  SER A CA  1 
ATOM   152  C  C   . SER A 1 18  ? 1.410   -13.355 0.969   1.00 22.33 ? 18  SER A C   1 
ATOM   153  O  O   . SER A 1 18  ? 2.307   -14.049 0.446   1.00 23.57 ? 18  SER A O   1 
ATOM   154  C  CB  . SER A 1 18  ? -0.744  -14.312 0.031   1.00 20.15 ? 18  SER A CB  1 
ATOM   155  O  OG  . SER A 1 18  ? -1.177  -14.856 1.254   1.00 22.96 ? 18  SER A OG  1 
ATOM   156  N  N   . ALA A 1 19  ? 1.499   -12.860 2.181   1.00 24.59 ? 19  ALA A N   1 
ATOM   157  C  CA  . ALA A 1 19  ? 2.751   -12.834 2.918   1.00 24.81 ? 19  ALA A CA  1 
ATOM   158  C  C   . ALA A 1 19  ? 2.487   -12.573 4.390   1.00 25.93 ? 19  ALA A C   1 
ATOM   159  O  O   . ALA A 1 19  ? 1.372   -12.227 4.836   1.00 26.43 ? 19  ALA A O   1 
ATOM   160  C  CB  . ALA A 1 19  ? 3.695   -11.725 2.333   1.00 24.16 ? 19  ALA A CB  1 
ATOM   161  N  N   . LYS A 1 20  ? 3.547   -12.734 5.160   1.00 26.60 ? 20  LYS A N   1 
ATOM   162  C  CA  . LYS A 1 20  ? 3.577   -12.234 6.520   1.00 27.49 ? 20  LYS A CA  1 
ATOM   163  C  C   . LYS A 1 20  ? 4.894   -11.480 6.568   1.00 26.17 ? 20  LYS A C   1 
ATOM   164  O  O   . LYS A 1 20  ? 5.923   -12.022 6.985   1.00 28.14 ? 20  LYS A O   1 
ATOM   165  C  CB  . LYS A 1 20  ? 3.546   -13.367 7.557   1.00 27.92 ? 20  LYS A CB  1 
ATOM   166  C  CG  . LYS A 1 20  ? 2.187   -13.960 7.793   1.00 30.52 ? 20  LYS A CG  1 
ATOM   167  C  CD  . LYS A 1 20  ? 1.315   -13.012 8.603   1.00 33.99 ? 20  LYS A CD  1 
ATOM   168  C  CE  . LYS A 1 20  ? 0.042   -13.677 9.123   1.00 34.93 ? 20  LYS A CE  1 
ATOM   169  N  NZ  . LYS A 1 20  ? -1.088  -12.691 9.275   1.00 36.06 ? 20  LYS A NZ  1 
ATOM   170  N  N   . ALA A 1 21  ? 4.851   -10.231 6.110   1.00 23.91 ? 21  ALA A N   1 
ATOM   171  C  CA  . ALA A 1 21  ? 6.062   -9.447  5.897   1.00 22.27 ? 21  ALA A CA  1 
ATOM   172  C  C   . ALA A 1 21  ? 5.872   -8.125  6.577   1.00 21.17 ? 21  ALA A C   1 
ATOM   173  O  O   . ALA A 1 21  ? 4.811   -7.602  6.579   1.00 20.76 ? 21  ALA A O   1 
ATOM   174  C  CB  . ALA A 1 21  ? 6.322   -9.240  4.440   1.00 21.48 ? 21  ALA A CB  1 
ATOM   175  N  N   . SER A 1 22  ? 6.920   -7.630  7.211   1.00 20.54 ? 22  SER A N   1 
ATOM   176  C  CA  . SER A 1 22  ? 6.958   -6.250  7.667   1.00 19.36 ? 22  SER A CA  1 
ATOM   177  C  C   . SER A 1 22  ? 6.957   -5.309  6.465   1.00 17.69 ? 22  SER A C   1 
ATOM   178  O  O   . SER A 1 22  ? 7.168   -5.713  5.320   1.00 18.17 ? 22  SER A O   1 
ATOM   179  C  CB  . SER A 1 22  ? 8.215   -6.000  8.474   1.00 19.83 ? 22  SER A CB  1 
ATOM   180  O  OG  . SER A 1 22  ? 9.381   -6.164  7.703   1.00 19.62 ? 22  SER A OG  1 
ATOM   181  N  N   . TRP A 1 23  ? 6.734   -4.038  6.726   1.00 17.10 ? 23  TRP A N   1 
ATOM   182  C  CA  . TRP A 1 23  ? 6.776   -3.031  5.660   1.00 16.20 ? 23  TRP A CA  1 
ATOM   183  C  C   . TRP A 1 23  ? 8.102   -3.013  4.933   1.00 16.05 ? 23  TRP A C   1 
ATOM   184  O  O   . TRP A 1 23  ? 8.115   -2.992  3.718   1.00 15.01 ? 23  TRP A O   1 
ATOM   185  C  CB  . TRP A 1 23  ? 6.492   -1.645  6.252   1.00 15.53 ? 23  TRP A CB  1 
ATOM   186  C  CG  . TRP A 1 23  ? 6.293   -0.490  5.269   1.00 15.31 ? 23  TRP A CG  1 
ATOM   187  C  CD1 . TRP A 1 23  ? 5.110   -0.046  4.783   1.00 15.86 ? 23  TRP A CD1 1 
ATOM   188  C  CD2 . TRP A 1 23  ? 7.281   0.418   4.785   1.00 13.33 ? 23  TRP A CD2 1 
ATOM   189  N  NE1 . TRP A 1 23  ? 5.289   1.029   3.979   1.00 14.94 ? 23  TRP A NE1 1 
ATOM   190  C  CE2 . TRP A 1 23  ? 6.612   1.345   3.938   1.00 14.04 ? 23  TRP A CE2 1 
ATOM   191  C  CE3 . TRP A 1 23  ? 8.668   0.527   4.953   1.00 11.55 ? 23  TRP A CE3 1 
ATOM   192  C  CZ2 . TRP A 1 23  ? 7.283   2.415   3.296   1.00 15.95 ? 23  TRP A CZ2 1 
ATOM   193  C  CZ3 . TRP A 1 23  ? 9.325   1.571   4.312   1.00 13.59 ? 23  TRP A CZ3 1 
ATOM   194  C  CH2 . TRP A 1 23  ? 8.637   2.475   3.466   1.00 15.77 ? 23  TRP A CH2 1 
ATOM   195  N  N   . ALA A 1 24  ? 9.225   -3.056  5.688   1.00 16.22 ? 24  ALA A N   1 
ATOM   196  C  CA  . ALA A 1 24  ? 10.547  -3.024  5.124   1.00 16.40 ? 24  ALA A CA  1 
ATOM   197  C  C   . ALA A 1 24  ? 10.739  -4.277  4.295   1.00 15.72 ? 24  ALA A C   1 
ATOM   198  O  O   . ALA A 1 24  ? 11.313  -4.204  3.251   1.00 15.84 ? 24  ALA A O   1 
ATOM   199  C  CB  . ALA A 1 24  ? 11.643  -2.986  6.213   1.00 16.85 ? 24  ALA A CB  1 
ATOM   200  N  N   . SER A 1 25  ? 10.330  -5.421  4.828   1.00 17.03 ? 25  SER A N   1 
ATOM   201  C  CA  . SER A 1 25  ? 10.529  -6.719  4.074   1.00 17.26 ? 25  SER A CA  1 
ATOM   202  C  C   . SER A 1 25  ? 9.733   -6.675  2.754   1.00 16.01 ? 25  SER A C   1 
ATOM   203  O  O   . SER A 1 25  ? 10.178  -7.083  1.696   1.00 15.54 ? 25  SER A O   1 
ATOM   204  C  CB  . SER A 1 25  ? 10.104  -7.909  4.936   1.00 19.03 ? 25  SER A CB  1 
ATOM   205  O  OG  . SER A 1 25  ? 10.132  -9.122  4.145   1.00 23.01 ? 25  SER A OG  1 
ATOM   206  N  N   . ALA A 1 26  ? 8.537   -6.132  2.836   1.00 15.05 ? 26  ALA A N   1 
ATOM   207  C  CA  . ALA A 1 26  ? 7.647   -6.020  1.676   1.00 12.67 ? 26  ALA A CA  1 
ATOM   208  C  C   . ALA A 1 26  ? 8.252   -5.106  0.633   1.00 13.21 ? 26  ALA A C   1 
ATOM   209  O  O   . ALA A 1 26  ? 8.151   -5.327  -0.573  1.00 12.90 ? 26  ALA A O   1 
ATOM   210  C  CB  . ALA A 1 26  ? 6.273   -5.570  2.137   1.00 13.17 ? 26  ALA A CB  1 
ATOM   211  N  N   . GLN A 1 27  ? 8.812   -3.971  1.057   1.00 11.69 ? 27  GLN A N   1 
ATOM   212  C  CA  . GLN A 1 27  ? 9.501   -3.130  0.127   1.00 12.35 ? 27  GLN A CA  1 
ATOM   213  C  C   . GLN A 1 27  ? 10.620  -3.895  -0.624  1.00 13.94 ? 27  GLN A C   1 
ATOM   214  O  O   . GLN A 1 27  ? 10.728  -3.787  -1.839  1.00 15.25 ? 27  GLN A O   1 
ATOM   215  C  CB  . GLN A 1 27  ? 10.084  -1.921  0.823   1.00 11.28 ? 27  GLN A CB  1 
ATOM   216  C  CG  . GLN A 1 27  ? 9.017   -0.873  1.198   1.00 10.91 ? 27  GLN A CG  1 
ATOM   217  C  CD  . GLN A 1 27  ? 8.565   -0.015  0.008   1.00 13.09 ? 27  GLN A CD  1 
ATOM   218  O  OE1 . GLN A 1 27  ? 8.599   -0.479  -1.104  1.00 13.31 ? 27  GLN A OE1 1 
ATOM   219  N  NE2 . GLN A 1 27  ? 8.061   1.234   0.272   1.00 9.97  ? 27  GLN A NE2 1 
ATOM   220  N  N   . SER A 1 28  ? 11.410  -4.653  0.130   1.00 15.72 ? 28  SER A N   1 
ATOM   221  C  CA  . SER A 1 28  ? 12.514  -5.409  -0.452  1.00 16.39 ? 28  SER A CA  1 
ATOM   222  C  C   . SER A 1 28  ? 11.952  -6.408  -1.478  1.00 16.67 ? 28  SER A C   1 
ATOM   223  O  O   . SER A 1 28  ? 12.409  -6.440  -2.618  1.00 18.28 ? 28  SER A O   1 
ATOM   224  C  CB  . SER A 1 28  ? 13.313  -6.114  0.659   1.00 16.68 ? 28  SER A CB  1 
ATOM   225  O  OG  . SER A 1 28  ? 14.161  -5.130  1.266   1.00 17.75 ? 28  SER A OG  1 
ATOM   226  N  N   . SER A 1 29  ? 10.922  -7.125  -1.094  1.00 17.78 ? 29  SER A N   1 
ATOM   227  C  CA  . SER A 1 29  ? 10.217  -8.016  -2.055  1.00 17.97 ? 29  SER A CA  1 
ATOM   228  C  C   . SER A 1 29  ? 9.725   -7.270  -3.331  1.00 17.90 ? 29  SER A C   1 
ATOM   229  O  O   . SER A 1 29  ? 9.991   -7.701  -4.457  1.00 18.14 ? 29  SER A O   1 
ATOM   230  C  CB  . SER A 1 29  ? 9.071   -8.718  -1.387  1.00 18.24 ? 29  SER A CB  1 
ATOM   231  O  OG  . SER A 1 29  ? 9.535   -9.510  -0.310  1.00 20.20 ? 29  SER A OG  1 
ATOM   232  N  N   . CYS A 1 30  ? 9.007   -6.158  -3.199  1.00 16.04 ? 30  CYS A N   1 
ATOM   233  C  CA  . CYS A 1 30  ? 8.581   -5.451  -4.403  1.00 16.05 ? 30  CYS A CA  1 
ATOM   234  C  C   . CYS A 1 30  ? 9.790   -5.015  -5.292  1.00 17.08 ? 30  CYS A C   1 
ATOM   235  O  O   . CYS A 1 30  ? 9.738   -5.015  -6.515  1.00 16.42 ? 30  CYS A O   1 
ATOM   236  C  CB  . CYS A 1 30  ? 7.736   -4.217  -4.044  1.00 15.20 ? 30  CYS A CB  1 
ATOM   237  S  SG  . CYS A 1 30  ? 6.188   -4.602  -3.235  1.00 14.95 ? 30  CYS A SG  1 
ATOM   238  N  N   . GLN A 1 31  ? 10.920  -4.681  -4.651  1.00 15.91 ? 31  GLN A N   1 
ATOM   239  C  CA  . GLN A 1 31  ? 12.070  -4.164  -5.390  1.00 17.05 ? 31  GLN A CA  1 
ATOM   240  C  C   . GLN A 1 31  ? 12.687  -5.300  -6.222  1.00 18.06 ? 31  GLN A C   1 
ATOM   241  O  O   . GLN A 1 31  ? 13.110  -5.055  -7.345  1.00 20.33 ? 31  GLN A O   1 
ATOM   242  C  CB  . GLN A 1 31  ? 13.074  -3.535  -4.415  1.00 17.17 ? 31  GLN A CB  1 
ATOM   243  C  CG  . GLN A 1 31  ? 12.593  -2.182  -3.906  1.00 14.54 ? 31  GLN A CG  1 
ATOM   244  C  CD  . GLN A 1 31  ? 13.370  -1.666  -2.735  1.00 16.49 ? 31  GLN A CD  1 
ATOM   245  O  OE1 . GLN A 1 31  ? 14.327  -2.300  -2.297  1.00 19.15 ? 31  GLN A OE1 1 
ATOM   246  N  NE2 . GLN A 1 31  ? 12.904  -0.524  -2.146  1.00 15.17 ? 31  GLN A NE2 1 
ATOM   247  N  N   . ALA A 1 32  ? 12.633  -6.501  -5.694  1.00 18.54 ? 32  ALA A N   1 
ATOM   248  C  CA  . ALA A 1 32  ? 13.107  -7.735  -6.424  1.00 19.29 ? 32  ALA A CA  1 
ATOM   249  C  C   . ALA A 1 32  ? 12.253  -8.052  -7.640  1.00 20.76 ? 32  ALA A C   1 
ATOM   250  O  O   . ALA A 1 32  ? 12.716  -8.737  -8.573  1.00 21.52 ? 32  ALA A O   1 
ATOM   251  C  CB  . ALA A 1 32  ? 13.131  -8.886  -5.546  1.00 19.49 ? 32  ALA A CB  1 
ATOM   252  N  N   . LEU A 1 33  ? 11.006  -7.579  -7.634  1.00 20.24 ? 33  LEU A N   1 
ATOM   253  C  CA  . LEU A 1 33  ? 10.109  -7.693  -8.810  1.00 20.14 ? 33  LEU A CA  1 
ATOM   254  C  C   . LEU A 1 33  ? 10.203  -6.470  -9.689  1.00 20.58 ? 33  LEU A C   1 
ATOM   255  O  O   . LEU A 1 33  ? 9.360   -6.259  -10.554 1.00 22.26 ? 33  LEU A O   1 
ATOM   256  C  CB  . LEU A 1 33  ? 8.665   -7.878  -8.335  1.00 20.00 ? 33  LEU A CB  1 
ATOM   257  C  CG  . LEU A 1 33  ? 8.314   -9.115  -7.547  1.00 19.49 ? 33  LEU A CG  1 
ATOM   258  C  CD1 . LEU A 1 33  ? 6.912   -8.975  -6.964  1.00 17.87 ? 33  LEU A CD1 1 
ATOM   259  C  CD2 . LEU A 1 33  ? 8.308   -10.362 -8.482  1.00 21.13 ? 33  LEU A CD2 1 
ATOM   260  N  N   . GLY A 1 34  ? 11.213  -5.620  -9.457  1.00 20.37 ? 34  GLY A N   1 
ATOM   261  C  CA  . GLY A 1 34  ? 11.430  -4.434  -10.215 1.00 20.62 ? 34  GLY A CA  1 
ATOM   262  C  C   . GLY A 1 34  ? 10.475  -3.318  -9.886  1.00 20.31 ? 34  GLY A C   1 
ATOM   263  O  O   . GLY A 1 34  ? 10.238  -2.439  -10.696 1.00 21.91 ? 34  GLY A O   1 
ATOM   264  N  N   . GLY A 1 35  ? 9.884   -3.358  -8.705  1.00 19.69 ? 35  GLY A N   1 
ATOM   265  C  CA  . GLY A 1 35  ? 8.897   -2.333  -8.376  1.00 18.25 ? 35  GLY A CA  1 
ATOM   266  C  C   . GLY A 1 35  ? 9.044   -1.813  -6.959  1.00 18.67 ? 35  GLY A C   1 
ATOM   267  O  O   . GLY A 1 35  ? 10.115  -1.868  -6.370  1.00 17.54 ? 35  GLY A O   1 
ATOM   268  N  N   . ILE A 1 36  ? 7.951   -1.274  -6.433  1.00 16.09 ? 36  ILE A N   1 
ATOM   269  C  CA  . ILE A 1 36  ? 7.944   -0.672  -5.104  1.00 16.03 ? 36  ILE A CA  1 
ATOM   270  C  C   . ILE A 1 36  ? 6.596   -1.016  -4.429  1.00 14.85 ? 36  ILE A C   1 
ATOM   271  O  O   . ILE A 1 36  ? 5.670   -1.420  -5.116  1.00 14.59 ? 36  ILE A O   1 
ATOM   272  C  CB  . ILE A 1 36  ? 8.068   0.839   -5.191  1.00 16.19 ? 36  ILE A CB  1 
ATOM   273  C  CG1 . ILE A 1 36  ? 6.907   1.439   -6.015  1.00 16.60 ? 36  ILE A CG1 1 
ATOM   274  C  CG2 . ILE A 1 36  ? 9.424   1.238   -5.781  1.00 19.02 ? 36  ILE A CG2 1 
ATOM   275  C  CD1 . ILE A 1 36  ? 6.814   2.913   -5.883  1.00 16.03 ? 36  ILE A CD1 1 
ATOM   276  N  N   . LEU A 1 37  ? 6.474   -0.826  -3.122  1.00 12.47 ? 37  LEU A N   1 
ATOM   277  C  CA  . LEU A 1 37  ? 5.121   -0.948  -2.487  1.00 13.15 ? 37  LEU A CA  1 
ATOM   278  C  C   . LEU A 1 37  ? 4.190   0.036   -3.205  1.00 12.67 ? 37  LEU A C   1 
ATOM   279  O  O   . LEU A 1 37  ? 4.594   1.139   -3.497  1.00 13.18 ? 37  LEU A O   1 
ATOM   280  C  CB  . LEU A 1 37  ? 5.183   -0.639  -1.021  1.00 13.42 ? 37  LEU A CB  1 
ATOM   281  C  CG  . LEU A 1 37  ? 5.506   -1.773  -0.079  1.00 11.87 ? 37  LEU A CG  1 
ATOM   282  C  CD1 . LEU A 1 37  ? 5.599   -1.284  1.381   1.00 13.74 ? 37  LEU A CD1 1 
ATOM   283  C  CD2 . LEU A 1 37  ? 4.517   -2.914  -0.197  1.00 14.66 ? 37  LEU A CD2 1 
ATOM   284  N  N   . ALA A 1 38  ? 2.922   -0.315  -3.384  1.00 11.60 ? 38  ALA A N   1 
ATOM   285  C  CA  . ALA A 1 38  ? 2.020   0.500   -4.224  1.00 12.49 ? 38  ALA A CA  1 
ATOM   286  C  C   . ALA A 1 38  ? 1.729   1.827   -3.513  1.00 12.01 ? 38  ALA A C   1 
ATOM   287  O  O   . ALA A 1 38  ? 1.603   1.850   -2.304  1.00 12.11 ? 38  ALA A O   1 
ATOM   288  C  CB  . ALA A 1 38  ? 0.705   -0.269  -4.504  1.00 12.20 ? 38  ALA A CB  1 
ATOM   289  N  N   . GLU A 1 39  ? 1.680   2.914   -4.299  1.00 11.99 ? 39  GLU A N   1 
ATOM   290  C  CA  . GLU A 1 39  ? 1.490   4.269   -3.805  1.00 12.21 ? 39  GLU A CA  1 
ATOM   291  C  C   . GLU A 1 39  ? 0.269   4.863   -4.445  1.00 12.89 ? 39  GLU A C   1 
ATOM   292  O  O   . GLU A 1 39  ? 0.389   5.611   -5.397  1.00 13.45 ? 39  GLU A O   1 
ATOM   293  C  CB  . GLU A 1 39  ? 2.751   5.080   -4.105  1.00 12.89 ? 39  GLU A CB  1 
ATOM   294  C  CG  . GLU A 1 39  ? 3.897   4.632   -3.253  1.00 14.53 ? 39  GLU A CG  1 
ATOM   295  C  CD  . GLU A 1 39  ? 5.221   5.355   -3.502  1.00 14.64 ? 39  GLU A CD  1 
ATOM   296  O  OE1 . GLU A 1 39  ? 5.337   6.134   -4.444  1.00 15.87 ? 39  GLU A OE1 1 
ATOM   297  O  OE2 . GLU A 1 39  ? 6.141   5.144   -2.707  1.00 15.80 ? 39  GLU A OE2 1 
ATOM   298  N  N   . PRO A 1 40  ? -0.913  4.494   -3.926  1.00 13.08 ? 40  PRO A N   1 
ATOM   299  C  CA  . PRO A 1 40  ? -2.167  4.980   -4.601  1.00 13.20 ? 40  PRO A CA  1 
ATOM   300  C  C   . PRO A 1 40  ? -2.541  6.418   -4.235  1.00 14.44 ? 40  PRO A C   1 
ATOM   301  O  O   . PRO A 1 40  ? -3.276  6.678   -3.307  1.00 15.60 ? 40  PRO A O   1 
ATOM   302  C  CB  . PRO A 1 40  ? -3.207  3.954   -4.122  1.00 13.31 ? 40  PRO A CB  1 
ATOM   303  C  CG  . PRO A 1 40  ? -2.793  3.595   -2.805  1.00 13.14 ? 40  PRO A CG  1 
ATOM   304  C  CD  . PRO A 1 40  ? -1.225  3.569   -2.829  1.00 12.67 ? 40  PRO A CD  1 
ATOM   305  N  N   . ASP A 1 41  ? -1.995  7.354   -5.005  1.00 16.47 ? 41  ASP A N   1 
ATOM   306  C  CA  . ASP A 1 41  ? -2.208  8.768   -4.722  1.00 19.80 ? 41  ASP A CA  1 
ATOM   307  C  C   . ASP A 1 41  ? -3.408  9.344   -5.517  1.00 21.61 ? 41  ASP A C   1 
ATOM   308  O  O   . ASP A 1 41  ? -3.649  10.565  -5.468  1.00 21.61 ? 41  ASP A O   1 
ATOM   309  C  CB  . ASP A 1 41  ? -0.923  9.587   -4.988  1.00 19.66 ? 41  ASP A CB  1 
ATOM   310  C  CG  . ASP A 1 41  ? -0.469  9.597   -6.446  1.00 24.30 ? 41  ASP A CG  1 
ATOM   311  O  OD1 . ASP A 1 41  ? -1.035  8.877   -7.322  1.00 26.56 ? 41  ASP A OD1 1 
ATOM   312  O  OD2 . ASP A 1 41  ? 0.531   10.350  -6.744  1.00 24.75 ? 41  ASP A OD2 1 
ATOM   313  N  N   . THR A 1 42  ? -4.169  8.498   -6.214  1.00 21.38 ? 42  THR A N   1 
ATOM   314  C  CA  . THR A 1 42  ? -5.469  8.924   -6.833  1.00 21.39 ? 42  THR A CA  1 
ATOM   315  C  C   . THR A 1 42  ? -6.626  8.029   -6.417  1.00 22.01 ? 42  THR A C   1 
ATOM   316  O  O   . THR A 1 42  ? -6.422  6.880   -5.995  1.00 21.21 ? 42  THR A O   1 
ATOM   317  C  CB  . THR A 1 42  ? -5.445  8.889   -8.359  1.00 22.67 ? 42  THR A CB  1 
ATOM   318  O  OG1 . THR A 1 42  ? -5.505  7.532   -8.848  1.00 22.33 ? 42  THR A OG1 1 
ATOM   319  C  CG2 . THR A 1 42  ? -4.188  9.561   -8.892  1.00 22.94 ? 42  THR A CG2 1 
ATOM   320  N  N   . ALA A 1 43  ? -7.857  8.545   -6.524  1.00 21.29 ? 43  ALA A N   1 
ATOM   321  C  CA  . ALA A 1 43  ? -9.002  7.784   -6.022  1.00 21.93 ? 43  ALA A CA  1 
ATOM   322  C  C   . ALA A 1 43  ? -9.117  6.483   -6.811  1.00 20.49 ? 43  ALA A C   1 
ATOM   323  O  O   . ALA A 1 43  ? -9.433  5.453   -6.222  1.00 20.86 ? 43  ALA A O   1 
ATOM   324  C  CB  . ALA A 1 43  ? -10.335 8.597   -6.012  1.00 21.23 ? 43  ALA A CB  1 
ATOM   325  N  N   . CYS A 1 44  ? -8.794  6.503   -8.095  1.00 22.11 ? 44  CYS A N   1 
ATOM   326  C  CA  . CYS A 1 44  ? -8.977  5.351   -8.973  1.00 22.38 ? 44  CYS A CA  1 
ATOM   327  C  C   . CYS A 1 44  ? -7.911  4.261   -8.783  1.00 21.51 ? 44  CYS A C   1 
ATOM   328  O  O   . CYS A 1 44  ? -8.225  3.092   -8.836  1.00 20.55 ? 44  CYS A O   1 
ATOM   329  C  CB  . CYS A 1 44  ? -9.004  5.770   -10.433 1.00 23.60 ? 44  CYS A CB  1 
ATOM   330  S  SG  . CYS A 1 44  ? -10.524 6.715   -10.826 1.00 28.18 ? 44  CYS A SG  1 
ATOM   331  N  N   . GLU A 1 45  ? -6.651  4.657   -8.578  1.00 20.78 ? 45  GLU A N   1 
ATOM   332  C  CA  . GLU A 1 45  ? -5.610  3.708   -8.187  1.00 19.10 ? 45  GLU A CA  1 
ATOM   333  C  C   . GLU A 1 45  ? -6.052  2.963   -6.909  1.00 16.99 ? 45  GLU A C   1 
ATOM   334  O  O   . GLU A 1 45  ? -5.892  1.771   -6.839  1.00 17.41 ? 45  GLU A O   1 
ATOM   335  C  CB  . GLU A 1 45  ? -4.294  4.462   -7.911  1.00 19.37 ? 45  GLU A CB  1 
ATOM   336  C  CG  . GLU A 1 45  ? -3.620  4.909   -9.144  1.00 19.47 ? 45  GLU A CG  1 
ATOM   337  C  CD  . GLU A 1 45  ? -2.412  5.810   -8.901  1.00 21.47 ? 45  GLU A CD  1 
ATOM   338  O  OE1 . GLU A 1 45  ? -1.994  6.037   -7.744  1.00 20.03 ? 45  GLU A OE1 1 
ATOM   339  O  OE2 . GLU A 1 45  ? -1.939  6.346   -9.919  1.00 25.43 ? 45  GLU A OE2 1 
ATOM   340  N  N   . ASN A 1 46  ? -6.620  3.665   -5.926  1.00 16.65 ? 46  ASN A N   1 
ATOM   341  C  CA  . ASN A 1 46  ? -7.173  3.020   -4.731  1.00 15.74 ? 46  ASN A CA  1 
ATOM   342  C  C   . ASN A 1 46  ? -8.299  2.085   -5.106  1.00 16.94 ? 46  ASN A C   1 
ATOM   343  O  O   . ASN A 1 46  ? -8.332  0.977   -4.630  1.00 15.39 ? 46  ASN A O   1 
ATOM   344  C  CB  . ASN A 1 46  ? -7.660  4.024   -3.703  1.00 15.53 ? 46  ASN A CB  1 
ATOM   345  C  CG  . ASN A 1 46  ? -6.534  4.576   -2.853  1.00 15.74 ? 46  ASN A CG  1 
ATOM   346  O  OD1 . ASN A 1 46  ? -6.105  3.956   -1.868  1.00 16.83 ? 46  ASN A OD1 1 
ATOM   347  N  ND2 . ASN A 1 46  ? -6.057  5.802   -3.225  1.00 15.97 ? 46  ASN A ND2 1 
ATOM   348  N  N   . GLU A 1 47  ? -9.237  2.492   -5.973  1.00 17.11 ? 47  GLU A N   1 
ATOM   349  C  CA  A GLU A 1 47  ? -10.322 1.552   -6.329  0.50 17.36 ? 47  GLU A CA  1 
ATOM   350  C  CA  B GLU A 1 47  ? -10.318 1.565   -6.407  0.50 17.30 ? 47  GLU A CA  1 
ATOM   351  C  C   . GLU A 1 47  ? -9.792  0.229   -6.918  1.00 16.84 ? 47  GLU A C   1 
ATOM   352  O  O   . GLU A 1 47  ? -10.322 -0.849  -6.583  1.00 17.56 ? 47  GLU A O   1 
ATOM   353  C  CB  A GLU A 1 47  ? -11.357 2.199   -7.247  0.50 17.85 ? 47  GLU A CB  1 
ATOM   354  C  CB  B GLU A 1 47  ? -11.184 2.188   -7.506  0.50 17.47 ? 47  GLU A CB  1 
ATOM   355  C  CG  A GLU A 1 47  ? -12.138 3.342   -6.588  0.50 19.89 ? 47  GLU A CG  1 
ATOM   356  C  CG  B GLU A 1 47  ? -12.140 3.236   -6.991  0.50 18.31 ? 47  GLU A CG  1 
ATOM   357  C  CD  A GLU A 1 47  ? -13.191 2.897   -5.540  0.50 22.02 ? 47  GLU A CD  1 
ATOM   358  C  CD  B GLU A 1 47  ? -13.277 3.564   -7.954  0.50 18.66 ? 47  GLU A CD  1 
ATOM   359  O  OE1 A GLU A 1 47  ? -13.442 1.693   -5.354  0.50 23.40 ? 47  GLU A OE1 1 
ATOM   360  O  OE1 B GLU A 1 47  ? -13.583 2.768   -8.889  0.50 18.91 ? 47  GLU A OE1 1 
ATOM   361  O  OE2 A GLU A 1 47  ? -13.802 3.787   -4.900  0.50 24.94 ? 47  GLU A OE2 1 
ATOM   362  O  OE2 B GLU A 1 47  ? -13.874 4.646   -7.763  0.50 23.33 ? 47  GLU A OE2 1 
ATOM   363  N  N   . VAL A 1 48  ? -8.762  0.308   -7.743  1.00 15.83 ? 48  VAL A N   1 
ATOM   364  C  CA  . VAL A 1 48  ? -8.139  -0.865  -8.358  1.00 15.62 ? 48  VAL A CA  1 
ATOM   365  C  C   . VAL A 1 48  ? -7.478  -1.750  -7.281  1.00 15.23 ? 48  VAL A C   1 
ATOM   366  O  O   . VAL A 1 48  ? -7.781  -2.948  -7.163  1.00 14.80 ? 48  VAL A O   1 
ATOM   367  C  CB  . VAL A 1 48  ? -7.135  -0.461  -9.481  1.00 16.17 ? 48  VAL A CB  1 
ATOM   368  C  CG1 . VAL A 1 48  ? -6.247  -1.603  -9.872  1.00 15.26 ? 48  VAL A CG1 1 
ATOM   369  C  CG2 . VAL A 1 48  ? -7.861  0.053   -10.724 1.00 17.91 ? 48  VAL A CG2 1 
ATOM   370  N  N   . LEU A 1 49  ? -6.657  -1.156  -6.417  1.00 14.44 ? 49  LEU A N   1 
ATOM   371  C  CA  . LEU A 1 49  ? -6.067  -1.950  -5.327  1.00 13.91 ? 49  LEU A CA  1 
ATOM   372  C  C   . LEU A 1 49  ? -7.119  -2.547  -4.378  1.00 14.38 ? 49  LEU A C   1 
ATOM   373  O  O   . LEU A 1 49  ? -6.963  -3.657  -3.889  1.00 14.45 ? 49  LEU A O   1 
ATOM   374  C  CB  . LEU A 1 49  ? -5.032  -1.129  -4.525  1.00 13.65 ? 49  LEU A CB  1 
ATOM   375  C  CG  . LEU A 1 49  ? -3.870  -0.500  -5.364  1.00 12.32 ? 49  LEU A CG  1 
ATOM   376  C  CD1 . LEU A 1 49  ? -3.006  0.370   -4.438  1.00 12.81 ? 49  LEU A CD1 1 
ATOM   377  C  CD2 . LEU A 1 49  ? -3.042  -1.580  -6.132  1.00 14.88 ? 49  LEU A CD2 1 
ATOM   378  N  N   . ILE A 1 50  ? -8.172  -1.789  -4.068  1.00 13.88 ? 50  ILE A N   1 
ATOM   379  C  CA  . ILE A 1 50  ? -9.252  -2.297  -3.280  1.00 14.62 ? 50  ILE A CA  1 
ATOM   380  C  C   . ILE A 1 50  ? -9.898  -3.546  -3.936  1.00 13.31 ? 50  ILE A C   1 
ATOM   381  O  O   . ILE A 1 50  ? -10.172 -4.551  -3.238  1.00 12.94 ? 50  ILE A O   1 
ATOM   382  C  CB  . ILE A 1 50  ? -10.258 -1.166  -2.956  1.00 15.57 ? 50  ILE A CB  1 
ATOM   383  C  CG1 . ILE A 1 50  ? -9.627  -0.163  -1.983  1.00 16.85 ? 50  ILE A CG1 1 
ATOM   384  C  CG2 . ILE A 1 50  ? -11.585 -1.752  -2.362  1.00 16.67 ? 50  ILE A CG2 1 
ATOM   385  C  CD1 . ILE A 1 50  ? -10.368 1.132   -1.784  1.00 17.80 ? 50  ILE A CD1 1 
ATOM   386  N  N   . HIS A 1 51  ? -10.174 -3.482  -5.238  1.00 13.72 ? 51  HIS A N   1 
ATOM   387  C  CA  . HIS A 1 51  ? -10.689 -4.620  -6.004  1.00 15.89 ? 51  HIS A CA  1 
ATOM   388  C  C   . HIS A 1 51  ? -9.787  -5.826  -5.866  1.00 16.72 ? 51  HIS A C   1 
ATOM   389  O  O   . HIS A 1 51  ? -10.256 -6.919  -5.593  1.00 17.15 ? 51  HIS A O   1 
ATOM   390  C  CB  . HIS A 1 51  ? -10.830 -4.255  -7.462  1.00 15.22 ? 51  HIS A CB  1 
ATOM   391  C  CG  . HIS A 1 51  ? -11.369 -5.348  -8.325  1.00 19.27 ? 51  HIS A CG  1 
ATOM   392  N  ND1 . HIS A 1 51  ? -12.720 -5.518  -8.545  1.00 26.93 ? 51  HIS A ND1 1 
ATOM   393  C  CD2 . HIS A 1 51  ? -10.741 -6.262  -9.098  1.00 22.93 ? 51  HIS A CD2 1 
ATOM   394  C  CE1 . HIS A 1 51  ? -12.901 -6.521  -9.387  1.00 25.00 ? 51  HIS A CE1 1 
ATOM   395  N  NE2 . HIS A 1 51  ? -11.720 -6.977  -9.750  1.00 25.80 ? 51  HIS A NE2 1 
ATOM   396  N  N   . MET A 1 52  ? -8.490  -5.603  -5.998  1.00 15.17 ? 52  MET A N   1 
ATOM   397  C  CA  . MET A 1 52  ? -7.503  -6.683  -5.790  1.00 16.14 ? 52  MET A CA  1 
ATOM   398  C  C   . MET A 1 52  ? -7.515  -7.288  -4.375  1.00 15.36 ? 52  MET A C   1 
ATOM   399  O  O   . MET A 1 52  ? -7.443  -8.515  -4.173  1.00 14.95 ? 52  MET A O   1 
ATOM   400  C  CB  . MET A 1 52  ? -6.118  -6.165  -6.102  1.00 16.44 ? 52  MET A CB  1 
ATOM   401  C  CG  . MET A 1 52  ? -5.923  -5.766  -7.548  1.00 15.18 ? 52  MET A CG  1 
ATOM   402  S  SD  . MET A 1 52  ? -4.364  -4.969  -7.971  1.00 16.62 ? 52  MET A SD  1 
ATOM   403  C  CE  . MET A 1 52  ? -3.241  -6.382  -7.739  1.00 21.39 ? 52  MET A CE  1 
ATOM   404  N  N   . CYS A 1 53  ? -7.637  -6.432  -3.377  1.00 15.56 ? 53  CYS A N   1 
ATOM   405  C  CA  . CYS A 1 53  ? -7.772  -6.890  -2.004  1.00 15.62 ? 53  CYS A CA  1 
ATOM   406  C  C   . CYS A 1 53  ? -9.000  -7.819  -1.829  1.00 17.10 ? 53  CYS A C   1 
ATOM   407  O  O   . CYS A 1 53  ? -8.925  -8.844  -1.143  1.00 16.20 ? 53  CYS A O   1 
ATOM   408  C  CB  . CYS A 1 53  ? -7.920  -5.726  -1.051  1.00 16.20 ? 53  CYS A CB  1 
ATOM   409  S  SG  . CYS A 1 53  ? -6.385  -4.766  -0.798  1.00 17.57 ? 53  CYS A SG  1 
ATOM   410  N  N   . LYS A 1 54  ? -10.141 -7.390  -2.373  1.00 16.36 ? 54  LYS A N   1 
ATOM   411  C  CA  A LYS A 1 54  ? -11.365 -8.198  -2.337  0.50 17.40 ? 54  LYS A CA  1 
ATOM   412  C  C   . LYS A 1 54  ? -11.136 -9.535  -3.059  1.00 18.15 ? 54  LYS A C   1 
ATOM   413  O  O   . LYS A 1 54  ? -11.465 -10.591 -2.500  1.00 17.78 ? 54  LYS A O   1 
ATOM   414  C  CB  A LYS A 1 54  ? -12.537 -7.449  -2.968  0.50 17.91 ? 54  LYS A CB  1 
ATOM   415  C  CB  B LYS A 1 54  ? -12.532 -7.448  -2.972  0.50 17.69 ? 54  LYS A CB  1 
ATOM   416  C  CG  A LYS A 1 54  ? -13.017 -6.197  -2.213  0.50 18.20 ? 54  LYS A CG  1 
ATOM   417  C  CG  B LYS A 1 54  ? -13.035 -6.229  -2.193  0.50 18.05 ? 54  LYS A CG  1 
ATOM   418  C  CD  A LYS A 1 54  ? -14.321 -5.650  -2.824  0.50 19.14 ? 54  LYS A CD  1 
ATOM   419  C  CD  B LYS A 1 54  ? -14.199 -5.541  -2.926  0.50 18.73 ? 54  LYS A CD  1 
ATOM   420  C  CE  A LYS A 1 54  ? -14.822 -4.414  -2.086  0.50 20.70 ? 54  LYS A CE  1 
ATOM   421  C  CE  B LYS A 1 54  ? -14.963 -4.587  -2.015  0.50 20.12 ? 54  LYS A CE  1 
ATOM   422  N  NZ  A LYS A 1 54  ? -15.420 -4.732  -0.761  0.50 25.61 ? 54  LYS A NZ  1 
ATOM   423  N  NZ  B LYS A 1 54  ? -15.147 -3.234  -2.637  0.50 23.33 ? 54  LYS A NZ  1 
ATOM   424  N  N   . GLU A 1 55  ? -10.521 -9.488  -4.223  1.00 19.30 ? 55  GLU A N   1 
ATOM   425  C  CA  . GLU A 1 55  ? -10.196 -10.709 -5.037  1.00 21.56 ? 55  GLU A CA  1 
ATOM   426  C  C   . GLU A 1 55  ? -9.339  -11.704 -4.278  1.00 20.96 ? 55  GLU A C   1 
ATOM   427  O  O   . GLU A 1 55  ? -9.462  -12.928 -4.444  1.00 21.01 ? 55  GLU A O   1 
ATOM   428  C  CB  . GLU A 1 55  ? -9.475  -10.341 -6.322  1.00 21.56 ? 55  GLU A CB  1 
ATOM   429  C  CG  . GLU A 1 55  ? -10.343 -9.765  -7.438  1.00 26.64 ? 55  GLU A CG  1 
ATOM   430  C  CD  . GLU A 1 55  ? -9.502  -9.357  -8.662  1.00 28.14 ? 55  GLU A CD  1 
ATOM   431  O  OE1 . GLU A 1 55  ? -8.412  -8.720  -8.498  1.00 35.76 ? 55  GLU A OE1 1 
ATOM   432  O  OE2 . GLU A 1 55  ? -9.936  -9.664  -9.800  1.00 38.69 ? 55  GLU A OE2 1 
ATOM   433  N  N   . ASN A 1 56  ? -8.462  -11.189 -3.442  1.00 18.77 ? 56  ASN A N   1 
ATOM   434  C  CA  . ASN A 1 56  ? -7.538  -12.030 -2.664  1.00 18.24 ? 56  ASN A CA  1 
ATOM   435  C  C   . ASN A 1 56  ? -7.996  -12.305 -1.255  1.00 17.51 ? 56  ASN A C   1 
ATOM   436  O  O   . ASN A 1 56  ? -7.219  -12.787 -0.457  1.00 18.92 ? 56  ASN A O   1 
ATOM   437  C  CB  . ASN A 1 56  ? -6.141  -11.419 -2.687  1.00 18.19 ? 56  ASN A CB  1 
ATOM   438  C  CG  . ASN A 1 56  ? -5.482  -11.573 -4.015  1.00 20.60 ? 56  ASN A CG  1 
ATOM   439  O  OD1 . ASN A 1 56  ? -4.910  -12.628 -4.313  1.00 22.45 ? 56  ASN A OD1 1 
ATOM   440  N  ND2 . ASN A 1 56  ? -5.589  -10.558 -4.855  1.00 19.29 ? 56  ASN A ND2 1 
ATOM   441  N  N   . GLY A 1 57  ? -9.248  -11.963 -0.935  1.00 17.32 ? 57  GLY A N   1 
ATOM   442  C  CA  . GLY A 1 57  ? -9.824  -12.235 0.380   1.00 17.51 ? 57  GLY A CA  1 
ATOM   443  C  C   . GLY A 1 57  ? -9.142  -11.521 1.529   1.00 17.48 ? 57  GLY A C   1 
ATOM   444  O  O   . GLY A 1 57  ? -8.929  -12.098 2.585   1.00 17.88 ? 57  GLY A O   1 
ATOM   445  N  N   . ASP A 1 58  ? -8.747  -10.265 1.274   1.00 18.40 ? 58  ASP A N   1 
ATOM   446  C  CA  . ASP A 1 58  ? -8.008  -9.422  2.233   1.00 18.65 ? 58  ASP A CA  1 
ATOM   447  C  C   . ASP A 1 58  ? -8.704  -8.080  2.369   1.00 18.98 ? 58  ASP A C   1 
ATOM   448  O  O   . ASP A 1 58  ? -8.073  -6.994  2.258   1.00 19.29 ? 58  ASP A O   1 
ATOM   449  C  CB  . ASP A 1 58  ? -6.532  -9.285  1.778   1.00 17.73 ? 58  ASP A CB  1 
ATOM   450  C  CG  . ASP A 1 58  ? -5.563  -9.000  2.930   1.00 17.17 ? 58  ASP A CG  1 
ATOM   451  O  OD1 . ASP A 1 58  ? -6.008  -8.783  4.065   1.00 17.04 ? 58  ASP A OD1 1 
ATOM   452  O  OD2 . ASP A 1 58  ? -4.326  -9.056  2.687   1.00 14.76 ? 58  ASP A OD2 1 
ATOM   453  N  N   . ALA A 1 59  ? -10.014 -8.159  2.656   1.00 19.36 ? 59  ALA A N   1 
ATOM   454  C  CA  . ALA A 1 59  ? -10.934 -7.008  2.745   1.00 20.02 ? 59  ALA A CA  1 
ATOM   455  C  C   . ALA A 1 59  ? -11.278 -6.586  4.170   1.00 20.61 ? 59  ALA A C   1 
ATOM   456  O  O   . ALA A 1 59  ? -12.113 -5.697  4.381   1.00 20.76 ? 59  ALA A O   1 
ATOM   457  C  CB  . ALA A 1 59  ? -12.238 -7.312  1.952   1.00 21.08 ? 59  ALA A CB  1 
ATOM   458  N  N   . GLY A 1 60  ? -10.622 -7.185  5.137   1.00 20.65 ? 60  GLY A N   1 
ATOM   459  C  CA  . GLY A 1 60  ? -10.969 -6.965  6.529   1.00 22.12 ? 60  GLY A CA  1 
ATOM   460  C  C   . GLY A 1 60  ? -9.829  -6.293  7.220   1.00 22.21 ? 60  GLY A C   1 
ATOM   461  O  O   . GLY A 1 60  ? -9.121  -5.451  6.613   1.00 22.51 ? 60  GLY A O   1 
ATOM   462  N  N   A SER A 1 61  ? -9.640  -6.595  8.496   0.50 22.24 ? 61  SER A N   1 
ATOM   463  N  N   B SER A 1 61  ? -9.623  -6.679  8.478   0.50 22.03 ? 61  SER A N   1 
ATOM   464  C  CA  A SER A 1 61  ? -8.580  -5.942  9.253   0.50 21.84 ? 61  SER A CA  1 
ATOM   465  C  CA  B SER A 1 61  ? -8.565  -6.128  9.327   0.50 21.52 ? 61  SER A CA  1 
ATOM   466  C  C   A SER A 1 61  ? -7.225  -6.466  8.790   0.50 20.99 ? 61  SER A C   1 
ATOM   467  C  C   B SER A 1 61  ? -7.185  -6.526  8.809   0.50 20.77 ? 61  SER A C   1 
ATOM   468  O  O   A SER A 1 61  ? -7.103  -7.584  8.267   0.50 20.25 ? 61  SER A O   1 
ATOM   469  O  O   B SER A 1 61  ? -6.995  -7.631  8.271   0.50 19.85 ? 61  SER A O   1 
ATOM   470  C  CB  A SER A 1 61  ? -8.732  -6.192  10.751  0.50 22.80 ? 61  SER A CB  1 
ATOM   471  C  CB  B SER A 1 61  ? -8.725  -6.638  10.778  0.50 22.13 ? 61  SER A CB  1 
ATOM   472  O  OG  A SER A 1 61  ? -8.422  -7.536  11.045  0.50 22.54 ? 61  SER A OG  1 
ATOM   473  O  OG  B SER A 1 61  ? -9.954  -6.216  11.356  0.50 21.29 ? 61  SER A OG  1 
ATOM   474  N  N   . PHE A 1 62  ? -6.202  -5.632  8.967   1.00 19.74 ? 62  PHE A N   1 
ATOM   475  C  CA  . PHE A 1 62  ? -4.784  -6.026  8.714   1.00 19.70 ? 62  PHE A CA  1 
ATOM   476  C  C   . PHE A 1 62  ? -4.576  -6.475  7.274   1.00 17.04 ? 62  PHE A C   1 
ATOM   477  O  O   . PHE A 1 62  ? -3.923  -7.478  6.959   1.00 16.78 ? 62  PHE A O   1 
ATOM   478  C  CB  . PHE A 1 62  ? -4.259  -7.038  9.743   1.00 20.56 ? 62  PHE A CB  1 
ATOM   479  C  CG  . PHE A 1 62  ? -4.516  -6.630  11.165  1.00 24.85 ? 62  PHE A CG  1 
ATOM   480  C  CD1 . PHE A 1 62  ? -3.830  -5.567  11.723  1.00 24.86 ? 62  PHE A CD1 1 
ATOM   481  C  CD2 . PHE A 1 62  ? -5.484  -7.287  11.924  1.00 26.21 ? 62  PHE A CD2 1 
ATOM   482  C  CE1 . PHE A 1 62  ? -4.081  -5.161  13.024  1.00 26.81 ? 62  PHE A CE1 1 
ATOM   483  C  CE2 . PHE A 1 62  ? -5.768  -6.871  13.216  1.00 27.76 ? 62  PHE A CE2 1 
ATOM   484  C  CZ  . PHE A 1 62  ? -5.069  -5.808  13.763  1.00 25.58 ? 62  PHE A CZ  1 
ATOM   485  N  N   . GLY A 1 63  ? -5.164  -5.666  6.406   1.00 16.61 ? 63  GLY A N   1 
ATOM   486  C  CA  . GLY A 1 63  ? -4.963  -5.699  4.978   1.00 17.07 ? 63  GLY A CA  1 
ATOM   487  C  C   . GLY A 1 63  ? -3.564  -5.246  4.556   1.00 15.92 ? 63  GLY A C   1 
ATOM   488  O  O   . GLY A 1 63  ? -2.743  -4.913  5.402   1.00 14.48 ? 63  GLY A O   1 
ATOM   489  N  N   . PRO A 1 64  ? -3.294  -5.280  3.244   1.00 15.13 ? 64  PRO A N   1 
ATOM   490  C  CA  . PRO A 1 64  ? -1.892  -5.230  2.802   1.00 14.65 ? 64  PRO A CA  1 
ATOM   491  C  C   . PRO A 1 64  ? -1.195  -3.870  2.921   1.00 14.01 ? 64  PRO A C   1 
ATOM   492  O  O   . PRO A 1 64  ? -1.833  -2.829  2.851   1.00 13.82 ? 64  PRO A O   1 
ATOM   493  C  CB  . PRO A 1 64  ? -1.967  -5.684  1.344   1.00 15.19 ? 64  PRO A CB  1 
ATOM   494  C  CG  . PRO A 1 64  ? -3.369  -5.314  0.907   1.00 14.81 ? 64  PRO A CG  1 
ATOM   495  C  CD  . PRO A 1 64  ? -4.223  -5.521  2.127   1.00 16.08 ? 64  PRO A CD  1 
ATOM   496  N  N   . TRP A 1 65  ? 0.124   -3.951  3.106   1.00 14.13 ? 65  TRP A N   1 
ATOM   497  C  CA  . TRP A 1 65  ? 1.033   -2.809  3.036   1.00 13.73 ? 65  TRP A CA  1 
ATOM   498  C  C   . TRP A 1 65  ? 0.944   -2.016  1.727   1.00 12.58 ? 65  TRP A C   1 
ATOM   499  O  O   . TRP A 1 65  ? 0.840   -2.562  0.645   1.00 10.65 ? 65  TRP A O   1 
ATOM   500  C  CB  . TRP A 1 65  ? 2.477   -3.233  3.249   1.00 13.97 ? 65  TRP A CB  1 
ATOM   501  C  CG  . TRP A 1 65  ? 2.826   -3.682  4.656   1.00 14.57 ? 65  TRP A CG  1 
ATOM   502  C  CD1 . TRP A 1 65  ? 3.420   -4.850  5.027   1.00 15.99 ? 65  TRP A CD1 1 
ATOM   503  C  CD2 . TRP A 1 65  ? 2.651   -2.928  5.855   1.00 13.97 ? 65  TRP A CD2 1 
ATOM   504  N  NE1 . TRP A 1 65  ? 3.613   -4.885  6.393   1.00 16.74 ? 65  TRP A NE1 1 
ATOM   505  C  CE2 . TRP A 1 65  ? 3.145   -3.707  6.926   1.00 14.82 ? 65  TRP A CE2 1 
ATOM   506  C  CE3 . TRP A 1 65  ? 2.142   -1.671  6.129   1.00 14.84 ? 65  TRP A CE3 1 
ATOM   507  C  CZ2 . TRP A 1 65  ? 3.152   -3.233  8.235   1.00 13.23 ? 65  TRP A CZ2 1 
ATOM   508  C  CZ3 . TRP A 1 65  ? 2.105   -1.229  7.451   1.00 14.76 ? 65  TRP A CZ3 1 
ATOM   509  C  CH2 . TRP A 1 65  ? 2.582   -2.010  8.470   1.00 14.27 ? 65  TRP A CH2 1 
ATOM   510  N  N   . LEU A 1 66  ? 1.049   -0.700  1.902   1.00 12.01 ? 66  LEU A N   1 
ATOM   511  C  CA  . LEU A 1 66  ? 1.204   0.335   0.854   1.00 11.68 ? 66  LEU A CA  1 
ATOM   512  C  C   . LEU A 1 66  ? 2.448   1.166   1.158   1.00 11.53 ? 66  LEU A C   1 
ATOM   513  O  O   . LEU A 1 66  ? 3.010   1.101   2.252   1.00 12.25 ? 66  LEU A O   1 
ATOM   514  C  CB  . LEU A 1 66  ? -0.028  1.260   0.796   1.00 11.57 ? 66  LEU A CB  1 
ATOM   515  C  CG  . LEU A 1 66  ? -1.371  0.607   0.632   1.00 12.08 ? 66  LEU A CG  1 
ATOM   516  C  CD1 . LEU A 1 66  ? -2.471  1.661   0.867   1.00 13.23 ? 66  LEU A CD1 1 
ATOM   517  C  CD2 . LEU A 1 66  ? -1.491  -0.039  -0.770  1.00 14.19 ? 66  LEU A CD2 1 
ATOM   518  N  N   . GLY A 1 67  ? 2.885   1.961   0.208   1.00 12.41 ? 67  GLY A N   1 
ATOM   519  C  CA  . GLY A 1 67  ? 4.218   2.589   0.312   1.00 13.55 ? 67  GLY A CA  1 
ATOM   520  C  C   . GLY A 1 67  ? 4.196   3.939   0.976   1.00 12.97 ? 67  GLY A C   1 
ATOM   521  O  O   . GLY A 1 67  ? 5.060   4.769   0.723   1.00 14.98 ? 67  GLY A O   1 
ATOM   522  N  N   . GLY A 1 68  ? 3.150   4.222   1.733   1.00 12.52 ? 68  GLY A N   1 
ATOM   523  C  CA  . GLY A 1 68  ? 3.153   5.440   2.492   1.00 11.98 ? 68  GLY A CA  1 
ATOM   524  C  C   . GLY A 1 68  ? 3.862   5.261   3.815   1.00 13.69 ? 68  GLY A C   1 
ATOM   525  O  O   . GLY A 1 68  ? 3.806   4.210   4.458   1.00 13.47 ? 68  GLY A O   1 
ATOM   526  N  N   . GLN A 1 69  ? 4.495   6.348   4.274   1.00 14.36 ? 69  GLN A N   1 
ATOM   527  C  CA  . GLN A 1 69  ? 5.259   6.305   5.518   1.00 14.10 ? 69  GLN A CA  1 
ATOM   528  C  C   . GLN A 1 69  ? 5.150   7.682   6.220   1.00 14.26 ? 69  GLN A C   1 
ATOM   529  O  O   . GLN A 1 69  ? 4.935   8.699   5.587   1.00 14.80 ? 69  GLN A O   1 
ATOM   530  C  CB  . GLN A 1 69  ? 6.719   5.980   5.237   1.00 14.78 ? 69  GLN A CB  1 
ATOM   531  C  CG  . GLN A 1 69  ? 7.394   6.985   4.349   1.00 17.30 ? 69  GLN A CG  1 
ATOM   532  C  CD  . GLN A 1 69  ? 8.918   6.861   4.279   1.00 16.13 ? 69  GLN A CD  1 
ATOM   533  O  OE1 . GLN A 1 69  ? 9.556   6.129   5.092   1.00 20.75 ? 69  GLN A OE1 1 
ATOM   534  N  NE2 . GLN A 1 69  ? 9.508   7.621   3.358   1.00 19.32 ? 69  GLN A NE2 1 
ATOM   535  N  N   . LYS A 1 70  ? 5.248   7.661   7.534   1.00 16.05 ? 70  LYS A N   1 
ATOM   536  C  CA  . LYS A 1 70  ? 5.215   8.877   8.343   1.00 16.61 ? 70  LYS A CA  1 
ATOM   537  C  C   . LYS A 1 70  ? 6.627   9.186   8.763   1.00 15.91 ? 70  LYS A C   1 
ATOM   538  O  O   . LYS A 1 70  ? 7.224   8.394   9.485   1.00 17.22 ? 70  LYS A O   1 
ATOM   539  C  CB  . LYS A 1 70  ? 4.325   8.670   9.543   1.00 19.86 ? 70  LYS A CB  1 
ATOM   540  C  CG  . LYS A 1 70  ? 4.057   9.909   10.331  1.00 22.54 ? 70  LYS A CG  1 
ATOM   541  C  CD  . LYS A 1 70  ? 3.968   9.518   11.811  1.00 27.65 ? 70  LYS A CD  1 
ATOM   542  C  CE  . LYS A 1 70  ? 2.807   10.208  12.476  1.00 31.73 ? 70  LYS A CE  1 
ATOM   543  N  NZ  . LYS A 1 70  ? 2.646   9.859   13.943  1.00 32.72 ? 70  LYS A NZ  1 
ATOM   544  N  N   . VAL A 1 71  ? 7.197   10.284  8.230   1.00 16.31 ? 71  VAL A N   1 
ATOM   545  C  CA  . VAL A 1 71  ? 8.575   10.666  8.528   1.00 15.77 ? 71  VAL A CA  1 
ATOM   546  C  C   . VAL A 1 71  ? 8.429   11.827  9.495   1.00 15.49 ? 71  VAL A C   1 
ATOM   547  O  O   . VAL A 1 71  ? 8.012   12.883  9.058   1.00 15.30 ? 71  VAL A O   1 
ATOM   548  C  CB  . VAL A 1 71  ? 9.348   11.105  7.284   1.00 15.85 ? 71  VAL A CB  1 
ATOM   549  C  CG1 . VAL A 1 71  ? 10.779  11.702  7.627   1.00 15.91 ? 71  VAL A CG1 1 
ATOM   550  C  CG2 . VAL A 1 71  ? 9.562   9.901   6.358   1.00 16.52 ? 71  VAL A CG2 1 
ATOM   551  N  N   . GLY A 1 72  ? 8.750   11.587  10.756  1.00 15.87 ? 72  GLY A N   1 
ATOM   552  C  CA  . GLY A 1 72  ? 8.520   12.591  11.809  1.00 18.14 ? 72  GLY A CA  1 
ATOM   553  C  C   . GLY A 1 72  ? 7.025   12.667  12.018  1.00 20.17 ? 72  GLY A C   1 
ATOM   554  O  O   . GLY A 1 72  ? 6.413   11.695  12.459  1.00 21.53 ? 72  GLY A O   1 
ATOM   555  N  N   . GLY A 1 73  ? 6.468   13.814  11.670  1.00 20.17 ? 73  GLY A N   1 
ATOM   556  C  CA  . GLY A 1 73  ? 5.021   14.077  11.655  1.00 22.54 ? 73  GLY A CA  1 
ATOM   557  C  C   . GLY A 1 73  ? 4.385   14.115  10.279  1.00 22.87 ? 73  GLY A C   1 
ATOM   558  O  O   . GLY A 1 73  ? 3.179   14.379  10.147  1.00 24.72 ? 73  GLY A O   1 
ATOM   559  N  N   . ALA A 1 74  ? 5.148   13.852  9.225   1.00 21.47 ? 74  ALA A N   1 
ATOM   560  C  CA  . ALA A 1 74  ? 4.650   14.101  7.889   1.00 19.82 ? 74  ALA A CA  1 
ATOM   561  C  C   . ALA A 1 74  ? 4.347   12.786  7.167   1.00 19.85 ? 74  ALA A C   1 
ATOM   562  O  O   . ALA A 1 74  ? 5.237   11.911  7.075   1.00 19.20 ? 74  ALA A O   1 
ATOM   563  C  CB  . ALA A 1 74  ? 5.661   14.898  7.069   1.00 20.96 ? 74  ALA A CB  1 
ATOM   564  N  N   . TRP A 1 75  ? 3.113   12.664  6.665   1.00 17.15 ? 75  TRP A N   1 
ATOM   565  C  CA  . TRP A 1 75  ? 2.717   11.469  5.881   1.00 17.28 ? 75  TRP A CA  1 
ATOM   566  C  C   . TRP A 1 75  ? 3.114   11.694  4.437   1.00 16.17 ? 75  TRP A C   1 
ATOM   567  O  O   . TRP A 1 75  ? 2.732   12.707  3.844   1.00 18.95 ? 75  TRP A O   1 
ATOM   568  C  CB  . TRP A 1 75  ? 1.198   11.216  6.023   1.00 17.29 ? 75  TRP A CB  1 
ATOM   569  C  CG  . TRP A 1 75  ? 0.889   10.518  7.243   1.00 17.85 ? 75  TRP A CG  1 
ATOM   570  C  CD1 . TRP A 1 75  ? 0.336   11.049  8.401   1.00 18.97 ? 75  TRP A CD1 1 
ATOM   571  C  CD2 . TRP A 1 75  ? 1.114   9.133   7.508   1.00 18.92 ? 75  TRP A CD2 1 
ATOM   572  N  NE1 . TRP A 1 75  ? 0.237   10.087  9.343   1.00 19.12 ? 75  TRP A NE1 1 
ATOM   573  C  CE2 . TRP A 1 75  ? 0.730   8.895   8.823   1.00 18.41 ? 75  TRP A CE2 1 
ATOM   574  C  CE3 . TRP A 1 75  ? 1.677   8.071   6.762   1.00 18.13 ? 75  TRP A CE3 1 
ATOM   575  C  CZ2 . TRP A 1 75  ? 0.810   7.634   9.406   1.00 16.17 ? 75  TRP A CZ2 1 
ATOM   576  C  CZ3 . TRP A 1 75  ? 1.765   6.839   7.349   1.00 16.76 ? 75  TRP A CZ3 1 
ATOM   577  C  CH2 . TRP A 1 75  ? 1.344   6.609   8.646   1.00 18.87 ? 75  TRP A CH2 1 
ATOM   578  N  N   . GLN A 1 76  ? 3.856   10.746  3.845   1.00 14.79 ? 76  GLN A N   1 
ATOM   579  C  CA  . GLN A 1 76  ? 4.366   10.902  2.535   1.00 13.85 ? 76  GLN A CA  1 
ATOM   580  C  C   . GLN A 1 76  ? 4.582   9.573   1.839   1.00 13.51 ? 76  GLN A C   1 
ATOM   581  O  O   . GLN A 1 76  ? 4.704   8.531   2.499   1.00 13.46 ? 76  GLN A O   1 
ATOM   582  C  CB  . GLN A 1 76  ? 5.708   11.591  2.564   1.00 14.00 ? 76  GLN A CB  1 
ATOM   583  C  CG  . GLN A 1 76  ? 6.732   10.914  3.494   1.00 13.90 ? 76  GLN A CG  1 
ATOM   584  C  CD  . GLN A 1 76  ? 8.046   11.677  3.420   1.00 17.28 ? 76  GLN A CD  1 
ATOM   585  O  OE1 . GLN A 1 76  ? 8.082   12.845  3.770   1.00 16.84 ? 76  GLN A OE1 1 
ATOM   586  N  NE2 . GLN A 1 76  ? 9.111   11.016  2.987   1.00 15.54 ? 76  GLN A NE2 1 
ATOM   587  N  N   . TRP A 1 77  ? 4.591   9.640   0.536   1.00 13.98 ? 77  TRP A N   1 
ATOM   588  C  CA  . TRP A 1 77  ? 4.865   8.474   -0.328  1.00 14.83 ? 77  TRP A CA  1 
ATOM   589  C  C   . TRP A 1 77  ? 6.377   8.237   -0.295  1.00 15.33 ? 77  TRP A C   1 
ATOM   590  O  O   . TRP A 1 77  ? 7.153   9.183   -0.541  1.00 14.63 ? 77  TRP A O   1 
ATOM   591  C  CB  . TRP A 1 77  ? 4.400   8.734   -1.753  1.00 16.52 ? 77  TRP A CB  1 
ATOM   592  C  CG  . TRP A 1 77  ? 2.877   8.879   -1.747  1.00 17.49 ? 77  TRP A CG  1 
ATOM   593  C  CD1 . TRP A 1 77  ? 2.142   9.987   -2.066  1.00 18.24 ? 77  TRP A CD1 1 
ATOM   594  C  CD2 . TRP A 1 77  ? 1.924   7.866   -1.329  1.00 15.48 ? 77  TRP A CD2 1 
ATOM   595  N  NE1 . TRP A 1 77  ? 0.797   9.733   -1.858  1.00 15.91 ? 77  TRP A NE1 1 
ATOM   596  C  CE2 . TRP A 1 77  ? 0.645   8.428   -1.447  1.00 16.69 ? 77  TRP A CE2 1 
ATOM   597  C  CE3 . TRP A 1 77  ? 2.043   6.531   -0.910  1.00 14.83 ? 77  TRP A CE3 1 
ATOM   598  C  CZ2 . TRP A 1 77  ? -0.526  7.704   -1.125  1.00 16.71 ? 77  TRP A CZ2 1 
ATOM   599  C  CZ3 . TRP A 1 77  ? 0.907   5.830   -0.547  1.00 17.02 ? 77  TRP A CZ3 1 
ATOM   600  C  CH2 . TRP A 1 77  ? -0.380  6.423   -0.685  1.00 17.30 ? 77  TRP A CH2 1 
ATOM   601  N  N   A SER A 1 78  ? 6.776   6.984   -0.047  0.50 15.54 ? 78  SER A N   1 
ATOM   602  N  N   B SER A 1 78  ? 6.778   6.988   -0.072  0.50 15.19 ? 78  SER A N   1 
ATOM   603  C  CA  A SER A 1 78  ? 8.202   6.622   0.138   0.50 16.40 ? 78  SER A CA  1 
ATOM   604  C  CA  B SER A 1 78  ? 8.187   6.698   0.191   0.50 15.78 ? 78  SER A CA  1 
ATOM   605  C  C   A SER A 1 78  ? 9.054   6.949   -1.081  0.50 16.22 ? 78  SER A C   1 
ATOM   606  C  C   B SER A 1 78  ? 9.090   6.833   -1.052  0.50 15.90 ? 78  SER A C   1 
ATOM   607  O  O   A SER A 1 78  ? 10.150  7.507   -0.955  0.50 14.95 ? 78  SER A O   1 
ATOM   608  O  O   B SER A 1 78  ? 10.269  7.192   -0.906  0.50 14.65 ? 78  SER A O   1 
ATOM   609  C  CB  A SER A 1 78  ? 8.364   5.126   0.455   0.50 16.44 ? 78  SER A CB  1 
ATOM   610  C  CB  B SER A 1 78  ? 8.353   5.345   0.921   0.50 15.38 ? 78  SER A CB  1 
ATOM   611  O  OG  A SER A 1 78  ? 9.733   4.721   0.319   0.50 18.28 ? 78  SER A OG  1 
ATOM   612  O  OG  B SER A 1 78  ? 7.796   4.245   0.218   0.50 15.82 ? 78  SER A OG  1 
ATOM   613  N  N   . SER A 1 79  ? 8.559   6.585   -2.266  1.00 15.96 ? 79  SER A N   1 
ATOM   614  C  CA  . SER A 1 79  ? 9.377   6.637   -3.482  1.00 17.19 ? 79  SER A CA  1 
ATOM   615  C  C   . SER A 1 79  ? 9.770   8.062   -3.860  1.00 17.26 ? 79  SER A C   1 
ATOM   616  O  O   . SER A 1 79  ? 10.818  8.285   -4.524  1.00 19.38 ? 79  SER A O   1 
ATOM   617  C  CB  . SER A 1 79  ? 8.680   5.966   -4.684  1.00 17.31 ? 79  SER A CB  1 
ATOM   618  O  OG  . SER A 1 79  ? 7.620   6.796   -5.116  1.00 17.25 ? 79  SER A OG  1 
ATOM   619  N  N   . SER A 1 80  ? 8.947   9.017   -3.469  1.00 17.13 ? 80  SER A N   1 
ATOM   620  C  CA  . SER A 1 80  ? 9.042   10.378  -3.975  1.00 17.89 ? 80  SER A CA  1 
ATOM   621  C  C   . SER A 1 80  ? 9.176   11.429  -2.894  1.00 18.20 ? 80  SER A C   1 
ATOM   622  O  O   . SER A 1 80  ? 9.481   12.583  -3.197  1.00 19.97 ? 80  SER A O   1 
ATOM   623  C  CB  . SER A 1 80  ? 7.781   10.685  -4.781  1.00 18.87 ? 80  SER A CB  1 
ATOM   624  O  OG  . SER A 1 80  ? 6.660   10.617  -3.936  1.00 17.46 ? 80  SER A OG  1 
ATOM   625  N  N   . GLY A 1 81  ? 8.954   11.048  -1.633  1.00 17.23 ? 81  GLY A N   1 
ATOM   626  C  CA  . GLY A 1 81  ? 8.895   12.020  -0.557  1.00 16.55 ? 81  GLY A CA  1 
ATOM   627  C  C   . GLY A 1 81  ? 7.724   12.946  -0.588  1.00 17.52 ? 81  GLY A C   1 
ATOM   628  O  O   . GLY A 1 81  ? 7.632   13.842  0.255   1.00 17.96 ? 81  GLY A O   1 
ATOM   629  N  N   . ALA A 1 82  ? 6.806   12.720  -1.530  1.00 17.97 ? 82  ALA A N   1 
ATOM   630  C  CA  . ALA A 1 82  ? 5.651   13.584  -1.679  1.00 18.93 ? 82  ALA A CA  1 
ATOM   631  C  C   . ALA A 1 82  ? 4.660   13.459  -0.548  1.00 19.21 ? 82  ALA A C   1 
ATOM   632  O  O   . ALA A 1 82  ? 4.147   12.378  -0.262  1.00 19.53 ? 82  ALA A O   1 
ATOM   633  C  CB  . ALA A 1 82  ? 4.949   13.338  -3.045  1.00 19.72 ? 82  ALA A CB  1 
ATOM   634  N  N   . ALA A 1 83  ? 4.393   14.577  0.111   1.00 19.86 ? 83  ALA A N   1 
ATOM   635  C  CA  . ALA A 1 83  ? 3.330   14.660  1.075   1.00 20.51 ? 83  ALA A CA  1 
ATOM   636  C  C   . ALA A 1 83  ? 2.023   14.172  0.439   1.00 19.81 ? 83  ALA A C   1 
ATOM   637  O  O   . ALA A 1 83  ? 1.778   14.407  -0.733  1.00 20.31 ? 83  ALA A O   1 
ATOM   638  C  CB  . ALA A 1 83  ? 3.166   16.103  1.555   1.00 21.28 ? 83  ALA A CB  1 
ATOM   639  N  N   . PHE A 1 84  ? 1.252   13.408  1.205   1.00 21.00 ? 84  PHE A N   1 
ATOM   640  C  CA  . PHE A 1 84  ? -0.048  12.955  0.754   1.00 21.16 ? 84  PHE A CA  1 
ATOM   641  C  C   . PHE A 1 84  ? -0.861  14.172  0.381   1.00 23.07 ? 84  PHE A C   1 
ATOM   642  O  O   . PHE A 1 84  ? -0.922  15.129  1.164   1.00 23.23 ? 84  PHE A O   1 
ATOM   643  C  CB  . PHE A 1 84  ? -0.844  12.270  1.852   1.00 19.90 ? 84  PHE A CB  1 
ATOM   644  C  CG  . PHE A 1 84  ? -0.346  10.928  2.279   1.00 19.00 ? 84  PHE A CG  1 
ATOM   645  C  CD1 . PHE A 1 84  ? 0.726   10.290  1.649   1.00 16.21 ? 84  PHE A CD1 1 
ATOM   646  C  CD2 . PHE A 1 84  ? -0.984  10.270  3.317   1.00 15.22 ? 84  PHE A CD2 1 
ATOM   647  C  CE1 . PHE A 1 84  ? 1.135   9.015   2.087   1.00 15.18 ? 84  PHE A CE1 1 
ATOM   648  C  CE2 . PHE A 1 84  ? -0.576  9.023   3.736   1.00 15.29 ? 84  PHE A CE2 1 
ATOM   649  C  CZ  . PHE A 1 84  ? 0.497   8.387   3.095   1.00 14.29 ? 84  PHE A CZ  1 
ATOM   650  N  N   . ASP A 1 85  ? -1.509  14.121  -0.778  1.00 25.20 ? 85  ASP A N   1 
ATOM   651  C  CA  . ASP A 1 85  ? -2.508  15.160  -1.090  1.00 25.90 ? 85  ASP A CA  1 
ATOM   652  C  C   . ASP A 1 85  ? -3.905  14.534  -1.087  1.00 25.74 ? 85  ASP A C   1 
ATOM   653  O  O   . ASP A 1 85  ? -4.680  14.782  -0.192  1.00 26.63 ? 85  ASP A O   1 
ATOM   654  C  CB  . ASP A 1 85  ? -2.184  15.801  -2.398  1.00 26.79 ? 85  ASP A CB  1 
ATOM   655  C  CG  . ASP A 1 85  ? -3.102  16.962  -2.715  1.00 28.55 ? 85  ASP A CG  1 
ATOM   656  O  OD1 . ASP A 1 85  ? -3.845  17.463  -1.818  1.00 32.28 ? 85  ASP A OD1 1 
ATOM   657  O  OD2 . ASP A 1 85  ? -3.059  17.337  -3.876  1.00 34.83 ? 85  ASP A OD2 1 
ATOM   658  N  N   . TYR A 1 86  ? -4.200  13.724  -2.089  1.00 26.41 ? 86  TYR A N   1 
ATOM   659  C  CA  . TYR A 1 86  ? -5.415  12.911  -2.024  1.00 26.23 ? 86  TYR A CA  1 
ATOM   660  C  C   . TYR A 1 86  ? -5.322  12.040  -0.772  1.00 25.33 ? 86  TYR A C   1 
ATOM   661  O  O   . TYR A 1 86  ? -4.254  11.489  -0.464  1.00 23.77 ? 86  TYR A O   1 
ATOM   662  C  CB  . TYR A 1 86  ? -5.533  12.031  -3.252  1.00 27.40 ? 86  TYR A CB  1 
ATOM   663  C  CG  . TYR A 1 86  ? -6.662  11.020  -3.100  1.00 27.71 ? 86  TYR A CG  1 
ATOM   664  C  CD1 . TYR A 1 86  ? -7.982  11.455  -3.039  1.00 29.46 ? 86  TYR A CD1 1 
ATOM   665  C  CD2 . TYR A 1 86  ? -6.417  9.663   -2.974  1.00 28.52 ? 86  TYR A CD2 1 
ATOM   666  C  CE1 . TYR A 1 86  ? -9.041  10.562  -2.887  1.00 29.69 ? 86  TYR A CE1 1 
ATOM   667  C  CE2 . TYR A 1 86  ? -7.478  8.757   -2.842  1.00 25.65 ? 86  TYR A CE2 1 
ATOM   668  C  CZ  . TYR A 1 86  ? -8.786  9.217   -2.797  1.00 28.79 ? 86  TYR A CZ  1 
ATOM   669  O  OH  . TYR A 1 86  ? -9.856  8.353   -2.644  1.00 28.32 ? 86  TYR A OH  1 
ATOM   670  N  N   . LEU A 1 87  ? -6.433  11.897  -0.064  1.00 24.32 ? 87  LEU A N   1 
ATOM   671  C  CA  . LEU A 1 87  ? -6.470  11.127  1.154   1.00 23.45 ? 87  LEU A CA  1 
ATOM   672  C  C   . LEU A 1 87  ? -7.525  10.013  1.031   1.00 23.66 ? 87  LEU A C   1 
ATOM   673  O  O   . LEU A 1 87  ? -8.481  10.170  0.266   1.00 24.85 ? 87  LEU A O   1 
ATOM   674  C  CB  . LEU A 1 87  ? -6.810  12.043  2.278   1.00 24.45 ? 87  LEU A CB  1 
ATOM   675  C  CG  . LEU A 1 87  ? -5.799  13.156  2.568   1.00 22.68 ? 87  LEU A CG  1 
ATOM   676  C  CD1 . LEU A 1 87  ? -6.402  13.874  3.749   1.00 22.31 ? 87  LEU A CD1 1 
ATOM   677  C  CD2 . LEU A 1 87  ? -4.390  12.610  2.877   1.00 22.15 ? 87  LEU A CD2 1 
ATOM   678  N  N   . ARG A 1 88  ? -7.273  8.898   1.704   1.00 21.88 ? 88  ARG A N   1 
ATOM   679  C  CA  . ARG A 1 88  ? -8.226  7.781   1.792   1.00 20.99 ? 88  ARG A CA  1 
ATOM   680  C  C   . ARG A 1 88  ? -8.213  7.116   3.143   1.00 20.12 ? 88  ARG A C   1 
ATOM   681  O  O   . ARG A 1 88  ? -8.545  5.955   3.292   1.00 19.69 ? 88  ARG A O   1 
ATOM   682  C  CB  . ARG A 1 88  ? -8.000  6.746   0.709   1.00 21.22 ? 88  ARG A CB  1 
ATOM   683  C  CG  . ARG A 1 88  ? -9.249  5.889   0.511   1.00 22.50 ? 88  ARG A CG  1 
ATOM   684  C  CD  . ARG A 1 88  ? -9.693  5.954   -0.872  1.00 26.49 ? 88  ARG A CD  1 
ATOM   685  N  NE  . ARG A 1 88  ? -10.766 4.992   -1.151  1.00 28.78 ? 88  ARG A NE  1 
ATOM   686  C  CZ  . ARG A 1 88  ? -11.419 4.948   -2.306  1.00 27.58 ? 88  ARG A CZ  1 
ATOM   687  N  NH1 . ARG A 1 88  ? -12.372 4.039   -2.466  1.00 29.76 ? 88  ARG A NH1 1 
ATOM   688  N  NH2 . ARG A 1 88  ? -11.099 5.760   -3.316  1.00 27.61 ? 88  ARG A NH2 1 
ATOM   689  N  N   . TRP A 1 89  ? -7.945  7.905   4.172   1.00 19.10 ? 89  TRP A N   1 
ATOM   690  C  CA  . TRP A 1 89  ? -7.956  7.427   5.517   1.00 18.64 ? 89  TRP A CA  1 
ATOM   691  C  C   . TRP A 1 89  ? -9.334  6.871   5.856   1.00 19.61 ? 89  TRP A C   1 
ATOM   692  O  O   . TRP A 1 89  ? -10.310 7.469   5.459   1.00 19.36 ? 89  TRP A O   1 
ATOM   693  C  CB  . TRP A 1 89  ? -7.685  8.614   6.478   1.00 19.36 ? 89  TRP A CB  1 
ATOM   694  C  CG  . TRP A 1 89  ? -6.252  9.144   6.388   1.00 18.02 ? 89  TRP A CG  1 
ATOM   695  C  CD1 . TRP A 1 89  ? -5.864  10.382  5.922   1.00 19.25 ? 89  TRP A CD1 1 
ATOM   696  C  CD2 . TRP A 1 89  ? -5.050  8.456   6.756   1.00 17.37 ? 89  TRP A CD2 1 
ATOM   697  N  NE1 . TRP A 1 89  ? -4.481  10.512  5.999   1.00 19.96 ? 89  TRP A NE1 1 
ATOM   698  C  CE2 . TRP A 1 89  ? -3.962  9.379   6.558   1.00 18.17 ? 89  TRP A CE2 1 
ATOM   699  C  CE3 . TRP A 1 89  ? -4.773  7.205   7.297   1.00 15.63 ? 89  TRP A CE3 1 
ATOM   700  C  CZ2 . TRP A 1 89  ? -2.646  9.031   6.790   1.00 18.70 ? 89  TRP A CZ2 1 
ATOM   701  C  CZ3 . TRP A 1 89  ? -3.464  6.859   7.563   1.00 20.41 ? 89  TRP A CZ3 1 
ATOM   702  C  CH2 . TRP A 1 89  ? -2.401  7.790   7.327   1.00 20.39 ? 89  TRP A CH2 1 
ATOM   703  N  N   . GLY A 1 90  ? -9.356  5.754   6.567   1.00 21.30 ? 90  GLY A N   1 
ATOM   704  C  CA  . GLY A 1 90  ? -10.584 5.207   7.143   1.00 23.27 ? 90  GLY A CA  1 
ATOM   705  C  C   . GLY A 1 90  ? -11.115 6.094   8.254   1.00 25.37 ? 90  GLY A C   1 
ATOM   706  O  O   . GLY A 1 90  ? -10.414 6.972   8.752   1.00 25.15 ? 90  GLY A O   1 
HETATM 707  N  N   . HYP A 1 91  ? -12.371 5.843   8.677   1.00 26.44 ? 91  HYP A N   1 
HETATM 708  C  CA  . HYP A 1 91  ? -12.987 6.764   9.649   1.00 26.81 ? 91  HYP A CA  1 
HETATM 709  C  C   . HYP A 1 91  ? -12.164 6.822   10.916  1.00 27.35 ? 91  HYP A C   1 
HETATM 710  O  O   . HYP A 1 91  ? -11.697 5.789   11.391  1.00 28.24 ? 91  HYP A O   1 
HETATM 711  C  CB  . HYP A 1 91  ? -14.362 6.148   9.923   1.00 26.68 ? 91  HYP A CB  1 
HETATM 712  C  CG  . HYP A 1 91  ? -14.615 5.192   8.795   1.00 25.75 ? 91  HYP A CG  1 
HETATM 713  C  CD  . HYP A 1 91  ? -13.255 4.701   8.287   1.00 27.65 ? 91  HYP A CD  1 
HETATM 714  O  OD1 . HYP A 1 91  ? -15.204 5.964   7.781   1.00 31.85 ? 91  HYP A OD1 1 
ATOM   715  N  N   . ASN A 1 92  ? -11.940 8.040   11.441  1.00 27.75 ? 92  ASN A N   1 
ATOM   716  C  CA  . ASN A 1 92  ? -11.148 8.229   12.660  1.00 27.07 ? 92  ASN A CA  1 
ATOM   717  C  C   . ASN A 1 92  ? -9.656  7.873   12.550  1.00 26.10 ? 92  ASN A C   1 
ATOM   718  O  O   . ASN A 1 92  ? -8.970  7.759   13.572  1.00 26.93 ? 92  ASN A O   1 
ATOM   719  C  CB  . ASN A 1 92  ? -11.782 7.431   13.787  1.00 27.89 ? 92  ASN A CB  1 
ATOM   720  C  CG  . ASN A 1 92  ? -13.260 7.637   13.838  1.00 28.82 ? 92  ASN A CG  1 
ATOM   721  O  OD1 . ASN A 1 92  ? -13.759 8.732   13.532  1.00 27.72 ? 92  ASN A OD1 1 
ATOM   722  N  ND2 . ASN A 1 92  ? -13.995 6.575   14.168  1.00 29.86 ? 92  ASN A ND2 1 
ATOM   723  N  N   . GLU A 1 93  ? -9.164  7.683   11.325  1.00 23.81 ? 93  GLU A N   1 
ATOM   724  C  CA  . GLU A 1 93  ? -7.738  7.479   11.084  1.00 22.38 ? 93  GLU A CA  1 
ATOM   725  C  C   . GLU A 1 93  ? -7.181  8.751   10.389  1.00 21.22 ? 93  GLU A C   1 
ATOM   726  O  O   . GLU A 1 93  ? -7.923  9.446   9.695   1.00 21.42 ? 93  GLU A O   1 
ATOM   727  C  CB  . GLU A 1 93  ? -7.511  6.271   10.164  1.00 22.46 ? 93  GLU A CB  1 
ATOM   728  C  CG  . GLU A 1 93  ? -8.167  4.988   10.620  1.00 21.21 ? 93  GLU A CG  1 
ATOM   729  C  CD  . GLU A 1 93  ? -7.538  4.354   11.812  1.00 22.67 ? 93  GLU A CD  1 
ATOM   730  O  OE1 . GLU A 1 93  ? -6.505  4.829   12.296  1.00 20.23 ? 93  GLU A OE1 1 
ATOM   731  O  OE2 . GLU A 1 93  ? -8.072  3.327   12.309  1.00 28.87 ? 93  GLU A OE2 1 
ATOM   732  N  N   . PRO A 1 94  ? -5.863  9.010   10.550  1.00 22.21 ? 94  PRO A N   1 
ATOM   733  C  CA  . PRO A 1 94  ? -4.966  8.232   11.389  1.00 21.97 ? 94  PRO A CA  1 
ATOM   734  C  C   . PRO A 1 94  ? -5.102  8.577   12.869  1.00 24.32 ? 94  PRO A C   1 
ATOM   735  O  O   . PRO A 1 94  ? -5.450  9.711   13.210  1.00 24.79 ? 94  PRO A O   1 
ATOM   736  C  CB  . PRO A 1 94  ? -3.586  8.614   10.896  1.00 22.71 ? 94  PRO A CB  1 
ATOM   737  C  CG  . PRO A 1 94  ? -3.737  9.944   10.389  1.00 22.32 ? 94  PRO A CG  1 
ATOM   738  C  CD  . PRO A 1 94  ? -5.158  10.157  9.945   1.00 22.83 ? 94  PRO A CD  1 
ATOM   739  N  N   . ASN A 1 95  ? -4.859  7.580   13.704  1.00 25.32 ? 95  ASN A N   1 
ATOM   740  C  CA  . ASN A 1 95  ? -5.040  7.668   15.161  1.00 26.75 ? 95  ASN A CA  1 
ATOM   741  C  C   . ASN A 1 95  ? -3.775  7.416   15.988  1.00 27.15 ? 95  ASN A C   1 
ATOM   742  O  O   . ASN A 1 95  ? -3.789  7.594   17.196  1.00 27.47 ? 95  ASN A O   1 
ATOM   743  C  CB  . ASN A 1 95  ? -6.185  6.742   15.611  1.00 25.53 ? 95  ASN A CB  1 
ATOM   744  C  CG  . ASN A 1 95  ? -5.870  5.256   15.442  1.00 26.77 ? 95  ASN A CG  1 
ATOM   745  O  OD1 . ASN A 1 95  ? -4.809  4.850   14.918  1.00 22.55 ? 95  ASN A OD1 1 
ATOM   746  N  ND2 . ASN A 1 95  ? -6.797  4.412   15.931  1.00 27.58 ? 95  ASN A ND2 1 
ATOM   747  N  N   . ASN A 1 96  ? -2.677  7.039   15.327  1.00 28.85 ? 96  ASN A N   1 
ATOM   748  C  CA  . ASN A 1 96  ? -1.405  6.705   15.953  1.00 29.51 ? 96  ASN A CA  1 
ATOM   749  C  C   . ASN A 1 96  ? -1.524  5.881   17.211  1.00 31.34 ? 96  ASN A C   1 
ATOM   750  O  O   . ASN A 1 96  ? -0.964  6.244   18.242  1.00 31.22 ? 96  ASN A O   1 
ATOM   751  C  CB  . ASN A 1 96  ? -0.564  7.983   16.217  1.00 29.39 ? 96  ASN A CB  1 
ATOM   752  C  CG  . ASN A 1 96  ? 0.925   7.685   16.434  1.00 27.87 ? 96  ASN A CG  1 
ATOM   753  O  OD1 . ASN A 1 96  ? 1.415   6.578   16.224  1.00 28.05 ? 96  ASN A OD1 1 
ATOM   754  N  ND2 . ASN A 1 96  ? 1.639   8.686   16.919  1.00 29.51 ? 96  ASN A ND2 1 
ATOM   755  N  N   . SER A 1 97  ? -2.226  4.747   17.119  1.00 31.18 ? 97  SER A N   1 
ATOM   756  C  CA  . SER A 1 97  ? -2.460  3.893   18.287  1.00 32.18 ? 97  SER A CA  1 
ATOM   757  C  C   . SER A 1 97  ? -1.214  3.180   18.810  1.00 32.53 ? 97  SER A C   1 
ATOM   758  O  O   . SER A 1 97  ? -0.563  2.394   18.114  1.00 32.71 ? 97  SER A O   1 
ATOM   759  C  CB  . SER A 1 97  ? -3.581  2.882   17.995  1.00 32.69 ? 97  SER A CB  1 
ATOM   760  O  OG  . SER A 1 97  ? -3.741  2.019   19.100  1.00 33.79 ? 97  SER A OG  1 
ATOM   761  N  N   . GLY A 1 98  ? -0.852  3.478   20.060  1.00 33.07 ? 98  GLY A N   1 
ATOM   762  C  CA  . GLY A 1 98  ? 0.418   2.999   20.613  1.00 33.18 ? 98  GLY A CA  1 
ATOM   763  C  C   . GLY A 1 98  ? 1.634   3.834   20.214  1.00 33.18 ? 98  GLY A C   1 
ATOM   764  O  O   . GLY A 1 98  ? 2.778   3.444   20.490  1.00 34.85 ? 98  GLY A O   1 
ATOM   765  N  N   . GLY A 1 99  ? 1.398   4.939   19.516  1.00 33.51 ? 99  GLY A N   1 
ATOM   766  C  CA  . GLY A 1 99  ? 2.413   5.958   19.286  1.00 32.79 ? 99  GLY A CA  1 
ATOM   767  C  C   . GLY A 1 99  ? 3.433   5.723   18.187  1.00 32.32 ? 99  GLY A C   1 
ATOM   768  O  O   . GLY A 1 99  ? 4.159   6.665   17.838  1.00 32.33 ? 99  GLY A O   1 
ATOM   769  N  N   . ASN A 1 100 ? 3.462   4.506   17.630  1.00 30.34 ? 100 ASN A N   1 
ATOM   770  C  CA  . ASN A 1 100 ? 4.490   4.090   16.659  1.00 29.08 ? 100 ASN A CA  1 
ATOM   771  C  C   . ASN A 1 100 ? 3.905   3.653   15.293  1.00 26.33 ? 100 ASN A C   1 
ATOM   772  O  O   . ASN A 1 100 ? 4.493   2.834   14.589  1.00 25.51 ? 100 ASN A O   1 
ATOM   773  C  CB  . ASN A 1 100 ? 5.309   2.940   17.230  1.00 29.62 ? 100 ASN A CB  1 
ATOM   774  C  CG  . ASN A 1 100 ? 4.469   1.719   17.524  1.00 31.42 ? 100 ASN A CG  1 
ATOM   775  O  OD1 . ASN A 1 100 ? 3.251   1.823   17.693  1.00 32.74 ? 100 ASN A OD1 1 
ATOM   776  N  ND2 . ASN A 1 100 ? 5.114   0.561   17.618  1.00 34.60 ? 100 ASN A ND2 1 
ATOM   777  N  N   . GLU A 1 101 ? 2.759   4.200   14.951  1.00 23.52 ? 101 GLU A N   1 
ATOM   778  C  CA  . GLU A 1 101 ? 2.067   3.810   13.712  1.00 22.12 ? 101 GLU A CA  1 
ATOM   779  C  C   . GLU A 1 101 ? 2.550   4.640   12.521  1.00 19.93 ? 101 GLU A C   1 
ATOM   780  O  O   . GLU A 1 101 ? 1.919   5.580   12.130  1.00 21.95 ? 101 GLU A O   1 
ATOM   781  C  CB  . GLU A 1 101 ? 0.567   3.897   13.871  1.00 21.11 ? 101 GLU A CB  1 
ATOM   782  C  CG  . GLU A 1 101 ? -0.010  2.955   14.981  1.00 22.24 ? 101 GLU A CG  1 
ATOM   783  C  CD  . GLU A 1 101 ? -1.464  2.596   14.736  1.00 16.62 ? 101 GLU A CD  1 
ATOM   784  O  OE1 . GLU A 1 101 ? -2.273  3.489   14.645  1.00 24.39 ? 101 GLU A OE1 1 
ATOM   785  O  OE2 . GLU A 1 101 ? -1.762  1.406   14.651  1.00 21.33 ? 101 GLU A OE2 1 
ATOM   786  N  N   . ASP A 1 102 ? 3.630   4.183   11.908  1.00 20.79 ? 102 ASP A N   1 
ATOM   787  C  CA  . ASP A 1 102 ? 4.431   4.993   10.996  1.00 20.76 ? 102 ASP A CA  1 
ATOM   788  C  C   . ASP A 1 102 ? 4.413   4.450   9.550   1.00 20.21 ? 102 ASP A C   1 
ATOM   789  O  O   . ASP A 1 102 ? 5.172   4.904   8.704   1.00 20.08 ? 102 ASP A O   1 
ATOM   790  C  CB  . ASP A 1 102 ? 5.870   5.011   11.496  1.00 20.77 ? 102 ASP A CB  1 
ATOM   791  C  CG  . ASP A 1 102 ? 6.025   5.768   12.822  1.00 25.68 ? 102 ASP A CG  1 
ATOM   792  O  OD1 . ASP A 1 102 ? 5.110   6.525   13.220  1.00 27.73 ? 102 ASP A OD1 1 
ATOM   793  O  OD2 . ASP A 1 102 ? 7.092   5.603   13.433  1.00 28.29 ? 102 ASP A OD2 1 
ATOM   794  N  N   . CYS A 1 103 ? 3.589   3.432   9.312   1.00 19.43 ? 103 CYS A N   1 
ATOM   795  C  CA  . CYS A 1 103 ? 3.474   2.843   7.970   1.00 18.54 ? 103 CYS A CA  1 
ATOM   796  C  C   . CYS A 1 103 ? 2.026   2.759   7.542   1.00 18.20 ? 103 CYS A C   1 
ATOM   797  O  O   . CYS A 1 103 ? 1.094   2.724   8.375   1.00 17.61 ? 103 CYS A O   1 
ATOM   798  C  CB  . CYS A 1 103 ? 4.141   1.490   7.928   1.00 20.12 ? 103 CYS A CB  1 
ATOM   799  S  SG  . CYS A 1 103 ? 5.972   1.530   7.967   1.00 20.10 ? 103 CYS A SG  1 
ATOM   800  N  N   . LEU A 1 104 ? 1.827   2.774   6.225   1.00 14.46 ? 104 LEU A N   1 
ATOM   801  C  CA  . LEU A 1 104 ? 0.490   2.795   5.626   1.00 14.08 ? 104 LEU A CA  1 
ATOM   802  C  C   . LEU A 1 104 ? 0.065   1.430   5.106   1.00 14.41 ? 104 LEU A C   1 
ATOM   803  O  O   . LEU A 1 104 ? 0.835   0.740   4.422   1.00 13.39 ? 104 LEU A O   1 
ATOM   804  C  CB  . LEU A 1 104 ? 0.459   3.763   4.457   1.00 13.38 ? 104 LEU A CB  1 
ATOM   805  C  CG  . LEU A 1 104 ? -0.922  4.121   3.883   1.00 10.89 ? 104 LEU A CG  1 
ATOM   806  C  CD1 . LEU A 1 104 ? -1.700  5.032   4.963   1.00 15.05 ? 104 LEU A CD1 1 
ATOM   807  C  CD2 . LEU A 1 104 ? -0.889  4.814   2.539   1.00 12.23 ? 104 LEU A CD2 1 
ATOM   808  N  N   . HIS A 1 105 ? -1.180  1.053   5.392   1.00 15.36 ? 105 HIS A N   1 
ATOM   809  C  CA  . HIS A 1 105 ? -1.700  -0.225  4.887   1.00 15.34 ? 105 HIS A CA  1 
ATOM   810  C  C   . HIS A 1 105 ? -3.210  -0.125  4.719   1.00 15.86 ? 105 HIS A C   1 
ATOM   811  O  O   . HIS A 1 105 ? -3.830  0.850   5.174   1.00 15.37 ? 105 HIS A O   1 
ATOM   812  C  CB  . HIS A 1 105 ? -1.325  -1.326  5.861   1.00 16.09 ? 105 HIS A CB  1 
ATOM   813  C  CG  . HIS A 1 105 ? -2.283  -1.458  7.004   1.00 16.55 ? 105 HIS A CG  1 
ATOM   814  N  ND1 . HIS A 1 105 ? -2.977  -2.637  7.246   1.00 16.17 ? 105 HIS A ND1 1 
ATOM   815  C  CD2 . HIS A 1 105 ? -2.708  -0.562  7.927   1.00 17.83 ? 105 HIS A CD2 1 
ATOM   816  C  CE1 . HIS A 1 105 ? -3.771  -2.449  8.291   1.00 18.14 ? 105 HIS A CE1 1 
ATOM   817  N  NE2 . HIS A 1 105 ? -3.636  -1.204  8.720   1.00 18.18 ? 105 HIS A NE2 1 
ATOM   818  N  N   . TYR A 1 106 ? -3.838  -1.122  4.082   1.00 15.05 ? 106 TYR A N   1 
ATOM   819  C  CA  . TYR A 1 106 ? -5.319  -1.135  3.986   1.00 14.83 ? 106 TYR A CA  1 
ATOM   820  C  C   . TYR A 1 106 ? -5.896  -1.851  5.201   1.00 15.36 ? 106 TYR A C   1 
ATOM   821  O  O   . TYR A 1 106 ? -5.474  -2.944  5.544   1.00 14.86 ? 106 TYR A O   1 
ATOM   822  C  CB  . TYR A 1 106 ? -5.852  -1.843  2.697   1.00 14.47 ? 106 TYR A CB  1 
ATOM   823  C  CG  . TYR A 1 106 ? -5.857  -0.980  1.451   1.00 14.21 ? 106 TYR A CG  1 
ATOM   824  C  CD1 . TYR A 1 106 ? -6.527  0.215   1.388   1.00 10.96 ? 106 TYR A CD1 1 
ATOM   825  C  CD2 . TYR A 1 106 ? -5.162  -1.355  0.369   1.00 13.17 ? 106 TYR A CD2 1 
ATOM   826  C  CE1 . TYR A 1 106 ? -6.524  0.995   0.261   1.00 14.31 ? 106 TYR A CE1 1 
ATOM   827  C  CE2 . TYR A 1 106 ? -5.155  -0.613  -0.758  1.00 13.52 ? 106 TYR A CE2 1 
ATOM   828  C  CZ  . TYR A 1 106 ? -5.784  0.591   -0.818  1.00 13.42 ? 106 TYR A CZ  1 
ATOM   829  O  OH  . TYR A 1 106 ? -5.714  1.283   -1.995  1.00 15.36 ? 106 TYR A OH  1 
ATOM   830  N  N   . ASN A 1 107 ? -6.808  -1.172  5.890   1.00 16.95 ? 107 ASN A N   1 
ATOM   831  C  CA  . ASN A 1 107 ? -7.559  -1.787  6.977   1.00 19.24 ? 107 ASN A CA  1 
ATOM   832  C  C   . ASN A 1 107 ? -9.029  -1.642  6.631   1.00 18.41 ? 107 ASN A C   1 
ATOM   833  O  O   . ASN A 1 107 ? -9.536  -0.527  6.505   1.00 19.73 ? 107 ASN A O   1 
ATOM   834  C  CB  . ASN A 1 107 ? -7.221  -1.104  8.315   1.00 18.96 ? 107 ASN A CB  1 
ATOM   835  C  CG  . ASN A 1 107 ? -7.628  -1.944  9.530   1.00 19.16 ? 107 ASN A CG  1 
ATOM   836  O  OD1 . ASN A 1 107 ? -7.283  -3.111  9.633   1.00 19.50 ? 107 ASN A OD1 1 
ATOM   837  N  ND2 . ASN A 1 107 ? -8.348  -1.310  10.468  1.00 20.67 ? 107 ASN A ND2 1 
ATOM   838  N  N   . TRP A 1 108 ? -9.745  -2.765  6.419   1.00 19.32 ? 108 TRP A N   1 
ATOM   839  C  CA  . TRP A 1 108 ? -11.141 -2.667  5.946   1.00 18.93 ? 108 TRP A CA  1 
ATOM   840  C  C   . TRP A 1 108 ? -11.265 -1.807  4.682   1.00 17.22 ? 108 TRP A C   1 
ATOM   841  O  O   . TRP A 1 108 ? -12.173 -1.030  4.540   1.00 17.78 ? 108 TRP A O   1 
ATOM   842  C  CB  . TRP A 1 108 ? -12.097 -2.160  7.079   1.00 20.36 ? 108 TRP A CB  1 
ATOM   843  C  CG  . TRP A 1 108 ? -12.109 -3.132  8.235   1.00 21.66 ? 108 TRP A CG  1 
ATOM   844  C  CD1 . TRP A 1 108 ? -11.394 -3.029  9.386   1.00 23.61 ? 108 TRP A CD1 1 
ATOM   845  C  CD2 . TRP A 1 108 ? -12.798 -4.395  8.306   1.00 24.36 ? 108 TRP A CD2 1 
ATOM   846  N  NE1 . TRP A 1 108 ? -11.589 -4.131  10.177  1.00 24.12 ? 108 TRP A NE1 1 
ATOM   847  C  CE2 . TRP A 1 108 ? -12.468 -4.977  9.556   1.00 25.05 ? 108 TRP A CE2 1 
ATOM   848  C  CE3 . TRP A 1 108 ? -13.671 -5.083  7.443   1.00 23.85 ? 108 TRP A CE3 1 
ATOM   849  C  CZ2 . TRP A 1 108 ? -12.973 -6.252  9.978   1.00 24.17 ? 108 TRP A CZ2 1 
ATOM   850  C  CZ3 . TRP A 1 108 ? -14.206 -6.325  7.877   1.00 24.42 ? 108 TRP A CZ3 1 
ATOM   851  C  CH2 . TRP A 1 108 ? -13.838 -6.893  9.123   1.00 22.99 ? 108 TRP A CH2 1 
ATOM   852  N  N   . LEU A 1 109 ? -10.298 -1.965  3.768   1.00 16.46 ? 109 LEU A N   1 
ATOM   853  C  CA  . LEU A 1 109 ? -10.298 -1.346  2.444   1.00 16.21 ? 109 LEU A CA  1 
ATOM   854  C  C   . LEU A 1 109 ? -10.165 0.175   2.430   1.00 15.73 ? 109 LEU A C   1 
ATOM   855  O  O   . LEU A 1 109 ? -10.515 0.847   1.440   1.00 15.64 ? 109 LEU A O   1 
ATOM   856  C  CB  . LEU A 1 109 ? -11.475 -1.827  1.598   1.00 16.66 ? 109 LEU A CB  1 
ATOM   857  C  CG  . LEU A 1 109 ? -11.624 -3.316  1.376   1.00 16.45 ? 109 LEU A CG  1 
ATOM   858  C  CD1 . LEU A 1 109 ? -12.912 -3.530  0.572   1.00 20.73 ? 109 LEU A CD1 1 
ATOM   859  C  CD2 . LEU A 1 109 ? -10.391 -3.849  0.657   1.00 17.14 ? 109 LEU A CD2 1 
ATOM   860  N  N   . SER A 1 110 ? -9.628  0.680   3.537   1.00 15.47 ? 110 SER A N   1 
ATOM   861  C  CA  . SER A 1 110 ? -9.356  2.104   3.757   1.00 16.91 ? 110 SER A CA  1 
ATOM   862  C  C   . SER A 1 110 ? -7.968  2.258   4.310   1.00 16.04 ? 110 SER A C   1 
ATOM   863  O  O   . SER A 1 110 ? -7.438  1.350   4.926   1.00 16.17 ? 110 SER A O   1 
ATOM   864  C  CB  . SER A 1 110 ? -10.351 2.652   4.804   1.00 17.36 ? 110 SER A CB  1 
ATOM   865  O  OG  . SER A 1 110 ? -11.408 3.197   4.073   1.00 27.11 ? 110 SER A OG  1 
ATOM   866  N  N   . TRP A 1 111 ? -7.349  3.434   4.132   1.00 16.74 ? 111 TRP A N   1 
ATOM   867  C  CA  . TRP A 1 111 ? -6.003  3.622   4.696   1.00 15.95 ? 111 TRP A CA  1 
ATOM   868  C  C   . TRP A 1 111 ? -6.032  3.602   6.201   1.00 17.10 ? 111 TRP A C   1 
ATOM   869  O  O   . TRP A 1 111 ? -6.985  4.115   6.874   1.00 17.98 ? 111 TRP A O   1 
ATOM   870  C  CB  . TRP A 1 111 ? -5.308  4.932   4.238   1.00 16.05 ? 111 TRP A CB  1 
ATOM   871  C  CG  . TRP A 1 111 ? -5.062  5.138   2.819   1.00 15.35 ? 111 TRP A CG  1 
ATOM   872  C  CD1 . TRP A 1 111 ? -5.189  4.238   1.760   1.00 13.28 ? 111 TRP A CD1 1 
ATOM   873  C  CD2 . TRP A 1 111 ? -4.556  6.332   2.247   1.00 15.80 ? 111 TRP A CD2 1 
ATOM   874  N  NE1 . TRP A 1 111 ? -4.882  4.855   0.602   1.00 14.67 ? 111 TRP A NE1 1 
ATOM   875  C  CE2 . TRP A 1 111 ? -4.451  6.126   0.864   1.00 14.91 ? 111 TRP A CE2 1 
ATOM   876  C  CE3 . TRP A 1 111 ? -4.190  7.581   2.782   1.00 13.78 ? 111 TRP A CE3 1 
ATOM   877  C  CZ2 . TRP A 1 111 ? -4.059  7.154   -0.020  1.00 15.48 ? 111 TRP A CZ2 1 
ATOM   878  C  CZ3 . TRP A 1 111 ? -3.763  8.566   1.919   1.00 13.96 ? 111 TRP A CZ3 1 
ATOM   879  C  CH2 . TRP A 1 111 ? -3.692  8.356   0.555   1.00 14.80 ? 111 TRP A CH2 1 
ATOM   880  N  N   . ASN A 1 112 ? -5.040  2.952   6.737   1.00 16.12 ? 112 ASN A N   1 
ATOM   881  C  CA  . ASN A 1 112 ? -4.766  3.060   8.163   1.00 18.09 ? 112 ASN A CA  1 
ATOM   882  C  C   . ASN A 1 112 ? -3.289  3.191   8.455   1.00 17.33 ? 112 ASN A C   1 
ATOM   883  O  O   . ASN A 1 112 ? -2.416  2.667   7.727   1.00 18.26 ? 112 ASN A O   1 
ATOM   884  C  CB  . ASN A 1 112 ? -5.349  1.805   8.835   1.00 17.05 ? 112 ASN A CB  1 
ATOM   885  C  CG  . ASN A 1 112 ? -4.974  1.686   10.279  1.00 19.81 ? 112 ASN A CG  1 
ATOM   886  O  OD1 . ASN A 1 112 ? -5.263  2.607   11.047  1.00 16.85 ? 112 ASN A OD1 1 
ATOM   887  N  ND2 . ASN A 1 112 ? -4.390  0.575   10.679  1.00 16.88 ? 112 ASN A ND2 1 
ATOM   888  N  N   . ASP A 1 113 ? -2.980  3.882   9.544   1.00 17.85 ? 113 ASP A N   1 
ATOM   889  C  CA  . ASP A 1 113 ? -1.622  3.852   10.102  1.00 18.05 ? 113 ASP A CA  1 
ATOM   890  C  C   . ASP A 1 113 ? -1.414  2.688   11.037  1.00 17.80 ? 113 ASP A C   1 
ATOM   891  O  O   . ASP A 1 113 ? -2.257  2.422   11.923  1.00 17.91 ? 113 ASP A O   1 
ATOM   892  C  CB  . ASP A 1 113 ? -1.217  5.184   10.782  1.00 17.77 ? 113 ASP A CB  1 
ATOM   893  C  CG  . ASP A 1 113 ? -2.157  5.608   11.869  1.00 21.10 ? 113 ASP A CG  1 
ATOM   894  O  OD1 . ASP A 1 113 ? -3.332  5.145   11.935  1.00 17.37 ? 113 ASP A OD1 1 
ATOM   895  O  OD2 . ASP A 1 113 ? -1.709  6.442   12.693  1.00 21.24 ? 113 ASP A OD2 1 
ATOM   896  N  N   . LEU A 1 114 ? -0.326  1.957   10.789  1.00 17.78 ? 114 LEU A N   1 
ATOM   897  C  CA  . LEU A 1 114 ? 0.028   0.770   11.497  1.00 18.11 ? 114 LEU A CA  1 
ATOM   898  C  C   . LEU A 1 114 ? 1.526   0.683   11.816  1.00 19.60 ? 114 LEU A C   1 
ATOM   899  O  O   . LEU A 1 114 ? 2.384   1.145   11.042  1.00 17.85 ? 114 LEU A O   1 
ATOM   900  C  CB  . LEU A 1 114 ? -0.362  -0.464  10.647  1.00 18.25 ? 114 LEU A CB  1 
ATOM   901  C  CG  . LEU A 1 114 ? -0.253  -1.853  11.307  1.00 18.13 ? 114 LEU A CG  1 
ATOM   902  C  CD1 . LEU A 1 114 ? -1.205  -1.942  12.510  1.00 20.23 ? 114 LEU A CD1 1 
ATOM   903  C  CD2 . LEU A 1 114 ? -0.539  -2.947  10.204  1.00 16.28 ? 114 LEU A CD2 1 
ATOM   904  N  N   . ARG A 1 115 ? 1.857   0.050   12.943  1.00 21.85 ? 115 ARG A N   1 
ATOM   905  C  CA  . ARG A 1 115 ? 3.247   -0.257  13.250  1.00 23.39 ? 115 ARG A CA  1 
ATOM   906  C  C   . ARG A 1 115 ? 3.981   -1.031  12.132  1.00 23.26 ? 115 ARG A C   1 
ATOM   907  O  O   . ARG A 1 115 ? 3.504   -2.057  11.611  1.00 23.15 ? 115 ARG A O   1 
ATOM   908  C  CB  . ARG A 1 115 ? 3.345   -1.018  14.577  1.00 24.57 ? 115 ARG A CB  1 
ATOM   909  C  CG  . ARG A 1 115 ? 2.612   -2.342  14.633  1.00 25.22 ? 115 ARG A CG  1 
ATOM   910  C  CD  . ARG A 1 115 ? 2.654   -2.894  16.080  1.00 27.40 ? 115 ARG A CD  1 
ATOM   911  N  NE  . ARG A 1 115 ? 1.887   -4.115  16.270  1.00 29.68 ? 115 ARG A NE  1 
ATOM   912  C  CZ  . ARG A 1 115 ? 0.557   -4.212  16.324  1.00 31.45 ? 115 ARG A CZ  1 
ATOM   913  N  NH1 . ARG A 1 115 ? -0.266  -3.183  16.150  1.00 33.14 ? 115 ARG A NH1 1 
ATOM   914  N  NH2 . ARG A 1 115 ? 0.025   -5.404  16.514  1.00 34.67 ? 115 ARG A NH2 1 
ATOM   915  N  N   . CYS A 1 116 ? 5.147   -0.533  11.752  1.00 23.50 ? 116 CYS A N   1 
ATOM   916  C  CA  . CYS A 1 116 ? 5.864   -1.019  10.570  1.00 23.54 ? 116 CYS A CA  1 
ATOM   917  C  C   . CYS A 1 116 ? 6.345   -2.441  10.657  1.00 24.22 ? 116 CYS A C   1 
ATOM   918  O  O   . CYS A 1 116 ? 6.617   -3.046  9.634   1.00 23.73 ? 116 CYS A O   1 
ATOM   919  C  CB  . CYS A 1 116 ? 7.037   -0.088  10.240  1.00 23.38 ? 116 CYS A CB  1 
ATOM   920  S  SG  . CYS A 1 116 ? 6.504   1.612   9.944   1.00 22.89 ? 116 CYS A SG  1 
ATOM   921  N  N   . HIS A 1 117 ? 6.507   -3.002  11.864  1.00 26.09 ? 117 HIS A N   1 
ATOM   922  C  CA  . HIS A 1 117 ? 6.893   -4.412  11.921  1.00 27.62 ? 117 HIS A CA  1 
ATOM   923  C  C   . HIS A 1 117 ? 5.705   -5.369  11.912  1.00 27.40 ? 117 HIS A C   1 
ATOM   924  O  O   . HIS A 1 117 ? 5.909   -6.565  11.908  1.00 28.24 ? 117 HIS A O   1 
ATOM   925  C  CB  . HIS A 1 117 ? 7.852   -4.692  13.085  1.00 29.89 ? 117 HIS A CB  1 
ATOM   926  C  CG  . HIS A 1 117 ? 9.232   -4.193  12.809  1.00 34.02 ? 117 HIS A CG  1 
ATOM   927  N  ND1 . HIS A 1 117 ? 10.123  -4.883  12.011  1.00 38.61 ? 117 HIS A ND1 1 
ATOM   928  C  CD2 . HIS A 1 117 ? 9.832   -3.021  13.124  1.00 38.46 ? 117 HIS A CD2 1 
ATOM   929  C  CE1 . HIS A 1 117 ? 11.233  -4.179  11.892  1.00 40.57 ? 117 HIS A CE1 1 
ATOM   930  N  NE2 . HIS A 1 117 ? 11.084  -3.047  12.562  1.00 40.11 ? 117 HIS A NE2 1 
ATOM   931  N  N   . TYR A 1 118 ? 4.482   -4.859  11.856  1.00 26.68 ? 118 TYR A N   1 
ATOM   932  C  CA  . TYR A 1 118 ? 3.333   -5.737  11.717  1.00 27.07 ? 118 TYR A CA  1 
ATOM   933  C  C   . TYR A 1 118 ? 3.521   -6.589  10.476  1.00 26.11 ? 118 TYR A C   1 
ATOM   934  O  O   . TYR A 1 118 ? 3.956   -6.090  9.443   1.00 25.54 ? 118 TYR A O   1 
ATOM   935  C  CB  . TYR A 1 118 ? 2.036   -4.962  11.629  1.00 27.84 ? 118 TYR A CB  1 
ATOM   936  C  CG  . TYR A 1 118 ? 0.843   -5.828  11.948  1.00 30.69 ? 118 TYR A CG  1 
ATOM   937  C  CD1 . TYR A 1 118 ? 0.265   -5.800  13.220  1.00 32.02 ? 118 TYR A CD1 1 
ATOM   938  C  CD2 . TYR A 1 118 ? 0.294   -6.679  10.980  1.00 32.03 ? 118 TYR A CD2 1 
ATOM   939  C  CE1 . TYR A 1 118 ? -0.844  -6.610  13.545  1.00 33.20 ? 118 TYR A CE1 1 
ATOM   940  C  CE2 . TYR A 1 118 ? -0.820  -7.498  11.287  1.00 32.80 ? 118 TYR A CE2 1 
ATOM   941  C  CZ  . TYR A 1 118 ? -1.380  -7.461  12.569  1.00 33.39 ? 118 TYR A CZ  1 
ATOM   942  O  OH  . TYR A 1 118 ? -2.486  -8.259  12.871  1.00 32.22 ? 118 TYR A OH  1 
ATOM   943  N  N   . GLN A 1 119 ? 3.221   -7.878  10.588  1.00 26.15 ? 119 GLN A N   1 
ATOM   944  C  CA  . GLN A 1 119 ? 3.364   -8.835  9.470   1.00 26.50 ? 119 GLN A CA  1 
ATOM   945  C  C   . GLN A 1 119 ? 2.091   -8.912  8.604   1.00 25.25 ? 119 GLN A C   1 
ATOM   946  O  O   . GLN A 1 119 ? 1.051   -9.405  9.066   1.00 25.29 ? 119 GLN A O   1 
ATOM   947  C  CB  . GLN A 1 119 ? 3.612   -10.237 9.998   1.00 27.58 ? 119 GLN A CB  1 
ATOM   948  C  CG  . GLN A 1 119 ? 4.759   -10.389 10.978  1.00 32.47 ? 119 GLN A CG  1 
ATOM   949  C  CD  . GLN A 1 119 ? 6.095   -10.092 10.385  1.00 36.34 ? 119 GLN A CD  1 
ATOM   950  O  OE1 . GLN A 1 119 ? 6.781   -10.972 9.867   1.00 40.44 ? 119 GLN A OE1 1 
ATOM   951  N  NE2 . GLN A 1 119 ? 6.525   -8.845  10.535  1.00 40.19 ? 119 GLN A NE2 1 
ATOM   952  N  N   . ALA A 1 120 ? 2.169   -8.444  7.358   1.00 22.82 ? 120 ALA A N   1 
ATOM   953  C  CA  . ALA A 1 120 ? 0.990   -8.379  6.512   1.00 20.30 ? 120 ALA A CA  1 
ATOM   954  C  C   . ALA A 1 120 ? 1.297   -8.860  5.097   1.00 18.89 ? 120 ALA A C   1 
ATOM   955  O  O   . ALA A 1 120 ? 2.429   -9.153  4.737   1.00 18.80 ? 120 ALA A O   1 
ATOM   956  C  CB  . ALA A 1 120 ? 0.420   -6.969  6.496   1.00 20.82 ? 120 ALA A CB  1 
ATOM   957  N  N   . SER A 1 121 ? 0.264   -8.917  4.276   1.00 17.26 ? 121 SER A N   1 
ATOM   958  C  CA  . SER A 1 121 ? 0.472   -9.161  2.887   1.00 16.97 ? 121 SER A CA  1 
ATOM   959  C  C   . SER A 1 121 ? 0.836   -7.749  2.336   1.00 16.72 ? 121 SER A C   1 
ATOM   960  O  O   . SER A 1 121 ? 0.903   -6.757  3.091   1.00 16.33 ? 121 SER A O   1 
ATOM   961  C  CB  . SER A 1 121 ? -0.770  -9.792  2.230   1.00 17.42 ? 121 SER A CB  1 
ATOM   962  O  OG  . SER A 1 121 ? -1.076  -11.033 2.879   1.00 18.08 ? 121 SER A OG  1 
ATOM   963  N  N   . TYR A 1 122 ? 1.061   -7.697  1.042   1.00 15.46 ? 122 TYR A N   1 
ATOM   964  C  CA  . TYR A 1 122 ? 1.528   -6.463  0.399   1.00 14.33 ? 122 TYR A CA  1 
ATOM   965  C  C   . TYR A 1 122 ? 1.127   -6.330  -1.074  1.00 14.58 ? 122 TYR A C   1 
ATOM   966  O  O   . TYR A 1 122 ? 0.880   -7.316  -1.772  1.00 14.96 ? 122 TYR A O   1 
ATOM   967  C  CB  . TYR A 1 122 ? 3.059   -6.286  0.581   1.00 14.79 ? 122 TYR A CB  1 
ATOM   968  C  CG  . TYR A 1 122 ? 3.947   -7.368  -0.014  1.00 15.02 ? 122 TYR A CG  1 
ATOM   969  C  CD1 . TYR A 1 122 ? 4.450   -7.244  -1.304  1.00 16.45 ? 122 TYR A CD1 1 
ATOM   970  C  CD2 . TYR A 1 122 ? 4.339   -8.468  0.752   1.00 20.37 ? 122 TYR A CD2 1 
ATOM   971  C  CE1 . TYR A 1 122 ? 5.271   -8.205  -1.853  1.00 19.31 ? 122 TYR A CE1 1 
ATOM   972  C  CE2 . TYR A 1 122 ? 5.146   -9.444  0.206   1.00 20.18 ? 122 TYR A CE2 1 
ATOM   973  C  CZ  . TYR A 1 122 ? 5.633   -9.294  -1.080  1.00 21.39 ? 122 TYR A CZ  1 
ATOM   974  O  OH  . TYR A 1 122 ? 6.436   -10.273 -1.637  1.00 21.98 ? 122 TYR A OH  1 
ATOM   975  N  N   . LEU A 1 123 ? 1.108   -5.099  -1.530  1.00 13.98 ? 123 LEU A N   1 
ATOM   976  C  CA  . LEU A 1 123 ? 0.797   -4.720  -2.893  1.00 12.80 ? 123 LEU A CA  1 
ATOM   977  C  C   . LEU A 1 123 ? 2.002   -4.009  -3.523  1.00 13.28 ? 123 LEU A C   1 
ATOM   978  O  O   . LEU A 1 123 ? 2.499   -3.073  -2.936  1.00 12.87 ? 123 LEU A O   1 
ATOM   979  C  CB  . LEU A 1 123 ? -0.425  -3.779  -2.912  1.00 13.73 ? 123 LEU A CB  1 
ATOM   980  C  CG  . LEU A 1 123 ? -1.757  -4.475  -2.634  1.00 12.69 ? 123 LEU A CG  1 
ATOM   981  C  CD1 . LEU A 1 123 ? -2.735  -3.415  -2.027  1.00 10.82 ? 123 LEU A CD1 1 
ATOM   982  C  CD2 . LEU A 1 123 ? -2.363  -5.079  -3.915  1.00 12.16 ? 123 LEU A CD2 1 
ATOM   983  N  N   . CYS A 1 124 ? 2.479   -4.460  -4.688  1.00 12.34 ? 124 CYS A N   1 
ATOM   984  C  CA  . CYS A 1 124 ? 3.562   -3.817  -5.390  1.00 13.04 ? 124 CYS A CA  1 
ATOM   985  C  C   . CYS A 1 124 ? 3.026   -3.097  -6.612  1.00 14.65 ? 124 CYS A C   1 
ATOM   986  O  O   . CYS A 1 124 ? 1.932   -3.452  -7.131  1.00 16.94 ? 124 CYS A O   1 
ATOM   987  C  CB  . CYS A 1 124 ? 4.648   -4.849  -5.829  1.00 13.90 ? 124 CYS A CB  1 
ATOM   988  S  SG  . CYS A 1 124 ? 5.320   -5.923  -4.535  1.00 15.69 ? 124 CYS A SG  1 
ATOM   989  N  N   . GLN A 1 125 ? 3.768   -2.094  -7.081  1.00 16.97 ? 125 GLN A N   1 
ATOM   990  C  CA  . GLN A 1 125 ? 3.529   -1.454  -8.373  1.00 17.90 ? 125 GLN A CA  1 
ATOM   991  C  C   . GLN A 1 125 ? 4.810   -1.344  -9.172  1.00 19.29 ? 125 GLN A C   1 
ATOM   992  O  O   . GLN A 1 125 ? 5.936   -1.326  -8.641  1.00 17.19 ? 125 GLN A O   1 
ATOM   993  C  CB  . GLN A 1 125 ? 2.835   -0.083  -8.235  1.00 18.77 ? 125 GLN A CB  1 
ATOM   994  C  CG  . GLN A 1 125 ? 3.659   1.066   -8.003  1.00 18.75 ? 125 GLN A CG  1 
ATOM   995  C  CD  . GLN A 1 125 ? 2.883   2.333   -7.784  1.00 17.90 ? 125 GLN A CD  1 
ATOM   996  O  OE1 . GLN A 1 125 ? 1.904   2.360   -7.039  1.00 18.42 ? 125 GLN A OE1 1 
ATOM   997  N  NE2 . GLN A 1 125 ? 3.337   3.429   -8.441  1.00 21.10 ? 125 GLN A NE2 1 
ATOM   998  N  N   . ARG A 1 126 ? 4.660   -1.360  -10.474 1.00 20.98 ? 126 ARG A N   1 
ATOM   999  C  CA  . ARG A 1 126 ? 5.745   -0.898  -11.347 1.00 22.42 ? 126 ARG A CA  1 
ATOM   1000 C  C   . ARG A 1 126 ? 5.167   -0.172  -12.537 1.00 24.29 ? 126 ARG A C   1 
ATOM   1001 O  O   . ARG A 1 126 ? 3.955   -0.171  -12.736 1.00 21.52 ? 126 ARG A O   1 
ATOM   1002 C  CB  . ARG A 1 126 ? 6.733   -2.005  -11.716 1.00 22.76 ? 126 ARG A CB  1 
ATOM   1003 C  CG  . ARG A 1 126 ? 6.177   -3.305  -12.222 1.00 25.38 ? 126 ARG A CG  1 
ATOM   1004 C  CD  . ARG A 1 126 ? 7.224   -4.405  -12.344 1.00 27.54 ? 126 ARG A CD  1 
ATOM   1005 N  NE  . ARG A 1 126 ? 7.528   -4.711  -13.753 1.00 29.71 ? 126 ARG A NE  1 
ATOM   1006 C  CZ  . ARG A 1 126 ? 8.423   -5.613  -14.164 1.00 31.69 ? 126 ARG A CZ  1 
ATOM   1007 N  NH1 . ARG A 1 126 ? 9.112   -6.345  -13.302 1.00 29.23 ? 126 ARG A NH1 1 
ATOM   1008 N  NH2 . ARG A 1 126 ? 8.622   -5.785  -15.469 1.00 33.39 ? 126 ARG A NH2 1 
ATOM   1009 N  N   . ALA A 1 127 ? 6.035   0.541   -13.255 1.00 24.82 ? 127 ALA A N   1 
ATOM   1010 C  CA  . ALA A 1 127 ? 5.666   1.134   -14.537 1.00 26.32 ? 127 ALA A CA  1 
ATOM   1011 C  C   . ALA A 1 127 ? 5.303   0.068   -15.557 1.00 27.54 ? 127 ALA A C   1 
ATOM   1012 O  O   . ALA A 1 127 ? 5.940   -0.978  -15.672 1.00 27.47 ? 127 ALA A O   1 
ATOM   1013 C  CB  . ALA A 1 127 ? 6.790   1.984   -15.083 1.00 26.29 ? 127 ALA A CB  1 
ATOM   1014 N  N   . ALA A 1 128 ? 4.252   0.353   -16.320 1.00 29.71 ? 128 ALA A N   1 
ATOM   1015 C  CA  . ALA A 1 128 ? 3.917   -0.501  -17.445 1.00 31.51 ? 128 ALA A CA  1 
ATOM   1016 C  C   . ALA A 1 128 ? 4.971   -0.268  -18.537 1.00 32.97 ? 128 ALA A C   1 
ATOM   1017 O  O   . ALA A 1 128 ? 5.508   0.834   -18.644 1.00 33.18 ? 128 ALA A O   1 
ATOM   1018 C  CB  . ALA A 1 128 ? 2.517   -0.162  -17.942 1.00 31.33 ? 128 ALA A CB  1 
ATOM   1019 N  N   . GLU A 1 129 ? 5.274   -1.307  -19.307 1.00 35.43 ? 129 GLU A N   1 
ATOM   1020 C  CA  . GLU A 1 129 ? 6.213   -1.208  -20.435 1.00 37.67 ? 129 GLU A CA  1 
ATOM   1021 C  C   . GLU A 1 129 ? 5.455   -0.877  -21.760 1.00 38.92 ? 129 GLU A C   1 
ATOM   1022 O  O   . GLU A 1 129 ? 4.221   -0.684  -21.770 1.00 39.27 ? 129 GLU A O   1 
ATOM   1023 C  CB  . GLU A 1 129 ? 7.015   -2.506  -20.540 1.00 37.77 ? 129 GLU A CB  1 
ATOM   1024 C  CG  . GLU A 1 129 ? 7.800   -2.834  -19.258 1.00 38.77 ? 129 GLU A CG  1 
ATOM   1025 C  CD  . GLU A 1 129 ? 8.301   -4.293  -19.189 1.00 39.83 ? 129 GLU A CD  1 
ATOM   1026 O  OE1 . GLU A 1 129 ? 9.369   -4.550  -19.779 1.00 42.43 ? 129 GLU A OE1 1 
ATOM   1027 O  OE2 . GLU A 1 129 ? 7.650   -5.165  -18.534 1.00 42.43 ? 129 GLU A OE2 1 
ATOM   1028 O  OXT . GLU A 1 129 ? 6.036   -0.741  -22.867 1.00 41.00 ? 129 GLU A OXT 1 
HETATM 1029 C  C1  . NAG B 2 .   ? -4.759  -11.166 22.101  1.00 49.64 ? 1   NAG B C1  1 
HETATM 1030 C  C2  . NAG B 2 .   ? -5.426  -11.538 20.770  1.00 48.93 ? 1   NAG B C2  1 
HETATM 1031 C  C3  . NAG B 2 .   ? -5.402  -10.383 19.767  1.00 46.47 ? 1   NAG B C3  1 
HETATM 1032 C  C4  . NAG B 2 .   ? -5.795  -9.074  20.409  1.00 47.25 ? 1   NAG B C4  1 
HETATM 1033 C  C5  . NAG B 2 .   ? -5.057  -8.829  21.705  1.00 48.23 ? 1   NAG B C5  1 
HETATM 1034 C  C6  . NAG B 2 .   ? -5.621  -7.613  22.417  1.00 48.99 ? 1   NAG B C6  1 
HETATM 1035 C  C7  . NAG B 2 .   ? -5.186  -13.974 20.400  1.00 53.32 ? 1   NAG B C7  1 
HETATM 1036 C  C8  . NAG B 2 .   ? -4.456  -15.008 19.584  1.00 52.07 ? 1   NAG B C8  1 
HETATM 1037 N  N2  . NAG B 2 .   ? -4.840  -12.710 20.131  1.00 51.08 ? 1   NAG B N2  1 
HETATM 1038 O  O1  . NAG B 2 .   ? -5.054  -12.147 23.088  1.00 50.08 ? 1   NAG B O1  1 
HETATM 1039 O  O3  . NAG B 2 .   ? -6.338  -10.633 18.755  1.00 45.98 ? 1   NAG B O3  1 
HETATM 1040 O  O4  . NAG B 2 .   ? -5.518  -8.031  19.509  1.00 45.69 ? 1   NAG B O4  1 
HETATM 1041 O  O5  . NAG B 2 .   ? -5.278  -9.931  22.567  1.00 48.94 ? 1   NAG B O5  1 
HETATM 1042 O  O6  . NAG B 2 .   ? -6.288  -8.061  23.582  1.00 47.62 ? 1   NAG B O6  1 
HETATM 1043 O  O7  . NAG B 2 .   ? -6.026  -14.320 21.252  1.00 54.34 ? 1   NAG B O7  1 
HETATM 1044 C  C1  . NAG B 2 .   ? -6.746  -7.347  19.217  1.00 43.30 ? 2   NAG B C1  1 
HETATM 1045 C  C2  . NAG B 2 .   ? -6.382  -5.902  18.882  1.00 44.85 ? 2   NAG B C2  1 
HETATM 1046 C  C3  . NAG B 2 .   ? -7.478  -5.147  18.127  1.00 40.03 ? 2   NAG B C3  1 
HETATM 1047 C  C4  . NAG B 2 .   ? -8.256  -6.040  17.173  1.00 35.23 ? 2   NAG B C4  1 
HETATM 1048 C  C5  . NAG B 2 .   ? -8.577  -7.379  17.803  1.00 36.00 ? 2   NAG B C5  1 
HETATM 1049 C  C6  . NAG B 2 .   ? -9.357  -8.282  16.849  1.00 36.58 ? 2   NAG B C6  1 
HETATM 1050 C  C7  . NAG B 2 .   ? -6.712  -4.654  21.044  1.00 50.44 ? 2   NAG B C7  1 
HETATM 1051 C  C8  . NAG B 2 .   ? -5.975  -3.902  22.107  1.00 52.08 ? 2   NAG B C8  1 
HETATM 1052 N  N2  . NAG B 2 .   ? -5.936  -5.144  20.064  1.00 47.79 ? 2   NAG B N2  1 
HETATM 1053 O  O3  . NAG B 2 .   ? -6.943  -4.013  17.452  1.00 43.54 ? 2   NAG B O3  1 
HETATM 1054 O  O4  . NAG B 2 .   ? -9.496  -5.413  16.944  1.00 30.67 ? 2   NAG B O4  1 
HETATM 1055 O  O5  . NAG B 2 .   ? -7.379  -8.013  18.159  1.00 38.99 ? 2   NAG B O5  1 
HETATM 1056 O  O6  . NAG B 2 .   ? -8.728  -8.353  15.597  1.00 35.84 ? 2   NAG B O6  1 
HETATM 1057 O  O7  . NAG B 2 .   ? -7.941  -4.793  21.150  1.00 52.11 ? 2   NAG B O7  1 
HETATM 1058 C  C1  . BMA B 2 .   ? -9.706  -4.972  15.635  1.00 23.50 ? 3   BMA B C1  1 
HETATM 1059 C  C2  . BMA B 2 .   ? -11.049 -4.291  15.536  1.00 25.11 ? 3   BMA B C2  1 
HETATM 1060 C  C3  . BMA B 2 .   ? -11.240 -3.815  14.102  1.00 24.42 ? 3   BMA B C3  1 
HETATM 1061 C  C4  . BMA B 2 .   ? -9.993  -3.029  13.633  1.00 25.10 ? 3   BMA B C4  1 
HETATM 1062 C  C5  . BMA B 2 .   ? -8.707  -3.810  13.852  1.00 21.69 ? 3   BMA B C5  1 
HETATM 1063 C  C6  . BMA B 2 .   ? -7.336  -3.156  13.566  1.00 21.89 ? 3   BMA B C6  1 
HETATM 1064 O  O2  . BMA B 2 .   ? -11.166 -3.208  16.508  1.00 22.41 ? 3   BMA B O2  1 
HETATM 1065 O  O3  . BMA B 2 .   ? -12.364 -2.939  14.060  1.00 26.71 ? 3   BMA B O3  1 
HETATM 1066 O  O4  . BMA B 2 .   ? -10.160 -2.695  12.283  1.00 22.82 ? 3   BMA B O4  1 
HETATM 1067 O  O5  . BMA B 2 .   ? -8.677  -4.071  15.218  1.00 23.79 ? 3   BMA B O5  1 
HETATM 1068 O  O6  . BMA B 2 .   ? -7.454  -1.747  13.610  1.00 24.31 ? 3   BMA B O6  1 
HETATM 1069 C  C1  . MAN B 2 .   ? -13.454 -3.432  13.319  1.00 31.36 ? 4   MAN B C1  1 
HETATM 1070 C  C2  . MAN B 2 .   ? -14.287 -2.232  12.892  1.00 30.56 ? 4   MAN B C2  1 
HETATM 1071 C  C3  . MAN B 2 .   ? -14.922 -1.520  14.090  1.00 30.90 ? 4   MAN B C3  1 
HETATM 1072 C  C4  . MAN B 2 .   ? -15.720 -2.575  14.877  1.00 29.08 ? 4   MAN B C4  1 
HETATM 1073 C  C5  . MAN B 2 .   ? -14.824 -3.757  15.235  1.00 28.66 ? 4   MAN B C5  1 
HETATM 1074 C  C6  . MAN B 2 .   ? -15.635 -4.809  15.966  1.00 29.56 ? 4   MAN B C6  1 
HETATM 1075 O  O2  . MAN B 2 .   ? -15.293 -2.808  12.117  1.00 33.50 ? 4   MAN B O2  1 
HETATM 1076 O  O3  . MAN B 2 .   ? -15.750 -0.422  13.765  1.00 31.67 ? 4   MAN B O3  1 
HETATM 1077 O  O4  . MAN B 2 .   ? -16.203 -1.995  16.066  1.00 27.97 ? 4   MAN B O4  1 
HETATM 1078 O  O5  . MAN B 2 .   ? -14.183 -4.391  14.131  1.00 28.82 ? 4   MAN B O5  1 
HETATM 1079 O  O6  . MAN B 2 .   ? -16.489 -5.421  15.026  1.00 32.97 ? 4   MAN B O6  1 
HETATM 1080 C  C1  . NAG B 2 .   ? -15.212 -2.420  10.752  1.00 35.10 ? 5   NAG B C1  1 
HETATM 1081 C  C2  . NAG B 2 .   ? -16.356 -3.098  10.014  1.00 36.71 ? 5   NAG B C2  1 
HETATM 1082 C  C3  . NAG B 2 .   ? -16.268 -2.656  8.568   1.00 38.58 ? 5   NAG B C3  1 
HETATM 1083 C  C4  . NAG B 2 .   ? -16.238 -1.141  8.476   1.00 38.76 ? 5   NAG B C4  1 
HETATM 1084 C  C5  . NAG B 2 .   ? -15.056 -0.611  9.284   1.00 39.35 ? 5   NAG B C5  1 
HETATM 1085 C  C6  . NAG B 2 .   ? -14.862 0.905   9.220   1.00 40.57 ? 5   NAG B C6  1 
HETATM 1086 C  C7  . NAG B 2 .   ? -16.892 -5.359  10.939  1.00 38.82 ? 5   NAG B C7  1 
HETATM 1087 C  C8  . NAG B 2 .   ? -16.533 -6.822  10.847  1.00 38.34 ? 5   NAG B C8  1 
HETATM 1088 N  N2  . NAG B 2 .   ? -16.208 -4.537  10.109  1.00 38.40 ? 5   NAG B N2  1 
HETATM 1089 O  O3  . NAG B 2 .   ? -17.293 -3.243  7.806   1.00 40.85 ? 5   NAG B O3  1 
HETATM 1090 O  O4  . NAG B 2 .   ? -16.026 -0.814  7.141   1.00 39.11 ? 5   NAG B O4  1 
HETATM 1091 O  O5  . NAG B 2 .   ? -15.210 -1.017  10.621  1.00 35.97 ? 5   NAG B O5  1 
HETATM 1092 O  O6  . NAG B 2 .   ? -13.933 1.217   10.241  1.00 43.29 ? 5   NAG B O6  1 
HETATM 1093 O  O7  . NAG B 2 .   ? -17.765 -5.018  11.752  1.00 35.36 ? 5   NAG B O7  1 
HETATM 1094 C  C1  . MAN B 2 .   ? -7.213  -1.230  14.912  1.00 23.40 ? 6   MAN B C1  1 
HETATM 1095 C  C2  . MAN B 2 .   ? -7.350  0.273   14.862  1.00 25.70 ? 6   MAN B C2  1 
HETATM 1096 C  C3  . MAN B 2 .   ? -6.232  0.901   14.037  1.00 24.45 ? 6   MAN B C3  1 
HETATM 1097 C  C4  . MAN B 2 .   ? -4.908  0.400   14.527  1.00 27.04 ? 6   MAN B C4  1 
HETATM 1098 C  C5  . MAN B 2 .   ? -4.834  -1.119  14.763  1.00 26.40 ? 6   MAN B C5  1 
HETATM 1099 C  C6  . MAN B 2 .   ? -3.648  -1.474  15.637  1.00 27.34 ? 6   MAN B C6  1 
HETATM 1100 O  O2  . MAN B 2 .   ? -7.227  0.747   16.179  1.00 29.63 ? 6   MAN B O2  1 
HETATM 1101 O  O3  . MAN B 2 .   ? -6.268  2.292   14.208  1.00 23.94 ? 6   MAN B O3  1 
HETATM 1102 O  O4  . MAN B 2 .   ? -3.939  0.854   13.607  1.00 25.70 ? 6   MAN B O4  1 
HETATM 1103 O  O5  . MAN B 2 .   ? -5.981  -1.647  15.424  1.00 25.58 ? 6   MAN B O5  1 
HETATM 1104 O  O6  . MAN B 2 .   ? -3.386  -2.851  15.566  1.00 27.14 ? 6   MAN B O6  1 
HETATM 1105 C  C1  . NAG B 2 .   ? -8.468  1.264   16.641  1.00 30.42 ? 7   NAG B C1  1 
HETATM 1106 C  C2  . NAG B 2 .   ? -8.324  1.477   18.116  1.00 33.85 ? 7   NAG B C2  1 
HETATM 1107 C  C3  . NAG B 2 .   ? -9.667  1.928   18.684  1.00 34.42 ? 7   NAG B C3  1 
HETATM 1108 C  C4  . NAG B 2 .   ? -10.126 3.137   17.836  1.00 33.99 ? 7   NAG B C4  1 
HETATM 1109 C  C5  . NAG B 2 .   ? -10.170 2.755   16.358  1.00 34.88 ? 7   NAG B C5  1 
HETATM 1110 C  C6  . NAG B 2 .   ? -10.606 3.842   15.373  1.00 36.29 ? 7   NAG B C6  1 
HETATM 1111 C  C7  . NAG B 2 .   ? -6.649  0.113   19.205  1.00 38.12 ? 7   NAG B C7  1 
HETATM 1112 C  C8  . NAG B 2 .   ? -6.176  -1.264  19.546  1.00 39.11 ? 7   NAG B C8  1 
HETATM 1113 N  N2  . NAG B 2 .   ? -7.779  0.208   18.545  1.00 34.09 ? 7   NAG B N2  1 
HETATM 1114 O  O3  . NAG B 2 .   ? -9.511  2.166   20.072  1.00 36.27 ? 7   NAG B O3  1 
HETATM 1115 O  O4  . NAG B 2 .   ? -11.390 3.670   18.141  1.00 36.95 ? 7   NAG B O4  1 
HETATM 1116 O  O5  . NAG B 2 .   ? -8.850  2.458   16.023  1.00 33.43 ? 7   NAG B O5  1 
HETATM 1117 O  O6  . NAG B 2 .   ? -10.299 3.356   14.061  1.00 34.49 ? 7   NAG B O6  1 
HETATM 1118 O  O7  . NAG B 2 .   ? -6.015  1.107   19.552  1.00 42.17 ? 7   NAG B O7  1 
HETATM 1119 CA CA  . CA  C 3 .   ? -4.348  3.423   13.113  1.00 20.72 ? 201 CA  A CA  1 
HETATM 1120 C  C1  . GOL D 4 .   ? 3.951   8.018   -5.958  1.00 28.07 ? 209 GOL A C1  1 
HETATM 1121 O  O1  . GOL D 4 .   ? 4.285   6.920   -6.737  1.00 23.19 ? 209 GOL A O1  1 
HETATM 1122 C  C2  . GOL D 4 .   ? 4.449   9.285   -6.619  1.00 32.47 ? 209 GOL A C2  1 
HETATM 1123 O  O2  . GOL D 4 .   ? 4.130   9.361   -8.021  1.00 35.53 ? 209 GOL A O2  1 
HETATM 1124 C  C3  . GOL D 4 .   ? 3.707   10.363  -5.872  1.00 33.91 ? 209 GOL A C3  1 
HETATM 1125 O  O3  . GOL D 4 .   ? 4.444   10.681  -4.756  1.00 30.82 ? 209 GOL A O3  1 
HETATM 1126 C  C1  . GOL E 4 .   ? -1.381  15.066  4.915   1.00 34.49 ? 210 GOL A C1  1 
HETATM 1127 O  O1  . GOL E 4 .   ? -2.418  15.151  3.968   1.00 34.84 ? 210 GOL A O1  1 
HETATM 1128 C  C2  . GOL E 4 .   ? -0.095  15.187  4.122   1.00 34.71 ? 210 GOL A C2  1 
HETATM 1129 O  O2  . GOL E 4 .   ? -0.064  16.410  3.402   1.00 36.60 ? 210 GOL A O2  1 
HETATM 1130 C  C3  . GOL E 4 .   ? 1.033   15.082  5.078   1.00 35.05 ? 210 GOL A C3  1 
HETATM 1131 O  O3  . GOL E 4 .   ? 2.202   15.034  4.317   1.00 36.39 ? 210 GOL A O3  1 
HETATM 1132 C  C1  . GOL F 4 .   ? 12.524  2.832   -3.873  1.00 24.71 ? 211 GOL A C1  1 
HETATM 1133 O  O1  . GOL F 4 .   ? 11.900  3.553   -4.930  1.00 24.93 ? 211 GOL A O1  1 
HETATM 1134 C  C2  . GOL F 4 .   ? 11.750  3.003   -2.557  1.00 21.69 ? 211 GOL A C2  1 
HETATM 1135 O  O2  . GOL F 4 .   ? 11.621  4.341   -2.281  1.00 22.25 ? 211 GOL A O2  1 
HETATM 1136 C  C3  . GOL F 4 .   ? 10.377  2.361   -2.586  1.00 22.35 ? 211 GOL A C3  1 
HETATM 1137 O  O3  . GOL F 4 .   ? 10.513  0.971   -2.763  1.00 18.21 ? 211 GOL A O3  1 
HETATM 1138 O  O   . HOH G 5 .   ? 4.281   -12.980 -12.998 1.00 26.52 ? 301 HOH A O   1 
HETATM 1139 O  O   . HOH G 5 .   ? -15.704 -6.289  0.922   1.00 43.71 ? 302 HOH A O   1 
HETATM 1140 O  O   . HOH G 5 .   ? 4.468   7.661   15.177  1.00 43.26 ? 303 HOH A O   1 
HETATM 1141 O  O   . HOH G 5 .   ? 6.850   -7.398  -18.555 1.00 49.15 ? 304 HOH A O   1 
HETATM 1142 O  O   . HOH G 5 .   ? -4.576  -4.277  17.298  0.50 20.80 ? 305 HOH A O   1 
HETATM 1143 O  O   . HOH G 5 .   ? 1.105   0.612   17.727  1.00 31.02 ? 306 HOH A O   1 
HETATM 1144 O  O   . HOH G 5 .   ? 8.557   -9.774  1.969   1.00 30.50 ? 307 HOH A O   1 
HETATM 1145 O  O   . HOH G 5 .   ? -15.472 5.586   -9.480  1.00 25.54 ? 308 HOH A O   1 
HETATM 1146 O  O   . HOH G 5 .   ? 10.828  -7.432  -14.818 1.00 33.05 ? 309 HOH A O   1 
HETATM 1147 O  O   . HOH G 5 .   ? -1.350  8.670   -16.982 1.00 51.27 ? 310 HOH A O   1 
HETATM 1148 O  O   . HOH G 5 .   ? -6.195  8.211   -11.200 1.00 40.84 ? 311 HOH A O   1 
HETATM 1149 O  O   . HOH G 5 .   ? -7.469  -7.376  -10.445 1.00 35.52 ? 312 HOH A O   1 
HETATM 1150 O  O   . HOH G 5 .   ? 16.384  -3.596  -3.131  1.00 35.39 ? 313 HOH A O   1 
HETATM 1151 O  O   . HOH G 5 .   ? 12.435  6.398   -5.237  1.00 17.86 ? 314 HOH A O   1 
HETATM 1152 O  O   . HOH G 5 .   ? -13.290 6.312   -5.118  1.00 29.63 ? 315 HOH A O   1 
HETATM 1153 O  O   . HOH G 5 .   ? 0.331   7.480   -9.387  1.00 29.38 ? 316 HOH A O   1 
HETATM 1154 O  O   . HOH G 5 .   ? -15.422 9.726   11.794  1.00 40.95 ? 317 HOH A O   1 
HETATM 1155 O  O   . HOH G 5 .   ? -2.417  -9.430  7.812   1.00 45.36 ? 318 HOH A O   1 
HETATM 1156 O  O   . HOH G 5 .   ? -7.034  -3.773  -14.735 1.00 30.46 ? 319 HOH A O   1 
HETATM 1157 O  O   . HOH G 5 .   ? 1.960   6.123   -7.670  1.00 21.65 ? 320 HOH A O   1 
HETATM 1158 O  O   . HOH G 5 .   ? -12.885 -1.100  -6.044  1.00 25.26 ? 321 HOH A O   1 
HETATM 1159 O  O   . HOH G 5 .   ? -11.742 3.067   0.735   1.00 28.15 ? 322 HOH A O   1 
HETATM 1160 O  O   . HOH G 5 .   ? -14.638 0.584   -3.286  1.00 43.86 ? 323 HOH A O   1 
HETATM 1161 O  O   . HOH G 5 .   ? 12.401  -1.025  -7.376  1.00 26.98 ? 324 HOH A O   1 
HETATM 1162 O  O   . HOH G 5 .   ? -3.037  -13.088 1.985   1.00 26.17 ? 325 HOH A O   1 
HETATM 1163 O  O   . HOH G 5 .   ? -10.750 -7.943  13.192  1.00 39.94 ? 326 HOH A O   1 
HETATM 1164 O  O   . HOH G 5 .   ? -12.808 1.066   6.019   1.00 25.60 ? 327 HOH A O   1 
HETATM 1165 O  O   . HOH G 5 .   ? -3.293  -8.519  15.380  1.00 49.66 ? 328 HOH A O   1 
HETATM 1166 O  O   . HOH G 5 .   ? 0.411   7.992   13.041  1.00 23.12 ? 329 HOH A O   1 
HETATM 1167 O  O   . HOH G 5 .   ? 6.451   1.460   13.443  1.00 30.63 ? 330 HOH A O   1 
HETATM 1168 O  O   . HOH G 5 .   ? -14.623 -5.002  3.882   1.00 30.07 ? 331 HOH A O   1 
HETATM 1169 O  O   . HOH G 5 .   ? 14.375  -2.905  -8.247  1.00 41.13 ? 332 HOH A O   1 
HETATM 1170 O  O   . HOH G 5 .   ? -14.073 -3.478  -5.050  0.50 21.26 ? 333 HOH A O   1 
HETATM 1171 O  O   . HOH G 5 .   ? -2.963  -8.941  -10.241 1.00 23.77 ? 334 HOH A O   1 
HETATM 1172 O  O   . HOH G 5 .   ? 2.450   16.526  -2.189  1.00 35.58 ? 335 HOH A O   1 
HETATM 1173 O  O   . HOH G 5 .   ? 7.714   6.506   15.863  1.00 38.41 ? 336 HOH A O   1 
HETATM 1174 O  O   . HOH G 5 .   ? -8.917  1.490   10.566  1.00 26.00 ? 337 HOH A O   1 
HETATM 1175 O  O   . HOH G 5 .   ? 7.337   9.411   13.487  1.00 37.25 ? 338 HOH A O   1 
HETATM 1176 O  O   . HOH G 5 .   ? -9.711  9.759   15.180  1.00 38.56 ? 339 HOH A O   1 
HETATM 1177 O  O   . HOH G 5 .   ? 8.597   -1.159  -15.431 1.00 38.56 ? 340 HOH A O   1 
HETATM 1178 O  O   . HOH G 5 .   ? 6.080   -3.592  -16.246 1.00 44.69 ? 341 HOH A O   1 
HETATM 1179 O  O   . HOH G 5 .   ? -5.865  1.796   -17.833 1.00 30.66 ? 342 HOH A O   1 
HETATM 1180 O  O   . HOH G 5 .   ? 6.958   -12.644 -0.439  1.00 24.28 ? 343 HOH A O   1 
HETATM 1181 O  O   . HOH G 5 .   ? -19.665 -6.200  13.278  1.00 39.08 ? 344 HOH A O   1 
HETATM 1182 O  O   . HOH G 5 .   ? -18.680 -3.099  16.164  1.00 27.73 ? 345 HOH A O   1 
HETATM 1183 O  O   . HOH G 5 .   ? -3.634  1.365   -19.501 1.00 37.60 ? 346 HOH A O   1 
HETATM 1184 O  O   . HOH G 5 .   ? 0.088   -0.427  15.440  1.00 24.07 ? 347 HOH A O   1 
HETATM 1185 O  O   . HOH G 5 .   ? -2.643  -8.504  4.783   1.00 20.10 ? 348 HOH A O   1 
HETATM 1186 O  O   . HOH G 5 .   ? 10.927  9.144   1.081   0.50 43.07 ? 349 HOH A O   1 
HETATM 1187 O  O   . HOH G 5 .   ? 5.476   -11.385 -11.050 1.00 31.16 ? 350 HOH A O   1 
HETATM 1188 O  O   . HOH G 5 .   ? -1.771  11.478  -1.624  1.00 17.32 ? 351 HOH A O   1 
HETATM 1189 O  O   . HOH G 5 .   ? -4.936  -14.124 0.274   1.00 27.54 ? 352 HOH A O   1 
HETATM 1190 O  O   . HOH G 5 .   ? 11.109  -7.152  10.823  1.00 43.65 ? 353 HOH A O   1 
HETATM 1191 O  O   . HOH G 5 .   ? -0.633  3.437   -7.194  1.00 13.80 ? 354 HOH A O   1 
HETATM 1192 O  O   . HOH G 5 .   ? -18.234 -0.848  12.627  1.00 39.07 ? 355 HOH A O   1 
HETATM 1193 O  O   . HOH G 5 .   ? -8.243  11.113  -7.481  1.00 27.98 ? 356 HOH A O   1 
HETATM 1194 O  O   . HOH G 5 .   ? 5.866   -13.873 4.159   1.00 36.76 ? 357 HOH A O   1 
HETATM 1195 O  O   . HOH G 5 .   ? 0.820   13.131  -3.004  1.00 26.48 ? 358 HOH A O   1 
HETATM 1196 O  O   . HOH G 5 .   ? 0.160   -17.191 2.003   1.00 40.82 ? 359 HOH A O   1 
HETATM 1197 O  O   . HOH G 5 .   ? -11.371 -0.181  12.148  1.00 39.16 ? 360 HOH A O   1 
HETATM 1198 O  O   . HOH G 5 .   ? 6.743   2.489   -2.075  1.00 13.82 ? 361 HOH A O   1 
HETATM 1199 O  O   . HOH G 5 .   ? 7.957   7.910   -7.666  1.00 47.91 ? 362 HOH A O   1 
HETATM 1200 O  O   . HOH G 5 .   ? -2.320  12.727  -4.263  1.00 26.64 ? 363 HOH A O   1 
HETATM 1201 O  O   . HOH G 5 .   ? -9.072  11.325  7.944   1.00 39.70 ? 364 HOH A O   1 
HETATM 1202 O  O   . HOH G 5 .   ? -4.524  11.394  15.278  1.00 30.46 ? 365 HOH A O   1 
HETATM 1203 O  O   . HOH G 5 .   ? 7.387   -11.382 -4.052  1.00 29.99 ? 366 HOH A O   1 
HETATM 1204 O  O   . HOH G 5 .   ? 9.119   8.774   11.549  1.00 22.50 ? 367 HOH A O   1 
HETATM 1205 O  O   . HOH G 5 .   ? 16.778  -5.729  0.374   1.00 35.33 ? 368 HOH A O   1 
HETATM 1206 O  O   . HOH G 5 .   ? 1.914   16.828  10.791  1.00 49.01 ? 369 HOH A O   1 
HETATM 1207 O  O   . HOH G 5 .   ? -11.169 9.632   8.130   1.00 33.93 ? 370 HOH A O   1 
HETATM 1208 O  O   . HOH G 5 .   ? -8.219  -8.715  5.862   1.00 23.14 ? 371 HOH A O   1 
HETATM 1209 O  O   . HOH G 5 .   ? 15.212  -6.928  -2.855  1.00 30.04 ? 372 HOH A O   1 
HETATM 1210 O  O   . HOH G 5 .   ? -8.413  -4.584  3.986   1.00 18.56 ? 373 HOH A O   1 
HETATM 1211 O  O   . HOH G 5 .   ? 15.550  -8.963  -8.885  1.00 26.10 ? 374 HOH A O   1 
HETATM 1212 O  O   . HOH G 5 .   ? -11.158 -8.988  9.181   1.00 27.19 ? 375 HOH A O   1 
HETATM 1213 O  O   . HOH G 5 .   ? 1.942   12.058  -4.906  1.00 32.83 ? 376 HOH A O   1 
HETATM 1214 O  O   . HOH G 5 .   ? 6.620   15.187  3.000   1.00 23.62 ? 377 HOH A O   1 
HETATM 1215 O  O   . HOH G 5 .   ? -9.148  -2.410  18.399  1.00 30.81 ? 378 HOH A O   1 
HETATM 1216 O  O   . HOH G 5 .   ? 2.588   -9.086  13.129  1.00 37.98 ? 379 HOH A O   1 
HETATM 1217 O  O   . HOH G 5 .   ? 9.681   -10.581 -4.397  1.00 28.62 ? 380 HOH A O   1 
HETATM 1218 O  O   . HOH G 5 .   ? 9.334   -2.508  8.544   1.00 24.38 ? 381 HOH A O   1 
HETATM 1219 O  O   . HOH G 5 .   ? 5.691   3.308   -10.159 1.00 26.34 ? 382 HOH A O   1 
HETATM 1220 O  O   . HOH G 5 .   ? -8.846  2.102   7.875   1.00 25.70 ? 383 HOH A O   1 
HETATM 1221 O  O   . HOH G 5 .   ? -4.142  -14.590 -2.279  1.00 28.23 ? 384 HOH A O   1 
HETATM 1222 O  O   . HOH G 5 .   ? 3.435   17.618  4.976   1.00 40.61 ? 385 HOH A O   1 
HETATM 1223 O  O   . HOH G 5 .   ? 2.010   -7.544  16.914  1.00 42.51 ? 386 HOH A O   1 
HETATM 1224 O  O   . HOH G 5 .   ? 3.729   12.418  14.960  1.00 45.11 ? 387 HOH A O   1 
HETATM 1225 O  O   . HOH G 5 .   ? -2.733  12.902  6.004   1.00 19.02 ? 388 HOH A O   1 
HETATM 1226 O  O   . HOH G 5 .   ? -6.952  -10.459 9.182   1.00 45.79 ? 389 HOH A O   1 
HETATM 1227 O  O   . HOH G 5 .   ? -1.267  -12.381 -7.269  1.00 34.75 ? 390 HOH A O   1 
HETATM 1228 O  O   . HOH G 5 .   ? 9.032   -9.588  7.954   1.00 31.09 ? 391 HOH A O   1 
HETATM 1229 O  O   . HOH G 5 .   ? -14.420 -0.862  18.182  1.00 30.57 ? 392 HOH A O   1 
HETATM 1230 O  O   . HOH G 5 .   ? -2.552  -9.799  -7.744  1.00 24.76 ? 393 HOH A O   1 
HETATM 1231 O  O   . HOH G 5 .   ? -5.477  7.092   19.638  1.00 38.09 ? 394 HOH A O   1 
HETATM 1232 O  O   . HOH G 5 .   ? 8.977   0.287   -12.644 1.00 35.62 ? 395 HOH A O   1 
HETATM 1233 O  O   . HOH G 5 .   ? -0.345  10.680  12.253  1.00 20.20 ? 396 HOH A O   1 
HETATM 1234 O  O   . HOH G 5 .   ? -11.903 -10.445 3.292   1.00 38.50 ? 397 HOH A O   1 
HETATM 1235 O  O   . HOH G 5 .   ? -5.594  -5.815  -15.773 1.00 29.69 ? 398 HOH A O   1 
HETATM 1236 O  O   . HOH G 5 .   ? -0.886  6.406   -14.727 1.00 50.83 ? 399 HOH A O   1 
HETATM 1237 O  O   . HOH G 5 .   ? -3.556  -10.129 10.618  1.00 43.35 ? 400 HOH A O   1 
HETATM 1238 O  O   . HOH G 5 .   ? 1.610   12.722  13.072  1.00 41.01 ? 401 HOH A O   1 
HETATM 1239 O  O   . HOH G 5 .   ? 14.012  -5.374  4.432   1.00 37.13 ? 402 HOH A O   1 
HETATM 1240 O  O   . HOH G 5 .   ? 6.392   17.058  0.303   1.00 32.84 ? 403 HOH A O   1 
HETATM 1241 O  O   . HOH G 5 .   ? -15.110 -4.496  -6.654  0.50 28.20 ? 404 HOH A O   1 
HETATM 1242 O  O   . HOH G 5 .   ? -0.891  -8.168  -17.434 1.00 51.22 ? 405 HOH A O   1 
HETATM 1243 O  O   . HOH G 5 .   ? 12.441  -9.511  1.209   1.00 38.69 ? 406 HOH A O   1 
HETATM 1244 O  O   . HOH G 5 .   ? 8.480   5.400   8.709   1.00 48.04 ? 407 HOH A O   1 
HETATM 1245 O  O   . HOH G 5 .   ? 3.763   5.202   -14.620 1.00 41.51 ? 408 HOH A O   1 
HETATM 1246 O  O   . HOH G 5 .   ? -3.225  -5.916  17.373  0.50 25.76 ? 409 HOH A O   1 
HETATM 1247 O  O   . HOH G 5 .   ? -14.031 1.568   -0.696  1.00 40.54 ? 410 HOH A O   1 
HETATM 1248 O  O   . HOH G 5 .   ? -3.403  8.256   -12.429 1.00 51.04 ? 411 HOH A O   1 
HETATM 1249 O  O   . HOH G 5 .   ? 13.338  -9.679  -1.311  1.00 37.90 ? 412 HOH A O   1 
HETATM 1250 O  O   . HOH G 5 .   ? 5.893   4.153   -12.745 1.00 36.34 ? 413 HOH A O   1 
HETATM 1251 O  O   . HOH G 5 .   ? -2.465  11.793  13.529  1.00 28.59 ? 414 HOH A O   1 
HETATM 1252 O  O   . HOH G 5 .   ? -13.807 1.918   20.262  1.00 43.21 ? 415 HOH A O   1 
HETATM 1253 O  O   . HOH G 5 .   ? 1.987   6.617   -14.001 1.00 35.39 ? 416 HOH A O   1 
HETATM 1254 O  O   . HOH G 5 .   ? 5.437   -4.994  15.747  1.00 40.43 ? 417 HOH A O   1 
HETATM 1255 O  O   . HOH G 5 .   ? -11.149 6.725   20.729  1.00 51.89 ? 418 HOH A O   1 
HETATM 1256 O  O   . HOH G 5 .   ? 7.678   -12.243 2.095   1.00 35.79 ? 419 HOH A O   1 
HETATM 1257 O  O   . HOH G 5 .   ? 10.427  6.520   11.214  1.00 40.04 ? 420 HOH A O   1 
HETATM 1258 O  O   . HOH G 5 .   ? 16.010  3.358   -5.539  1.00 41.34 ? 421 HOH A O   1 
# 
loop_
_pdbx_poly_seq_scheme.asym_id 
_pdbx_poly_seq_scheme.entity_id 
_pdbx_poly_seq_scheme.seq_id 
_pdbx_poly_seq_scheme.mon_id 
_pdbx_poly_seq_scheme.ndb_seq_num 
_pdbx_poly_seq_scheme.pdb_seq_num 
_pdbx_poly_seq_scheme.auth_seq_num 
_pdbx_poly_seq_scheme.pdb_mon_id 
_pdbx_poly_seq_scheme.auth_mon_id 
_pdbx_poly_seq_scheme.pdb_strand_id 
_pdbx_poly_seq_scheme.pdb_ins_code 
_pdbx_poly_seq_scheme.hetero 
A 1 1   GLY 1   1   1   GLY GLY A . n 
A 1 2   CYS 2   2   2   CYS CYS A . n 
A 1 3   PRO 3   3   3   PRO PRO A . n 
A 1 4   ASP 4   4   4   ASP ASP A . n 
A 1 5   GLY 5   5   5   GLY GLY A . n 
A 1 6   TRP 6   6   6   TRP TRP A . n 
A 1 7   THR 7   7   7   THR THR A . n 
A 1 8   GLN 8   8   8   GLN GLN A . n 
A 1 9   PHE 9   9   9   PHE PHE A . n 
A 1 10  LEU 10  10  10  LEU LEU A . n 
A 1 11  ASP 11  11  11  ASP ASP A . n 
A 1 12  LEU 12  12  12  LEU LEU A . n 
A 1 13  CYS 13  13  13  CYS CYS A . n 
A 1 14  TYR 14  14  14  TYR TYR A . n 
A 1 15  ILE 15  15  15  ILE ILE A . n 
A 1 16  TYR 16  16  16  TYR TYR A . n 
A 1 17  GLN 17  17  17  GLN GLN A . n 
A 1 18  SER 18  18  18  SER SER A . n 
A 1 19  ALA 19  19  19  ALA ALA A . n 
A 1 20  LYS 20  20  20  LYS LYS A . n 
A 1 21  ALA 21  21  21  ALA ALA A . n 
A 1 22  SER 22  22  22  SER SER A . n 
A 1 23  TRP 23  23  23  TRP TRP A . n 
A 1 24  ALA 24  24  24  ALA ALA A . n 
A 1 25  SER 25  25  25  SER SER A . n 
A 1 26  ALA 26  26  26  ALA ALA A . n 
A 1 27  GLN 27  27  27  GLN GLN A . n 
A 1 28  SER 28  28  28  SER SER A . n 
A 1 29  SER 29  29  29  SER SER A . n 
A 1 30  CYS 30  30  30  CYS CYS A . n 
A 1 31  GLN 31  31  31  GLN GLN A . n 
A 1 32  ALA 32  32  32  ALA ALA A . n 
A 1 33  LEU 33  33  33  LEU LEU A . n 
A 1 34  GLY 34  34  34  GLY GLY A . n 
A 1 35  GLY 35  35  35  GLY GLY A . n 
A 1 36  ILE 36  36  36  ILE ILE A . n 
A 1 37  LEU 37  37  37  LEU LEU A . n 
A 1 38  ALA 38  38  38  ALA ALA A . n 
A 1 39  GLU 39  39  39  GLU GLU A . n 
A 1 40  PRO 40  40  40  PRO PRO A . n 
A 1 41  ASP 41  41  41  ASP ASP A . n 
A 1 42  THR 42  42  42  THR THR A . n 
A 1 43  ALA 43  43  43  ALA ALA A . n 
A 1 44  CYS 44  44  44  CYS CYS A . n 
A 1 45  GLU 45  45  45  GLU GLU A . n 
A 1 46  ASN 46  46  46  ASN ASN A . n 
A 1 47  GLU 47  47  47  GLU GLU A . n 
A 1 48  VAL 48  48  48  VAL VAL A . n 
A 1 49  LEU 49  49  49  LEU LEU A . n 
A 1 50  ILE 50  50  50  ILE ILE A . n 
A 1 51  HIS 51  51  51  HIS HIS A . n 
A 1 52  MET 52  52  52  MET MET A . n 
A 1 53  CYS 53  53  53  CYS CYS A . n 
A 1 54  LYS 54  54  54  LYS LYS A . n 
A 1 55  GLU 55  55  55  GLU GLU A . n 
A 1 56  ASN 56  56  56  ASN ASN A . n 
A 1 57  GLY 57  57  57  GLY GLY A . n 
A 1 58  ASP 58  58  58  ASP ASP A . n 
A 1 59  ALA 59  59  59  ALA ALA A . n 
A 1 60  GLY 60  60  60  GLY GLY A . n 
A 1 61  SER 61  61  61  SER SER A . n 
A 1 62  PHE 62  62  62  PHE PHE A . n 
A 1 63  GLY 63  63  63  GLY GLY A . n 
A 1 64  PRO 64  64  64  PRO PRO A . n 
A 1 65  TRP 65  65  65  TRP TRP A . n 
A 1 66  LEU 66  66  66  LEU LEU A . n 
A 1 67  GLY 67  67  67  GLY GLY A . n 
A 1 68  GLY 68  68  68  GLY GLY A . n 
A 1 69  GLN 69  69  69  GLN GLN A . n 
A 1 70  LYS 70  70  70  LYS LYS A . n 
A 1 71  VAL 71  71  71  VAL VAL A . n 
A 1 72  GLY 72  72  72  GLY GLY A . n 
A 1 73  GLY 73  73  73  GLY GLY A . n 
A 1 74  ALA 74  74  74  ALA ALA A . n 
A 1 75  TRP 75  75  75  TRP TRP A . n 
A 1 76  GLN 76  76  76  GLN GLN A . n 
A 1 77  TRP 77  77  77  TRP TRP A . n 
A 1 78  SER 78  78  78  SER SER A . n 
A 1 79  SER 79  79  79  SER SER A . n 
A 1 80  SER 80  80  80  SER SER A . n 
A 1 81  GLY 81  81  81  GLY GLY A . n 
A 1 82  ALA 82  82  82  ALA ALA A . n 
A 1 83  ALA 83  83  83  ALA ALA A . n 
A 1 84  PHE 84  84  84  PHE PHE A . n 
A 1 85  ASP 85  85  85  ASP ASP A . n 
A 1 86  TYR 86  86  86  TYR TYR A . n 
A 1 87  LEU 87  87  87  LEU LEU A . n 
A 1 88  ARG 88  88  88  ARG ARG A . n 
A 1 89  TRP 89  89  89  TRP TRP A . n 
A 1 90  GLY 90  90  90  GLY GLY A . n 
A 1 91  HYP 91  91  91  HYP HYP A . n 
A 1 92  ASN 92  92  92  ASN ASN A . n 
A 1 93  GLU 93  93  93  GLU GLU A . n 
A 1 94  PRO 94  94  94  PRO PRO A . n 
A 1 95  ASN 95  95  95  ASN ASN A . n 
A 1 96  ASN 96  96  96  ASN ASN A . n 
A 1 97  SER 97  97  97  SER SER A . n 
A 1 98  GLY 98  98  98  GLY GLY A . n 
A 1 99  GLY 99  99  99  GLY GLY A . n 
A 1 100 ASN 100 100 100 ASN ASN A . n 
A 1 101 GLU 101 101 101 GLU GLU A . n 
A 1 102 ASP 102 102 102 ASP ASP A . n 
A 1 103 CYS 103 103 103 CYS CYS A . n 
A 1 104 LEU 104 104 104 LEU LEU A . n 
A 1 105 HIS 105 105 105 HIS HIS A . n 
A 1 106 TYR 106 106 106 TYR TYR A . n 
A 1 107 ASN 107 107 107 ASN ASN A . n 
A 1 108 TRP 108 108 108 TRP TRP A . n 
A 1 109 LEU 109 109 109 LEU LEU A . n 
A 1 110 SER 110 110 110 SER SER A . n 
A 1 111 TRP 111 111 111 TRP TRP A . n 
A 1 112 ASN 112 112 112 ASN ASN A . n 
A 1 113 ASP 113 113 113 ASP ASP A . n 
A 1 114 LEU 114 114 114 LEU LEU A . n 
A 1 115 ARG 115 115 115 ARG ARG A . n 
A 1 116 CYS 116 116 116 CYS CYS A . n 
A 1 117 HIS 117 117 117 HIS HIS A . n 
A 1 118 TYR 118 118 118 TYR TYR A . n 
A 1 119 GLN 119 119 119 GLN GLN A . n 
A 1 120 ALA 120 120 120 ALA ALA A . n 
A 1 121 SER 121 121 121 SER SER A . n 
A 1 122 TYR 122 122 122 TYR TYR A . n 
A 1 123 LEU 123 123 123 LEU LEU A . n 
A 1 124 CYS 124 124 124 CYS CYS A . n 
A 1 125 GLN 125 125 125 GLN GLN A . n 
A 1 126 ARG 126 126 126 ARG ARG A . n 
A 1 127 ALA 127 127 127 ALA ALA A . n 
A 1 128 ALA 128 128 128 ALA ALA A . n 
A 1 129 GLU 129 129 129 GLU GLU A . n 
# 
loop_
_pdbx_nonpoly_scheme.asym_id 
_pdbx_nonpoly_scheme.entity_id 
_pdbx_nonpoly_scheme.mon_id 
_pdbx_nonpoly_scheme.ndb_seq_num 
_pdbx_nonpoly_scheme.pdb_seq_num 
_pdbx_nonpoly_scheme.auth_seq_num 
_pdbx_nonpoly_scheme.pdb_mon_id 
_pdbx_nonpoly_scheme.auth_mon_id 
_pdbx_nonpoly_scheme.pdb_strand_id 
_pdbx_nonpoly_scheme.pdb_ins_code 
C 3 CA  1   201 1130 CA  CA  A . 
D 4 GOL 1   209 1136 GOL GOL A . 
E 4 GOL 1   210 1137 GOL GOL A . 
F 4 GOL 1   211 1138 GOL GOL A . 
G 5 HOH 1   301 2002 HOH HOH A . 
G 5 HOH 2   302 2048 HOH HOH A . 
G 5 HOH 3   303 2090 HOH HOH A . 
G 5 HOH 4   304 2111 HOH HOH A . 
G 5 HOH 5   305 2001 HOH HOH A . 
G 5 HOH 6   306 2087 HOH HOH A . 
G 5 HOH 7   307 2031 HOH HOH A . 
G 5 HOH 8   308 2043 HOH HOH A . 
G 5 HOH 9   309 2106 HOH HOH A . 
G 5 HOH 10  310 2012 HOH HOH A . 
G 5 HOH 11  311 2039 HOH HOH A . 
G 5 HOH 12  312 2050 HOH HOH A . 
G 5 HOH 13  313 2034 HOH HOH A . 
G 5 HOH 14  314 2072 HOH HOH A . 
G 5 HOH 15  315 2045 HOH HOH A . 
G 5 HOH 16  316 2041 HOH HOH A . 
G 5 HOH 17  317 2080 HOH HOH A . 
G 5 HOH 18  318 2061 HOH HOH A . 
G 5 HOH 19  319 2007 HOH HOH A . 
G 5 HOH 20  320 2118 HOH HOH A . 
G 5 HOH 21  321 2046 HOH HOH A . 
G 5 HOH 22  322 2093 HOH HOH A . 
G 5 HOH 23  323 2044 HOH HOH A . 
G 5 HOH 24  324 2036 HOH HOH A . 
G 5 HOH 25  325 2017 HOH HOH A . 
G 5 HOH 26  326 2057 HOH HOH A . 
G 5 HOH 27  327 2092 HOH HOH A . 
G 5 HOH 28  328 2100 HOH HOH A . 
G 5 HOH 29  329 2095 HOH HOH A . 
G 5 HOH 30  330 2088 HOH HOH A . 
G 5 HOH 31  331 2055 HOH HOH A . 
G 5 HOH 32  332 2033 HOH HOH A . 
G 5 HOH 33  333 2049 HOH HOH A . 
G 5 HOH 34  334 2005 HOH HOH A . 
G 5 HOH 35  335 2074 HOH HOH A . 
G 5 HOH 36  336 2091 HOH HOH A . 
G 5 HOH 37  337 2082 HOH HOH A . 
G 5 HOH 38  338 2066 HOH HOH A . 
G 5 HOH 39  339 2081 HOH HOH A . 
G 5 HOH 40  340 2110 HOH HOH A . 
G 5 HOH 41  341 2108 HOH HOH A . 
G 5 HOH 42  342 2010 HOH HOH A . 
G 5 HOH 43  343 2103 HOH HOH A . 
G 5 HOH 44  344 2117 HOH HOH A . 
G 5 HOH 45  345 2115 HOH HOH A . 
G 5 HOH 46  346 2009 HOH HOH A . 
G 5 HOH 47  347 2089 HOH HOH A . 
G 5 HOH 48  348 2060 HOH HOH A . 
G 5 HOH 49  349 2070 HOH HOH A . 
G 5 HOH 50  350 2004 HOH HOH A . 
G 5 HOH 51  351 2076 HOH HOH A . 
G 5 HOH 52  352 2052 HOH HOH A . 
G 5 HOH 53  353 2099 HOH HOH A . 
G 5 HOH 54  354 2014 HOH HOH A . 
G 5 HOH 55  355 2116 HOH HOH A . 
G 5 HOH 56  356 2040 HOH HOH A . 
G 5 HOH 57  357 2019 HOH HOH A . 
G 5 HOH 58  358 2075 HOH HOH A . 
G 5 HOH 59  359 2018 HOH HOH A . 
G 5 HOH 60  360 2113 HOH HOH A . 
G 5 HOH 61  361 2037 HOH HOH A . 
G 5 HOH 62  362 2071 HOH HOH A . 
G 5 HOH 63  363 2038 HOH HOH A . 
G 5 HOH 64  364 2083 HOH HOH A . 
G 5 HOH 65  365 2084 HOH HOH A . 
G 5 HOH 66  366 2104 HOH HOH A . 
G 5 HOH 67  367 2064 HOH HOH A . 
G 5 HOH 68  368 2026 HOH HOH A . 
G 5 HOH 69  369 2067 HOH HOH A . 
G 5 HOH 70  370 2079 HOH HOH A . 
G 5 HOH 71  371 2053 HOH HOH A . 
G 5 HOH 72  372 2027 HOH HOH A . 
G 5 HOH 73  373 2056 HOH HOH A . 
G 5 HOH 74  374 2035 HOH HOH A . 
G 5 HOH 75  375 2058 HOH HOH A . 
G 5 HOH 76  376 2119 HOH HOH A . 
G 5 HOH 77  377 2069 HOH HOH A . 
G 5 HOH 78  378 2112 HOH HOH A . 
G 5 HOH 79  379 2102 HOH HOH A . 
G 5 HOH 80  380 2029 HOH HOH A . 
G 5 HOH 81  381 2023 HOH HOH A . 
G 5 HOH 82  382 2105 HOH HOH A . 
G 5 HOH 83  383 2094 HOH HOH A . 
G 5 HOH 84  384 2051 HOH HOH A . 
G 5 HOH 85  385 2120 HOH HOH A . 
G 5 HOH 86  386 2096 HOH HOH A . 
G 5 HOH 87  387 2063 HOH HOH A . 
G 5 HOH 88  388 2078 HOH HOH A . 
G 5 HOH 89  389 2059 HOH HOH A . 
G 5 HOH 90  390 2015 HOH HOH A . 
G 5 HOH 91  391 2021 HOH HOH A . 
G 5 HOH 92  392 2114 HOH HOH A . 
G 5 HOH 93  393 2016 HOH HOH A . 
G 5 HOH 94  394 2086 HOH HOH A . 
G 5 HOH 95  395 2107 HOH HOH A . 
G 5 HOH 96  396 2068 HOH HOH A . 
G 5 HOH 97  397 2054 HOH HOH A . 
G 5 HOH 98  398 2006 HOH HOH A . 
G 5 HOH 99  399 2011 HOH HOH A . 
G 5 HOH 100 400 2101 HOH HOH A . 
G 5 HOH 101 401 2065 HOH HOH A . 
G 5 HOH 102 402 2024 HOH HOH A . 
G 5 HOH 103 403 2073 HOH HOH A . 
G 5 HOH 104 404 2047 HOH HOH A . 
G 5 HOH 105 405 2001 HOH HOH A . 
G 5 HOH 106 406 2032 HOH HOH A . 
G 5 HOH 107 407 2062 HOH HOH A . 
G 5 HOH 108 408 2013 HOH HOH A . 
G 5 HOH 109 409 2097 HOH HOH A . 
G 5 HOH 110 410 2077 HOH HOH A . 
G 5 HOH 111 411 2042 HOH HOH A . 
G 5 HOH 112 412 2030 HOH HOH A . 
G 5 HOH 113 413 2109 HOH HOH A . 
G 5 HOH 114 414 2085 HOH HOH A . 
G 5 HOH 115 415 2022 HOH HOH A . 
G 5 HOH 116 416 2003 HOH HOH A . 
G 5 HOH 117 417 2098 HOH HOH A . 
G 5 HOH 118 418 2020 HOH HOH A . 
G 5 HOH 119 419 2008 HOH HOH A . 
G 5 HOH 120 420 2025 HOH HOH A . 
G 5 HOH 121 421 2028 HOH HOH A . 
# 
_pdbx_struct_mod_residue.id               1 
_pdbx_struct_mod_residue.label_asym_id    A 
_pdbx_struct_mod_residue.label_comp_id    HYP 
_pdbx_struct_mod_residue.label_seq_id     91 
_pdbx_struct_mod_residue.auth_asym_id     A 
_pdbx_struct_mod_residue.auth_comp_id     HYP 
_pdbx_struct_mod_residue.auth_seq_id      91 
_pdbx_struct_mod_residue.PDB_ins_code     ? 
_pdbx_struct_mod_residue.parent_comp_id   PRO 
_pdbx_struct_mod_residue.details          4-HYDROXYPROLINE 
# 
_pdbx_struct_assembly.id                   1 
_pdbx_struct_assembly.details              author_and_software_defined_assembly 
_pdbx_struct_assembly.method_details       PQS 
_pdbx_struct_assembly.oligomeric_details   monomeric 
_pdbx_struct_assembly.oligomeric_count     1 
# 
_pdbx_struct_assembly_gen.assembly_id       1 
_pdbx_struct_assembly_gen.oper_expression   1 
_pdbx_struct_assembly_gen.asym_id_list      A,B,C,D,E,F,G 
# 
_pdbx_struct_oper_list.id                   1 
_pdbx_struct_oper_list.type                 'identity operation' 
_pdbx_struct_oper_list.name                 1_555 
_pdbx_struct_oper_list.symmetry_operation   x,y,z 
_pdbx_struct_oper_list.matrix[1][1]         1.0000000000 
_pdbx_struct_oper_list.matrix[1][2]         0.0000000000 
_pdbx_struct_oper_list.matrix[1][3]         0.0000000000 
_pdbx_struct_oper_list.vector[1]            0.0000000000 
_pdbx_struct_oper_list.matrix[2][1]         0.0000000000 
_pdbx_struct_oper_list.matrix[2][2]         1.0000000000 
_pdbx_struct_oper_list.matrix[2][3]         0.0000000000 
_pdbx_struct_oper_list.vector[2]            0.0000000000 
_pdbx_struct_oper_list.matrix[3][1]         0.0000000000 
_pdbx_struct_oper_list.matrix[3][2]         0.0000000000 
_pdbx_struct_oper_list.matrix[3][3]         1.0000000000 
_pdbx_struct_oper_list.vector[3]            0.0000000000 
# 
_pdbx_struct_special_symmetry.id              1 
_pdbx_struct_special_symmetry.PDB_model_num   1 
_pdbx_struct_special_symmetry.auth_asym_id    A 
_pdbx_struct_special_symmetry.auth_comp_id    HOH 
_pdbx_struct_special_symmetry.auth_seq_id     349 
_pdbx_struct_special_symmetry.PDB_ins_code    ? 
_pdbx_struct_special_symmetry.label_asym_id   G 
_pdbx_struct_special_symmetry.label_comp_id   HOH 
_pdbx_struct_special_symmetry.label_seq_id    . 
# 
loop_
_pdbx_struct_conn_angle.id 
_pdbx_struct_conn_angle.ptnr1_label_atom_id 
_pdbx_struct_conn_angle.ptnr1_label_alt_id 
_pdbx_struct_conn_angle.ptnr1_label_asym_id 
_pdbx_struct_conn_angle.ptnr1_label_comp_id 
_pdbx_struct_conn_angle.ptnr1_label_seq_id 
_pdbx_struct_conn_angle.ptnr1_auth_atom_id 
_pdbx_struct_conn_angle.ptnr1_auth_asym_id 
_pdbx_struct_conn_angle.ptnr1_auth_comp_id 
_pdbx_struct_conn_angle.ptnr1_auth_seq_id 
_pdbx_struct_conn_angle.ptnr1_PDB_ins_code 
_pdbx_struct_conn_angle.ptnr1_symmetry 
_pdbx_struct_conn_angle.ptnr2_label_atom_id 
_pdbx_struct_conn_angle.ptnr2_label_alt_id 
_pdbx_struct_conn_angle.ptnr2_label_asym_id 
_pdbx_struct_conn_angle.ptnr2_label_comp_id 
_pdbx_struct_conn_angle.ptnr2_label_seq_id 
_pdbx_struct_conn_angle.ptnr2_auth_atom_id 
_pdbx_struct_conn_angle.ptnr2_auth_asym_id 
_pdbx_struct_conn_angle.ptnr2_auth_comp_id 
_pdbx_struct_conn_angle.ptnr2_auth_seq_id 
_pdbx_struct_conn_angle.ptnr2_PDB_ins_code 
_pdbx_struct_conn_angle.ptnr2_symmetry 
_pdbx_struct_conn_angle.ptnr3_label_atom_id 
_pdbx_struct_conn_angle.ptnr3_label_alt_id 
_pdbx_struct_conn_angle.ptnr3_label_asym_id 
_pdbx_struct_conn_angle.ptnr3_label_comp_id 
_pdbx_struct_conn_angle.ptnr3_label_seq_id 
_pdbx_struct_conn_angle.ptnr3_auth_atom_id 
_pdbx_struct_conn_angle.ptnr3_auth_asym_id 
_pdbx_struct_conn_angle.ptnr3_auth_comp_id 
_pdbx_struct_conn_angle.ptnr3_auth_seq_id 
_pdbx_struct_conn_angle.ptnr3_PDB_ins_code 
_pdbx_struct_conn_angle.ptnr3_symmetry 
_pdbx_struct_conn_angle.value 
_pdbx_struct_conn_angle.value_esd 
1  OE1 ? A GLU 93  ? A GLU 93  ? 1_555 CA ? C CA . ? A CA 201 ? 1_555 OD1 ? A ASN 95  ? A ASN 95  ? 1_555 76.1  ? 
2  OE1 ? A GLU 93  ? A GLU 93  ? 1_555 CA ? C CA . ? A CA 201 ? 1_555 OE1 ? A GLU 101 ? A GLU 101 ? 1_555 144.0 ? 
3  OD1 ? A ASN 95  ? A ASN 95  ? 1_555 CA ? C CA . ? A CA 201 ? 1_555 OE1 ? A GLU 101 ? A GLU 101 ? 1_555 71.7  ? 
4  OE1 ? A GLU 93  ? A GLU 93  ? 1_555 CA ? C CA . ? A CA 201 ? 1_555 OD1 ? A ASN 112 ? A ASN 112 ? 1_555 67.2  ? 
5  OD1 ? A ASN 95  ? A ASN 95  ? 1_555 CA ? C CA . ? A CA 201 ? 1_555 OD1 ? A ASN 112 ? A ASN 112 ? 1_555 142.5 ? 
6  OE1 ? A GLU 101 ? A GLU 101 ? 1_555 CA ? C CA . ? A CA 201 ? 1_555 OD1 ? A ASN 112 ? A ASN 112 ? 1_555 145.6 ? 
7  OE1 ? A GLU 93  ? A GLU 93  ? 1_555 CA ? C CA . ? A CA 201 ? 1_555 O   ? A ASP 113 ? A ASP 113 ? 1_555 134.6 ? 
8  OD1 ? A ASN 95  ? A ASN 95  ? 1_555 CA ? C CA . ? A CA 201 ? 1_555 O   ? A ASP 113 ? A ASP 113 ? 1_555 137.9 ? 
9  OE1 ? A GLU 101 ? A GLU 101 ? 1_555 CA ? C CA . ? A CA 201 ? 1_555 O   ? A ASP 113 ? A ASP 113 ? 1_555 68.6  ? 
10 OD1 ? A ASN 112 ? A ASN 112 ? 1_555 CA ? C CA . ? A CA 201 ? 1_555 O   ? A ASP 113 ? A ASP 113 ? 1_555 77.4  ? 
11 OE1 ? A GLU 93  ? A GLU 93  ? 1_555 CA ? C CA . ? A CA 201 ? 1_555 OD1 ? A ASP 113 ? A ASP 113 ? 1_555 79.0  ? 
12 OD1 ? A ASN 95  ? A ASN 95  ? 1_555 CA ? C CA . ? A CA 201 ? 1_555 OD1 ? A ASP 113 ? A ASP 113 ? 1_555 91.4  ? 
13 OE1 ? A GLU 101 ? A GLU 101 ? 1_555 CA ? C CA . ? A CA 201 ? 1_555 OD1 ? A ASP 113 ? A ASP 113 ? 1_555 86.0  ? 
14 OD1 ? A ASN 112 ? A ASN 112 ? 1_555 CA ? C CA . ? A CA 201 ? 1_555 OD1 ? A ASP 113 ? A ASP 113 ? 1_555 89.0  ? 
15 O   ? A ASP 113 ? A ASP 113 ? 1_555 CA ? C CA . ? A CA 201 ? 1_555 OD1 ? A ASP 113 ? A ASP 113 ? 1_555 72.6  ? 
16 OE1 ? A GLU 93  ? A GLU 93  ? 1_555 CA ? C CA . ? A CA 201 ? 1_555 O3  ? B MAN .   ? B MAN 6   ? 1_555 75.7  ? 
17 OD1 ? A ASN 95  ? A ASN 95  ? 1_555 CA ? C CA . ? A CA 201 ? 1_555 O3  ? B MAN .   ? B MAN 6   ? 1_555 77.6  ? 
18 OE1 ? A GLU 101 ? A GLU 101 ? 1_555 CA ? C CA . ? A CA 201 ? 1_555 O3  ? B MAN .   ? B MAN 6   ? 1_555 111.8 ? 
19 OD1 ? A ASN 112 ? A ASN 112 ? 1_555 CA ? C CA . ? A CA 201 ? 1_555 O3  ? B MAN .   ? B MAN 6   ? 1_555 86.0  ? 
20 O   ? A ASP 113 ? A ASP 113 ? 1_555 CA ? C CA . ? A CA 201 ? 1_555 O3  ? B MAN .   ? B MAN 6   ? 1_555 130.3 ? 
21 OD1 ? A ASP 113 ? A ASP 113 ? 1_555 CA ? C CA . ? A CA 201 ? 1_555 O3  ? B MAN .   ? B MAN 6   ? 1_555 154.2 ? 
22 OE1 ? A GLU 93  ? A GLU 93  ? 1_555 CA ? C CA . ? A CA 201 ? 1_555 O4  ? B MAN .   ? B MAN 6   ? 1_555 133.2 ? 
23 OD1 ? A ASN 95  ? A ASN 95  ? 1_555 CA ? C CA . ? A CA 201 ? 1_555 O4  ? B MAN .   ? B MAN 6   ? 1_555 118.5 ? 
24 OE1 ? A GLU 101 ? A GLU 101 ? 1_555 CA ? C CA . ? A CA 201 ? 1_555 O4  ? B MAN .   ? B MAN 6   ? 1_555 77.9  ? 
25 OD1 ? A ASN 112 ? A ASN 112 ? 1_555 CA ? C CA . ? A CA 201 ? 1_555 O4  ? B MAN .   ? B MAN 6   ? 1_555 83.7  ? 
26 O   ? A ASP 113 ? A ASP 113 ? 1_555 CA ? C CA . ? A CA 201 ? 1_555 O4  ? B MAN .   ? B MAN 6   ? 1_555 65.7  ? 
27 OD1 ? A ASP 113 ? A ASP 113 ? 1_555 CA ? C CA . ? A CA 201 ? 1_555 O4  ? B MAN .   ? B MAN 6   ? 1_555 138.3 ? 
28 O3  ? B MAN .   ? B MAN 6   ? 1_555 CA ? C CA . ? A CA 201 ? 1_555 O4  ? B MAN .   ? B MAN 6   ? 1_555 66.1  ? 
# 
loop_
_pdbx_audit_revision_history.ordinal 
_pdbx_audit_revision_history.data_content_type 
_pdbx_audit_revision_history.major_revision 
_pdbx_audit_revision_history.minor_revision 
_pdbx_audit_revision_history.revision_date 
1 'Structure model' 1 0 2008-08-05 
2 'Structure model' 1 1 2011-05-08 
3 'Structure model' 1 2 2011-07-13 
4 'Structure model' 1 3 2017-07-12 
5 'Structure model' 2 0 2020-07-29 
6 'Structure model' 2 1 2023-12-13 
# 
loop_
_pdbx_audit_revision_details.ordinal 
_pdbx_audit_revision_details.revision_ordinal 
_pdbx_audit_revision_details.data_content_type 
_pdbx_audit_revision_details.provider 
_pdbx_audit_revision_details.type 
_pdbx_audit_revision_details.description 
_pdbx_audit_revision_details.details 
1 1 'Structure model' repository 'Initial release' ?                          ? 
2 5 'Structure model' repository Remediation       'Carbohydrate remediation' ? 
# 
loop_
_pdbx_audit_revision_group.ordinal 
_pdbx_audit_revision_group.revision_ordinal 
_pdbx_audit_revision_group.data_content_type 
_pdbx_audit_revision_group.group 
1  2 'Structure model' 'Version format compliance' 
2  3 'Structure model' 'Version format compliance' 
3  4 'Structure model' 'Derived calculations'      
4  5 'Structure model' 'Atomic model'              
5  5 'Structure model' 'Data collection'           
6  5 'Structure model' 'Derived calculations'      
7  5 'Structure model' Other                       
8  5 'Structure model' 'Structure summary'         
9  6 'Structure model' 'Data collection'           
10 6 'Structure model' 'Database references'       
11 6 'Structure model' 'Derived calculations'      
12 6 'Structure model' 'Refinement description'    
13 6 'Structure model' 'Structure summary'         
# 
loop_
_pdbx_audit_revision_category.ordinal 
_pdbx_audit_revision_category.revision_ordinal 
_pdbx_audit_revision_category.data_content_type 
_pdbx_audit_revision_category.category 
1  4 'Structure model' pdbx_struct_conn_angle        
2  4 'Structure model' struct_conn                   
3  5 'Structure model' atom_site                     
4  5 'Structure model' chem_comp                     
5  5 'Structure model' entity                        
6  5 'Structure model' pdbx_branch_scheme            
7  5 'Structure model' pdbx_chem_comp_identifier     
8  5 'Structure model' pdbx_database_status          
9  5 'Structure model' pdbx_entity_branch            
10 5 'Structure model' pdbx_entity_branch_descriptor 
11 5 'Structure model' pdbx_entity_branch_link       
12 5 'Structure model' pdbx_entity_branch_list       
13 5 'Structure model' pdbx_entity_nonpoly           
14 5 'Structure model' pdbx_nonpoly_scheme           
15 5 'Structure model' pdbx_struct_assembly_gen      
16 5 'Structure model' pdbx_struct_conn_angle        
17 5 'Structure model' pdbx_struct_special_symmetry  
18 5 'Structure model' struct_asym                   
19 5 'Structure model' struct_conn                   
20 5 'Structure model' struct_site                   
21 5 'Structure model' struct_site_gen               
22 6 'Structure model' chem_comp                     
23 6 'Structure model' chem_comp_atom                
24 6 'Structure model' chem_comp_bond                
25 6 'Structure model' database_2                    
26 6 'Structure model' pdbx_initial_refinement_model 
27 6 'Structure model' struct_conn                   
# 
loop_
_pdbx_audit_revision_item.ordinal 
_pdbx_audit_revision_item.revision_ordinal 
_pdbx_audit_revision_item.data_content_type 
_pdbx_audit_revision_item.item 
1  4 'Structure model' '_pdbx_struct_conn_angle.ptnr1_auth_comp_id'  
2  4 'Structure model' '_pdbx_struct_conn_angle.ptnr1_auth_seq_id'   
3  4 'Structure model' '_pdbx_struct_conn_angle.ptnr1_label_asym_id' 
4  4 'Structure model' '_pdbx_struct_conn_angle.ptnr1_label_atom_id' 
5  4 'Structure model' '_pdbx_struct_conn_angle.ptnr1_label_comp_id' 
6  4 'Structure model' '_pdbx_struct_conn_angle.ptnr1_label_seq_id'  
7  4 'Structure model' '_pdbx_struct_conn_angle.ptnr3_auth_comp_id'  
8  4 'Structure model' '_pdbx_struct_conn_angle.ptnr3_auth_seq_id'   
9  4 'Structure model' '_pdbx_struct_conn_angle.ptnr3_label_asym_id' 
10 4 'Structure model' '_pdbx_struct_conn_angle.ptnr3_label_atom_id' 
11 4 'Structure model' '_pdbx_struct_conn_angle.ptnr3_label_comp_id' 
12 4 'Structure model' '_pdbx_struct_conn_angle.ptnr3_label_seq_id'  
13 4 'Structure model' '_pdbx_struct_conn_angle.value'               
14 4 'Structure model' '_struct_conn.pdbx_dist_value'                
15 4 'Structure model' '_struct_conn.pdbx_leaving_atom_flag'         
16 4 'Structure model' '_struct_conn.ptnr1_auth_comp_id'             
17 4 'Structure model' '_struct_conn.ptnr1_auth_seq_id'              
18 4 'Structure model' '_struct_conn.ptnr1_label_asym_id'            
19 4 'Structure model' '_struct_conn.ptnr1_label_atom_id'            
20 4 'Structure model' '_struct_conn.ptnr1_label_comp_id'            
21 4 'Structure model' '_struct_conn.ptnr1_label_seq_id'             
22 4 'Structure model' '_struct_conn.ptnr2_auth_comp_id'             
23 4 'Structure model' '_struct_conn.ptnr2_auth_seq_id'              
24 4 'Structure model' '_struct_conn.ptnr2_label_asym_id'            
25 4 'Structure model' '_struct_conn.ptnr2_label_atom_id'            
26 4 'Structure model' '_struct_conn.ptnr2_label_comp_id'            
27 4 'Structure model' '_struct_conn.ptnr2_label_seq_id'             
28 4 'Structure model' '_struct_conn.ptnr2_symmetry'                 
29 5 'Structure model' '_atom_site.B_iso_or_equiv'                   
30 5 'Structure model' '_atom_site.Cartn_x'                          
31 5 'Structure model' '_atom_site.Cartn_y'                          
32 5 'Structure model' '_atom_site.Cartn_z'                          
33 5 'Structure model' '_atom_site.auth_asym_id'                     
34 5 'Structure model' '_atom_site.auth_atom_id'                     
35 5 'Structure model' '_atom_site.auth_comp_id'                     
36 5 'Structure model' '_atom_site.auth_seq_id'                      
37 5 'Structure model' '_atom_site.label_asym_id'                    
38 5 'Structure model' '_atom_site.label_atom_id'                    
39 5 'Structure model' '_atom_site.label_comp_id'                    
40 5 'Structure model' '_atom_site.label_entity_id'                  
41 5 'Structure model' '_atom_site.type_symbol'                      
42 5 'Structure model' '_chem_comp.name'                             
43 5 'Structure model' '_chem_comp.type'                             
44 5 'Structure model' '_pdbx_database_status.status_code_sf'        
45 5 'Structure model' '_pdbx_struct_assembly_gen.asym_id_list'      
46 5 'Structure model' '_pdbx_struct_conn_angle.ptnr1_auth_asym_id'  
47 5 'Structure model' '_pdbx_struct_conn_angle.ptnr1_auth_seq_id'   
48 5 'Structure model' '_pdbx_struct_conn_angle.ptnr1_label_asym_id' 
49 5 'Structure model' '_pdbx_struct_conn_angle.ptnr2_label_asym_id' 
50 5 'Structure model' '_pdbx_struct_conn_angle.ptnr3_auth_asym_id'  
51 5 'Structure model' '_pdbx_struct_conn_angle.ptnr3_auth_seq_id'   
52 5 'Structure model' '_pdbx_struct_conn_angle.ptnr3_label_asym_id' 
53 5 'Structure model' '_pdbx_struct_special_symmetry.label_asym_id' 
54 5 'Structure model' '_struct_conn.conn_type_id'                   
55 5 'Structure model' '_struct_conn.id'                             
56 5 'Structure model' '_struct_conn.pdbx_dist_value'                
57 5 'Structure model' '_struct_conn.pdbx_leaving_atom_flag'         
58 5 'Structure model' '_struct_conn.ptnr1_auth_asym_id'             
59 5 'Structure model' '_struct_conn.ptnr1_auth_comp_id'             
60 5 'Structure model' '_struct_conn.ptnr1_auth_seq_id'              
61 5 'Structure model' '_struct_conn.ptnr1_label_asym_id'            
62 5 'Structure model' '_struct_conn.ptnr1_label_atom_id'            
63 5 'Structure model' '_struct_conn.ptnr1_label_comp_id'            
64 5 'Structure model' '_struct_conn.ptnr1_label_seq_id'             
65 5 'Structure model' '_struct_conn.ptnr2_auth_asym_id'             
66 5 'Structure model' '_struct_conn.ptnr2_auth_comp_id'             
67 5 'Structure model' '_struct_conn.ptnr2_auth_seq_id'              
68 5 'Structure model' '_struct_conn.ptnr2_label_asym_id'            
69 5 'Structure model' '_struct_conn.ptnr2_label_atom_id'            
70 5 'Structure model' '_struct_conn.ptnr2_label_comp_id'            
71 5 'Structure model' '_struct_conn.ptnr2_label_seq_id'             
72 5 'Structure model' '_struct_conn.ptnr2_symmetry'                 
73 6 'Structure model' '_chem_comp.pdbx_synonyms'                    
74 6 'Structure model' '_database_2.pdbx_DOI'                        
75 6 'Structure model' '_database_2.pdbx_database_accession'         
76 6 'Structure model' '_struct_conn.pdbx_leaving_atom_flag'         
# 
loop_
_software.name 
_software.classification 
_software.version 
_software.citation_id 
_software.pdbx_ordinal 
REFMAC refinement       5.2.0019 ? 1 
MOSFLM 'data reduction' .        ? 2 
SCALA  'data scaling'   .        ? 3 
MOLREP phasing          .        ? 4 
# 
_pdbx_validate_rmsd_angle.id                         1 
_pdbx_validate_rmsd_angle.PDB_model_num              1 
_pdbx_validate_rmsd_angle.auth_atom_id_1             NE 
_pdbx_validate_rmsd_angle.auth_asym_id_1             A 
_pdbx_validate_rmsd_angle.auth_comp_id_1             ARG 
_pdbx_validate_rmsd_angle.auth_seq_id_1              115 
_pdbx_validate_rmsd_angle.PDB_ins_code_1             ? 
_pdbx_validate_rmsd_angle.label_alt_id_1             ? 
_pdbx_validate_rmsd_angle.auth_atom_id_2             CZ 
_pdbx_validate_rmsd_angle.auth_asym_id_2             A 
_pdbx_validate_rmsd_angle.auth_comp_id_2             ARG 
_pdbx_validate_rmsd_angle.auth_seq_id_2              115 
_pdbx_validate_rmsd_angle.PDB_ins_code_2             ? 
_pdbx_validate_rmsd_angle.label_alt_id_2             ? 
_pdbx_validate_rmsd_angle.auth_atom_id_3             NH1 
_pdbx_validate_rmsd_angle.auth_asym_id_3             A 
_pdbx_validate_rmsd_angle.auth_comp_id_3             ARG 
_pdbx_validate_rmsd_angle.auth_seq_id_3              115 
_pdbx_validate_rmsd_angle.PDB_ins_code_3             ? 
_pdbx_validate_rmsd_angle.label_alt_id_3             ? 
_pdbx_validate_rmsd_angle.angle_value                123.79 
_pdbx_validate_rmsd_angle.angle_target_value         120.30 
_pdbx_validate_rmsd_angle.angle_deviation            3.49 
_pdbx_validate_rmsd_angle.angle_standard_deviation   0.50 
_pdbx_validate_rmsd_angle.linker_flag                N 
# 
loop_
_pdbx_validate_torsion.id 
_pdbx_validate_torsion.PDB_model_num 
_pdbx_validate_torsion.auth_comp_id 
_pdbx_validate_torsion.auth_asym_id 
_pdbx_validate_torsion.auth_seq_id 
_pdbx_validate_torsion.PDB_ins_code 
_pdbx_validate_torsion.label_alt_id 
_pdbx_validate_torsion.phi 
_pdbx_validate_torsion.psi 
1 1 LEU A 10 ? ? 37.28   -117.11 
2 1 ASP A 85 ? ? -111.23 -71.33  
3 1 ARG A 88 ? ? -143.05 32.07   
# 
loop_
_chem_comp_atom.comp_id 
_chem_comp_atom.atom_id 
_chem_comp_atom.type_symbol 
_chem_comp_atom.pdbx_aromatic_flag 
_chem_comp_atom.pdbx_stereo_config 
_chem_comp_atom.pdbx_ordinal 
ALA N    N  N N 1   
ALA CA   C  N S 2   
ALA C    C  N N 3   
ALA O    O  N N 4   
ALA CB   C  N N 5   
ALA OXT  O  N N 6   
ALA H    H  N N 7   
ALA H2   H  N N 8   
ALA HA   H  N N 9   
ALA HB1  H  N N 10  
ALA HB2  H  N N 11  
ALA HB3  H  N N 12  
ALA HXT  H  N N 13  
ARG N    N  N N 14  
ARG CA   C  N S 15  
ARG C    C  N N 16  
ARG O    O  N N 17  
ARG CB   C  N N 18  
ARG CG   C  N N 19  
ARG CD   C  N N 20  
ARG NE   N  N N 21  
ARG CZ   C  N N 22  
ARG NH1  N  N N 23  
ARG NH2  N  N N 24  
ARG OXT  O  N N 25  
ARG H    H  N N 26  
ARG H2   H  N N 27  
ARG HA   H  N N 28  
ARG HB2  H  N N 29  
ARG HB3  H  N N 30  
ARG HG2  H  N N 31  
ARG HG3  H  N N 32  
ARG HD2  H  N N 33  
ARG HD3  H  N N 34  
ARG HE   H  N N 35  
ARG HH11 H  N N 36  
ARG HH12 H  N N 37  
ARG HH21 H  N N 38  
ARG HH22 H  N N 39  
ARG HXT  H  N N 40  
ASN N    N  N N 41  
ASN CA   C  N S 42  
ASN C    C  N N 43  
ASN O    O  N N 44  
ASN CB   C  N N 45  
ASN CG   C  N N 46  
ASN OD1  O  N N 47  
ASN ND2  N  N N 48  
ASN OXT  O  N N 49  
ASN H    H  N N 50  
ASN H2   H  N N 51  
ASN HA   H  N N 52  
ASN HB2  H  N N 53  
ASN HB3  H  N N 54  
ASN HD21 H  N N 55  
ASN HD22 H  N N 56  
ASN HXT  H  N N 57  
ASP N    N  N N 58  
ASP CA   C  N S 59  
ASP C    C  N N 60  
ASP O    O  N N 61  
ASP CB   C  N N 62  
ASP CG   C  N N 63  
ASP OD1  O  N N 64  
ASP OD2  O  N N 65  
ASP OXT  O  N N 66  
ASP H    H  N N 67  
ASP H2   H  N N 68  
ASP HA   H  N N 69  
ASP HB2  H  N N 70  
ASP HB3  H  N N 71  
ASP HD2  H  N N 72  
ASP HXT  H  N N 73  
BMA C1   C  N R 74  
BMA C2   C  N S 75  
BMA C3   C  N S 76  
BMA C4   C  N S 77  
BMA C5   C  N R 78  
BMA C6   C  N N 79  
BMA O1   O  N N 80  
BMA O2   O  N N 81  
BMA O3   O  N N 82  
BMA O4   O  N N 83  
BMA O5   O  N N 84  
BMA O6   O  N N 85  
BMA H1   H  N N 86  
BMA H2   H  N N 87  
BMA H3   H  N N 88  
BMA H4   H  N N 89  
BMA H5   H  N N 90  
BMA H61  H  N N 91  
BMA H62  H  N N 92  
BMA HO1  H  N N 93  
BMA HO2  H  N N 94  
BMA HO3  H  N N 95  
BMA HO4  H  N N 96  
BMA HO6  H  N N 97  
CA  CA   CA N N 98  
CYS N    N  N N 99  
CYS CA   C  N R 100 
CYS C    C  N N 101 
CYS O    O  N N 102 
CYS CB   C  N N 103 
CYS SG   S  N N 104 
CYS OXT  O  N N 105 
CYS H    H  N N 106 
CYS H2   H  N N 107 
CYS HA   H  N N 108 
CYS HB2  H  N N 109 
CYS HB3  H  N N 110 
CYS HG   H  N N 111 
CYS HXT  H  N N 112 
GLN N    N  N N 113 
GLN CA   C  N S 114 
GLN C    C  N N 115 
GLN O    O  N N 116 
GLN CB   C  N N 117 
GLN CG   C  N N 118 
GLN CD   C  N N 119 
GLN OE1  O  N N 120 
GLN NE2  N  N N 121 
GLN OXT  O  N N 122 
GLN H    H  N N 123 
GLN H2   H  N N 124 
GLN HA   H  N N 125 
GLN HB2  H  N N 126 
GLN HB3  H  N N 127 
GLN HG2  H  N N 128 
GLN HG3  H  N N 129 
GLN HE21 H  N N 130 
GLN HE22 H  N N 131 
GLN HXT  H  N N 132 
GLU N    N  N N 133 
GLU CA   C  N S 134 
GLU C    C  N N 135 
GLU O    O  N N 136 
GLU CB   C  N N 137 
GLU CG   C  N N 138 
GLU CD   C  N N 139 
GLU OE1  O  N N 140 
GLU OE2  O  N N 141 
GLU OXT  O  N N 142 
GLU H    H  N N 143 
GLU H2   H  N N 144 
GLU HA   H  N N 145 
GLU HB2  H  N N 146 
GLU HB3  H  N N 147 
GLU HG2  H  N N 148 
GLU HG3  H  N N 149 
GLU HE2  H  N N 150 
GLU HXT  H  N N 151 
GLY N    N  N N 152 
GLY CA   C  N N 153 
GLY C    C  N N 154 
GLY O    O  N N 155 
GLY OXT  O  N N 156 
GLY H    H  N N 157 
GLY H2   H  N N 158 
GLY HA2  H  N N 159 
GLY HA3  H  N N 160 
GLY HXT  H  N N 161 
GOL C1   C  N N 162 
GOL O1   O  N N 163 
GOL C2   C  N N 164 
GOL O2   O  N N 165 
GOL C3   C  N N 166 
GOL O3   O  N N 167 
GOL H11  H  N N 168 
GOL H12  H  N N 169 
GOL HO1  H  N N 170 
GOL H2   H  N N 171 
GOL HO2  H  N N 172 
GOL H31  H  N N 173 
GOL H32  H  N N 174 
GOL HO3  H  N N 175 
HIS N    N  N N 176 
HIS CA   C  N S 177 
HIS C    C  N N 178 
HIS O    O  N N 179 
HIS CB   C  N N 180 
HIS CG   C  Y N 181 
HIS ND1  N  Y N 182 
HIS CD2  C  Y N 183 
HIS CE1  C  Y N 184 
HIS NE2  N  Y N 185 
HIS OXT  O  N N 186 
HIS H    H  N N 187 
HIS H2   H  N N 188 
HIS HA   H  N N 189 
HIS HB2  H  N N 190 
HIS HB3  H  N N 191 
HIS HD1  H  N N 192 
HIS HD2  H  N N 193 
HIS HE1  H  N N 194 
HIS HE2  H  N N 195 
HIS HXT  H  N N 196 
HOH O    O  N N 197 
HOH H1   H  N N 198 
HOH H2   H  N N 199 
HYP N    N  N N 200 
HYP CA   C  N S 201 
HYP C    C  N N 202 
HYP O    O  N N 203 
HYP CB   C  N N 204 
HYP CG   C  N R 205 
HYP CD   C  N N 206 
HYP OD1  O  N N 207 
HYP OXT  O  N N 208 
HYP H    H  N N 209 
HYP HA   H  N N 210 
HYP HB2  H  N N 211 
HYP HB3  H  N N 212 
HYP HG   H  N N 213 
HYP HD22 H  N N 214 
HYP HD23 H  N N 215 
HYP HD1  H  N N 216 
HYP HXT  H  N N 217 
ILE N    N  N N 218 
ILE CA   C  N S 219 
ILE C    C  N N 220 
ILE O    O  N N 221 
ILE CB   C  N S 222 
ILE CG1  C  N N 223 
ILE CG2  C  N N 224 
ILE CD1  C  N N 225 
ILE OXT  O  N N 226 
ILE H    H  N N 227 
ILE H2   H  N N 228 
ILE HA   H  N N 229 
ILE HB   H  N N 230 
ILE HG12 H  N N 231 
ILE HG13 H  N N 232 
ILE HG21 H  N N 233 
ILE HG22 H  N N 234 
ILE HG23 H  N N 235 
ILE HD11 H  N N 236 
ILE HD12 H  N N 237 
ILE HD13 H  N N 238 
ILE HXT  H  N N 239 
LEU N    N  N N 240 
LEU CA   C  N S 241 
LEU C    C  N N 242 
LEU O    O  N N 243 
LEU CB   C  N N 244 
LEU CG   C  N N 245 
LEU CD1  C  N N 246 
LEU CD2  C  N N 247 
LEU OXT  O  N N 248 
LEU H    H  N N 249 
LEU H2   H  N N 250 
LEU HA   H  N N 251 
LEU HB2  H  N N 252 
LEU HB3  H  N N 253 
LEU HG   H  N N 254 
LEU HD11 H  N N 255 
LEU HD12 H  N N 256 
LEU HD13 H  N N 257 
LEU HD21 H  N N 258 
LEU HD22 H  N N 259 
LEU HD23 H  N N 260 
LEU HXT  H  N N 261 
LYS N    N  N N 262 
LYS CA   C  N S 263 
LYS C    C  N N 264 
LYS O    O  N N 265 
LYS CB   C  N N 266 
LYS CG   C  N N 267 
LYS CD   C  N N 268 
LYS CE   C  N N 269 
LYS NZ   N  N N 270 
LYS OXT  O  N N 271 
LYS H    H  N N 272 
LYS H2   H  N N 273 
LYS HA   H  N N 274 
LYS HB2  H  N N 275 
LYS HB3  H  N N 276 
LYS HG2  H  N N 277 
LYS HG3  H  N N 278 
LYS HD2  H  N N 279 
LYS HD3  H  N N 280 
LYS HE2  H  N N 281 
LYS HE3  H  N N 282 
LYS HZ1  H  N N 283 
LYS HZ2  H  N N 284 
LYS HZ3  H  N N 285 
LYS HXT  H  N N 286 
MAN C1   C  N S 287 
MAN C2   C  N S 288 
MAN C3   C  N S 289 
MAN C4   C  N S 290 
MAN C5   C  N R 291 
MAN C6   C  N N 292 
MAN O1   O  N N 293 
MAN O2   O  N N 294 
MAN O3   O  N N 295 
MAN O4   O  N N 296 
MAN O5   O  N N 297 
MAN O6   O  N N 298 
MAN H1   H  N N 299 
MAN H2   H  N N 300 
MAN H3   H  N N 301 
MAN H4   H  N N 302 
MAN H5   H  N N 303 
MAN H61  H  N N 304 
MAN H62  H  N N 305 
MAN HO1  H  N N 306 
MAN HO2  H  N N 307 
MAN HO3  H  N N 308 
MAN HO4  H  N N 309 
MAN HO6  H  N N 310 
MET N    N  N N 311 
MET CA   C  N S 312 
MET C    C  N N 313 
MET O    O  N N 314 
MET CB   C  N N 315 
MET CG   C  N N 316 
MET SD   S  N N 317 
MET CE   C  N N 318 
MET OXT  O  N N 319 
MET H    H  N N 320 
MET H2   H  N N 321 
MET HA   H  N N 322 
MET HB2  H  N N 323 
MET HB3  H  N N 324 
MET HG2  H  N N 325 
MET HG3  H  N N 326 
MET HE1  H  N N 327 
MET HE2  H  N N 328 
MET HE3  H  N N 329 
MET HXT  H  N N 330 
NAG C1   C  N R 331 
NAG C2   C  N R 332 
NAG C3   C  N R 333 
NAG C4   C  N S 334 
NAG C5   C  N R 335 
NAG C6   C  N N 336 
NAG C7   C  N N 337 
NAG C8   C  N N 338 
NAG N2   N  N N 339 
NAG O1   O  N N 340 
NAG O3   O  N N 341 
NAG O4   O  N N 342 
NAG O5   O  N N 343 
NAG O6   O  N N 344 
NAG O7   O  N N 345 
NAG H1   H  N N 346 
NAG H2   H  N N 347 
NAG H3   H  N N 348 
NAG H4   H  N N 349 
NAG H5   H  N N 350 
NAG H61  H  N N 351 
NAG H62  H  N N 352 
NAG H81  H  N N 353 
NAG H82  H  N N 354 
NAG H83  H  N N 355 
NAG HN2  H  N N 356 
NAG HO1  H  N N 357 
NAG HO3  H  N N 358 
NAG HO4  H  N N 359 
NAG HO6  H  N N 360 
PHE N    N  N N 361 
PHE CA   C  N S 362 
PHE C    C  N N 363 
PHE O    O  N N 364 
PHE CB   C  N N 365 
PHE CG   C  Y N 366 
PHE CD1  C  Y N 367 
PHE CD2  C  Y N 368 
PHE CE1  C  Y N 369 
PHE CE2  C  Y N 370 
PHE CZ   C  Y N 371 
PHE OXT  O  N N 372 
PHE H    H  N N 373 
PHE H2   H  N N 374 
PHE HA   H  N N 375 
PHE HB2  H  N N 376 
PHE HB3  H  N N 377 
PHE HD1  H  N N 378 
PHE HD2  H  N N 379 
PHE HE1  H  N N 380 
PHE HE2  H  N N 381 
PHE HZ   H  N N 382 
PHE HXT  H  N N 383 
PRO N    N  N N 384 
PRO CA   C  N S 385 
PRO C    C  N N 386 
PRO O    O  N N 387 
PRO CB   C  N N 388 
PRO CG   C  N N 389 
PRO CD   C  N N 390 
PRO OXT  O  N N 391 
PRO H    H  N N 392 
PRO HA   H  N N 393 
PRO HB2  H  N N 394 
PRO HB3  H  N N 395 
PRO HG2  H  N N 396 
PRO HG3  H  N N 397 
PRO HD2  H  N N 398 
PRO HD3  H  N N 399 
PRO HXT  H  N N 400 
SER N    N  N N 401 
SER CA   C  N S 402 
SER C    C  N N 403 
SER O    O  N N 404 
SER CB   C  N N 405 
SER OG   O  N N 406 
SER OXT  O  N N 407 
SER H    H  N N 408 
SER H2   H  N N 409 
SER HA   H  N N 410 
SER HB2  H  N N 411 
SER HB3  H  N N 412 
SER HG   H  N N 413 
SER HXT  H  N N 414 
THR N    N  N N 415 
THR CA   C  N S 416 
THR C    C  N N 417 
THR O    O  N N 418 
THR CB   C  N R 419 
THR OG1  O  N N 420 
THR CG2  C  N N 421 
THR OXT  O  N N 422 
THR H    H  N N 423 
THR H2   H  N N 424 
THR HA   H  N N 425 
THR HB   H  N N 426 
THR HG1  H  N N 427 
THR HG21 H  N N 428 
THR HG22 H  N N 429 
THR HG23 H  N N 430 
THR HXT  H  N N 431 
TRP N    N  N N 432 
TRP CA   C  N S 433 
TRP C    C  N N 434 
TRP O    O  N N 435 
TRP CB   C  N N 436 
TRP CG   C  Y N 437 
TRP CD1  C  Y N 438 
TRP CD2  C  Y N 439 
TRP NE1  N  Y N 440 
TRP CE2  C  Y N 441 
TRP CE3  C  Y N 442 
TRP CZ2  C  Y N 443 
TRP CZ3  C  Y N 444 
TRP CH2  C  Y N 445 
TRP OXT  O  N N 446 
TRP H    H  N N 447 
TRP H2   H  N N 448 
TRP HA   H  N N 449 
TRP HB2  H  N N 450 
TRP HB3  H  N N 451 
TRP HD1  H  N N 452 
TRP HE1  H  N N 453 
TRP HE3  H  N N 454 
TRP HZ2  H  N N 455 
TRP HZ3  H  N N 456 
TRP HH2  H  N N 457 
TRP HXT  H  N N 458 
TYR N    N  N N 459 
TYR CA   C  N S 460 
TYR C    C  N N 461 
TYR O    O  N N 462 
TYR CB   C  N N 463 
TYR CG   C  Y N 464 
TYR CD1  C  Y N 465 
TYR CD2  C  Y N 466 
TYR CE1  C  Y N 467 
TYR CE2  C  Y N 468 
TYR CZ   C  Y N 469 
TYR OH   O  N N 470 
TYR OXT  O  N N 471 
TYR H    H  N N 472 
TYR H2   H  N N 473 
TYR HA   H  N N 474 
TYR HB2  H  N N 475 
TYR HB3  H  N N 476 
TYR HD1  H  N N 477 
TYR HD2  H  N N 478 
TYR HE1  H  N N 479 
TYR HE2  H  N N 480 
TYR HH   H  N N 481 
TYR HXT  H  N N 482 
VAL N    N  N N 483 
VAL CA   C  N S 484 
VAL C    C  N N 485 
VAL O    O  N N 486 
VAL CB   C  N N 487 
VAL CG1  C  N N 488 
VAL CG2  C  N N 489 
VAL OXT  O  N N 490 
VAL H    H  N N 491 
VAL H2   H  N N 492 
VAL HA   H  N N 493 
VAL HB   H  N N 494 
VAL HG11 H  N N 495 
VAL HG12 H  N N 496 
VAL HG13 H  N N 497 
VAL HG21 H  N N 498 
VAL HG22 H  N N 499 
VAL HG23 H  N N 500 
VAL HXT  H  N N 501 
# 
loop_
_chem_comp_bond.comp_id 
_chem_comp_bond.atom_id_1 
_chem_comp_bond.atom_id_2 
_chem_comp_bond.value_order 
_chem_comp_bond.pdbx_aromatic_flag 
_chem_comp_bond.pdbx_stereo_config 
_chem_comp_bond.pdbx_ordinal 
ALA N   CA   sing N N 1   
ALA N   H    sing N N 2   
ALA N   H2   sing N N 3   
ALA CA  C    sing N N 4   
ALA CA  CB   sing N N 5   
ALA CA  HA   sing N N 6   
ALA C   O    doub N N 7   
ALA C   OXT  sing N N 8   
ALA CB  HB1  sing N N 9   
ALA CB  HB2  sing N N 10  
ALA CB  HB3  sing N N 11  
ALA OXT HXT  sing N N 12  
ARG N   CA   sing N N 13  
ARG N   H    sing N N 14  
ARG N   H2   sing N N 15  
ARG CA  C    sing N N 16  
ARG CA  CB   sing N N 17  
ARG CA  HA   sing N N 18  
ARG C   O    doub N N 19  
ARG C   OXT  sing N N 20  
ARG CB  CG   sing N N 21  
ARG CB  HB2  sing N N 22  
ARG CB  HB3  sing N N 23  
ARG CG  CD   sing N N 24  
ARG CG  HG2  sing N N 25  
ARG CG  HG3  sing N N 26  
ARG CD  NE   sing N N 27  
ARG CD  HD2  sing N N 28  
ARG CD  HD3  sing N N 29  
ARG NE  CZ   sing N N 30  
ARG NE  HE   sing N N 31  
ARG CZ  NH1  sing N N 32  
ARG CZ  NH2  doub N N 33  
ARG NH1 HH11 sing N N 34  
ARG NH1 HH12 sing N N 35  
ARG NH2 HH21 sing N N 36  
ARG NH2 HH22 sing N N 37  
ARG OXT HXT  sing N N 38  
ASN N   CA   sing N N 39  
ASN N   H    sing N N 40  
ASN N   H2   sing N N 41  
ASN CA  C    sing N N 42  
ASN CA  CB   sing N N 43  
ASN CA  HA   sing N N 44  
ASN C   O    doub N N 45  
ASN C   OXT  sing N N 46  
ASN CB  CG   sing N N 47  
ASN CB  HB2  sing N N 48  
ASN CB  HB3  sing N N 49  
ASN CG  OD1  doub N N 50  
ASN CG  ND2  sing N N 51  
ASN ND2 HD21 sing N N 52  
ASN ND2 HD22 sing N N 53  
ASN OXT HXT  sing N N 54  
ASP N   CA   sing N N 55  
ASP N   H    sing N N 56  
ASP N   H2   sing N N 57  
ASP CA  C    sing N N 58  
ASP CA  CB   sing N N 59  
ASP CA  HA   sing N N 60  
ASP C   O    doub N N 61  
ASP C   OXT  sing N N 62  
ASP CB  CG   sing N N 63  
ASP CB  HB2  sing N N 64  
ASP CB  HB3  sing N N 65  
ASP CG  OD1  doub N N 66  
ASP CG  OD2  sing N N 67  
ASP OD2 HD2  sing N N 68  
ASP OXT HXT  sing N N 69  
BMA C1  C2   sing N N 70  
BMA C1  O1   sing N N 71  
BMA C1  O5   sing N N 72  
BMA C1  H1   sing N N 73  
BMA C2  C3   sing N N 74  
BMA C2  O2   sing N N 75  
BMA C2  H2   sing N N 76  
BMA C3  C4   sing N N 77  
BMA C3  O3   sing N N 78  
BMA C3  H3   sing N N 79  
BMA C4  C5   sing N N 80  
BMA C4  O4   sing N N 81  
BMA C4  H4   sing N N 82  
BMA C5  C6   sing N N 83  
BMA C5  O5   sing N N 84  
BMA C5  H5   sing N N 85  
BMA C6  O6   sing N N 86  
BMA C6  H61  sing N N 87  
BMA C6  H62  sing N N 88  
BMA O1  HO1  sing N N 89  
BMA O2  HO2  sing N N 90  
BMA O3  HO3  sing N N 91  
BMA O4  HO4  sing N N 92  
BMA O6  HO6  sing N N 93  
CYS N   CA   sing N N 94  
CYS N   H    sing N N 95  
CYS N   H2   sing N N 96  
CYS CA  C    sing N N 97  
CYS CA  CB   sing N N 98  
CYS CA  HA   sing N N 99  
CYS C   O    doub N N 100 
CYS C   OXT  sing N N 101 
CYS CB  SG   sing N N 102 
CYS CB  HB2  sing N N 103 
CYS CB  HB3  sing N N 104 
CYS SG  HG   sing N N 105 
CYS OXT HXT  sing N N 106 
GLN N   CA   sing N N 107 
GLN N   H    sing N N 108 
GLN N   H2   sing N N 109 
GLN CA  C    sing N N 110 
GLN CA  CB   sing N N 111 
GLN CA  HA   sing N N 112 
GLN C   O    doub N N 113 
GLN C   OXT  sing N N 114 
GLN CB  CG   sing N N 115 
GLN CB  HB2  sing N N 116 
GLN CB  HB3  sing N N 117 
GLN CG  CD   sing N N 118 
GLN CG  HG2  sing N N 119 
GLN CG  HG3  sing N N 120 
GLN CD  OE1  doub N N 121 
GLN CD  NE2  sing N N 122 
GLN NE2 HE21 sing N N 123 
GLN NE2 HE22 sing N N 124 
GLN OXT HXT  sing N N 125 
GLU N   CA   sing N N 126 
GLU N   H    sing N N 127 
GLU N   H2   sing N N 128 
GLU CA  C    sing N N 129 
GLU CA  CB   sing N N 130 
GLU CA  HA   sing N N 131 
GLU C   O    doub N N 132 
GLU C   OXT  sing N N 133 
GLU CB  CG   sing N N 134 
GLU CB  HB2  sing N N 135 
GLU CB  HB3  sing N N 136 
GLU CG  CD   sing N N 137 
GLU CG  HG2  sing N N 138 
GLU CG  HG3  sing N N 139 
GLU CD  OE1  doub N N 140 
GLU CD  OE2  sing N N 141 
GLU OE2 HE2  sing N N 142 
GLU OXT HXT  sing N N 143 
GLY N   CA   sing N N 144 
GLY N   H    sing N N 145 
GLY N   H2   sing N N 146 
GLY CA  C    sing N N 147 
GLY CA  HA2  sing N N 148 
GLY CA  HA3  sing N N 149 
GLY C   O    doub N N 150 
GLY C   OXT  sing N N 151 
GLY OXT HXT  sing N N 152 
GOL C1  O1   sing N N 153 
GOL C1  C2   sing N N 154 
GOL C1  H11  sing N N 155 
GOL C1  H12  sing N N 156 
GOL O1  HO1  sing N N 157 
GOL C2  O2   sing N N 158 
GOL C2  C3   sing N N 159 
GOL C2  H2   sing N N 160 
GOL O2  HO2  sing N N 161 
GOL C3  O3   sing N N 162 
GOL C3  H31  sing N N 163 
GOL C3  H32  sing N N 164 
GOL O3  HO3  sing N N 165 
HIS N   CA   sing N N 166 
HIS N   H    sing N N 167 
HIS N   H2   sing N N 168 
HIS CA  C    sing N N 169 
HIS CA  CB   sing N N 170 
HIS CA  HA   sing N N 171 
HIS C   O    doub N N 172 
HIS C   OXT  sing N N 173 
HIS CB  CG   sing N N 174 
HIS CB  HB2  sing N N 175 
HIS CB  HB3  sing N N 176 
HIS CG  ND1  sing Y N 177 
HIS CG  CD2  doub Y N 178 
HIS ND1 CE1  doub Y N 179 
HIS ND1 HD1  sing N N 180 
HIS CD2 NE2  sing Y N 181 
HIS CD2 HD2  sing N N 182 
HIS CE1 NE2  sing Y N 183 
HIS CE1 HE1  sing N N 184 
HIS NE2 HE2  sing N N 185 
HIS OXT HXT  sing N N 186 
HOH O   H1   sing N N 187 
HOH O   H2   sing N N 188 
HYP N   CA   sing N N 189 
HYP N   CD   sing N N 190 
HYP N   H    sing N N 191 
HYP CA  C    sing N N 192 
HYP CA  CB   sing N N 193 
HYP CA  HA   sing N N 194 
HYP C   O    doub N N 195 
HYP C   OXT  sing N N 196 
HYP CB  CG   sing N N 197 
HYP CB  HB2  sing N N 198 
HYP CB  HB3  sing N N 199 
HYP CG  CD   sing N N 200 
HYP CG  OD1  sing N N 201 
HYP CG  HG   sing N N 202 
HYP CD  HD22 sing N N 203 
HYP CD  HD23 sing N N 204 
HYP OD1 HD1  sing N N 205 
HYP OXT HXT  sing N N 206 
ILE N   CA   sing N N 207 
ILE N   H    sing N N 208 
ILE N   H2   sing N N 209 
ILE CA  C    sing N N 210 
ILE CA  CB   sing N N 211 
ILE CA  HA   sing N N 212 
ILE C   O    doub N N 213 
ILE C   OXT  sing N N 214 
ILE CB  CG1  sing N N 215 
ILE CB  CG2  sing N N 216 
ILE CB  HB   sing N N 217 
ILE CG1 CD1  sing N N 218 
ILE CG1 HG12 sing N N 219 
ILE CG1 HG13 sing N N 220 
ILE CG2 HG21 sing N N 221 
ILE CG2 HG22 sing N N 222 
ILE CG2 HG23 sing N N 223 
ILE CD1 HD11 sing N N 224 
ILE CD1 HD12 sing N N 225 
ILE CD1 HD13 sing N N 226 
ILE OXT HXT  sing N N 227 
LEU N   CA   sing N N 228 
LEU N   H    sing N N 229 
LEU N   H2   sing N N 230 
LEU CA  C    sing N N 231 
LEU CA  CB   sing N N 232 
LEU CA  HA   sing N N 233 
LEU C   O    doub N N 234 
LEU C   OXT  sing N N 235 
LEU CB  CG   sing N N 236 
LEU CB  HB2  sing N N 237 
LEU CB  HB3  sing N N 238 
LEU CG  CD1  sing N N 239 
LEU CG  CD2  sing N N 240 
LEU CG  HG   sing N N 241 
LEU CD1 HD11 sing N N 242 
LEU CD1 HD12 sing N N 243 
LEU CD1 HD13 sing N N 244 
LEU CD2 HD21 sing N N 245 
LEU CD2 HD22 sing N N 246 
LEU CD2 HD23 sing N N 247 
LEU OXT HXT  sing N N 248 
LYS N   CA   sing N N 249 
LYS N   H    sing N N 250 
LYS N   H2   sing N N 251 
LYS CA  C    sing N N 252 
LYS CA  CB   sing N N 253 
LYS CA  HA   sing N N 254 
LYS C   O    doub N N 255 
LYS C   OXT  sing N N 256 
LYS CB  CG   sing N N 257 
LYS CB  HB2  sing N N 258 
LYS CB  HB3  sing N N 259 
LYS CG  CD   sing N N 260 
LYS CG  HG2  sing N N 261 
LYS CG  HG3  sing N N 262 
LYS CD  CE   sing N N 263 
LYS CD  HD2  sing N N 264 
LYS CD  HD3  sing N N 265 
LYS CE  NZ   sing N N 266 
LYS CE  HE2  sing N N 267 
LYS CE  HE3  sing N N 268 
LYS NZ  HZ1  sing N N 269 
LYS NZ  HZ2  sing N N 270 
LYS NZ  HZ3  sing N N 271 
LYS OXT HXT  sing N N 272 
MAN C1  C2   sing N N 273 
MAN C1  O1   sing N N 274 
MAN C1  O5   sing N N 275 
MAN C1  H1   sing N N 276 
MAN C2  C3   sing N N 277 
MAN C2  O2   sing N N 278 
MAN C2  H2   sing N N 279 
MAN C3  C4   sing N N 280 
MAN C3  O3   sing N N 281 
MAN C3  H3   sing N N 282 
MAN C4  C5   sing N N 283 
MAN C4  O4   sing N N 284 
MAN C4  H4   sing N N 285 
MAN C5  C6   sing N N 286 
MAN C5  O5   sing N N 287 
MAN C5  H5   sing N N 288 
MAN C6  O6   sing N N 289 
MAN C6  H61  sing N N 290 
MAN C6  H62  sing N N 291 
MAN O1  HO1  sing N N 292 
MAN O2  HO2  sing N N 293 
MAN O3  HO3  sing N N 294 
MAN O4  HO4  sing N N 295 
MAN O6  HO6  sing N N 296 
MET N   CA   sing N N 297 
MET N   H    sing N N 298 
MET N   H2   sing N N 299 
MET CA  C    sing N N 300 
MET CA  CB   sing N N 301 
MET CA  HA   sing N N 302 
MET C   O    doub N N 303 
MET C   OXT  sing N N 304 
MET CB  CG   sing N N 305 
MET CB  HB2  sing N N 306 
MET CB  HB3  sing N N 307 
MET CG  SD   sing N N 308 
MET CG  HG2  sing N N 309 
MET CG  HG3  sing N N 310 
MET SD  CE   sing N N 311 
MET CE  HE1  sing N N 312 
MET CE  HE2  sing N N 313 
MET CE  HE3  sing N N 314 
MET OXT HXT  sing N N 315 
NAG C1  C2   sing N N 316 
NAG C1  O1   sing N N 317 
NAG C1  O5   sing N N 318 
NAG C1  H1   sing N N 319 
NAG C2  C3   sing N N 320 
NAG C2  N2   sing N N 321 
NAG C2  H2   sing N N 322 
NAG C3  C4   sing N N 323 
NAG C3  O3   sing N N 324 
NAG C3  H3   sing N N 325 
NAG C4  C5   sing N N 326 
NAG C4  O4   sing N N 327 
NAG C4  H4   sing N N 328 
NAG C5  C6   sing N N 329 
NAG C5  O5   sing N N 330 
NAG C5  H5   sing N N 331 
NAG C6  O6   sing N N 332 
NAG C6  H61  sing N N 333 
NAG C6  H62  sing N N 334 
NAG C7  C8   sing N N 335 
NAG C7  N2   sing N N 336 
NAG C7  O7   doub N N 337 
NAG C8  H81  sing N N 338 
NAG C8  H82  sing N N 339 
NAG C8  H83  sing N N 340 
NAG N2  HN2  sing N N 341 
NAG O1  HO1  sing N N 342 
NAG O3  HO3  sing N N 343 
NAG O4  HO4  sing N N 344 
NAG O6  HO6  sing N N 345 
PHE N   CA   sing N N 346 
PHE N   H    sing N N 347 
PHE N   H2   sing N N 348 
PHE CA  C    sing N N 349 
PHE CA  CB   sing N N 350 
PHE CA  HA   sing N N 351 
PHE C   O    doub N N 352 
PHE C   OXT  sing N N 353 
PHE CB  CG   sing N N 354 
PHE CB  HB2  sing N N 355 
PHE CB  HB3  sing N N 356 
PHE CG  CD1  doub Y N 357 
PHE CG  CD2  sing Y N 358 
PHE CD1 CE1  sing Y N 359 
PHE CD1 HD1  sing N N 360 
PHE CD2 CE2  doub Y N 361 
PHE CD2 HD2  sing N N 362 
PHE CE1 CZ   doub Y N 363 
PHE CE1 HE1  sing N N 364 
PHE CE2 CZ   sing Y N 365 
PHE CE2 HE2  sing N N 366 
PHE CZ  HZ   sing N N 367 
PHE OXT HXT  sing N N 368 
PRO N   CA   sing N N 369 
PRO N   CD   sing N N 370 
PRO N   H    sing N N 371 
PRO CA  C    sing N N 372 
PRO CA  CB   sing N N 373 
PRO CA  HA   sing N N 374 
PRO C   O    doub N N 375 
PRO C   OXT  sing N N 376 
PRO CB  CG   sing N N 377 
PRO CB  HB2  sing N N 378 
PRO CB  HB3  sing N N 379 
PRO CG  CD   sing N N 380 
PRO CG  HG2  sing N N 381 
PRO CG  HG3  sing N N 382 
PRO CD  HD2  sing N N 383 
PRO CD  HD3  sing N N 384 
PRO OXT HXT  sing N N 385 
SER N   CA   sing N N 386 
SER N   H    sing N N 387 
SER N   H2   sing N N 388 
SER CA  C    sing N N 389 
SER CA  CB   sing N N 390 
SER CA  HA   sing N N 391 
SER C   O    doub N N 392 
SER C   OXT  sing N N 393 
SER CB  OG   sing N N 394 
SER CB  HB2  sing N N 395 
SER CB  HB3  sing N N 396 
SER OG  HG   sing N N 397 
SER OXT HXT  sing N N 398 
THR N   CA   sing N N 399 
THR N   H    sing N N 400 
THR N   H2   sing N N 401 
THR CA  C    sing N N 402 
THR CA  CB   sing N N 403 
THR CA  HA   sing N N 404 
THR C   O    doub N N 405 
THR C   OXT  sing N N 406 
THR CB  OG1  sing N N 407 
THR CB  CG2  sing N N 408 
THR CB  HB   sing N N 409 
THR OG1 HG1  sing N N 410 
THR CG2 HG21 sing N N 411 
THR CG2 HG22 sing N N 412 
THR CG2 HG23 sing N N 413 
THR OXT HXT  sing N N 414 
TRP N   CA   sing N N 415 
TRP N   H    sing N N 416 
TRP N   H2   sing N N 417 
TRP CA  C    sing N N 418 
TRP CA  CB   sing N N 419 
TRP CA  HA   sing N N 420 
TRP C   O    doub N N 421 
TRP C   OXT  sing N N 422 
TRP CB  CG   sing N N 423 
TRP CB  HB2  sing N N 424 
TRP CB  HB3  sing N N 425 
TRP CG  CD1  doub Y N 426 
TRP CG  CD2  sing Y N 427 
TRP CD1 NE1  sing Y N 428 
TRP CD1 HD1  sing N N 429 
TRP CD2 CE2  doub Y N 430 
TRP CD2 CE3  sing Y N 431 
TRP NE1 CE2  sing Y N 432 
TRP NE1 HE1  sing N N 433 
TRP CE2 CZ2  sing Y N 434 
TRP CE3 CZ3  doub Y N 435 
TRP CE3 HE3  sing N N 436 
TRP CZ2 CH2  doub Y N 437 
TRP CZ2 HZ2  sing N N 438 
TRP CZ3 CH2  sing Y N 439 
TRP CZ3 HZ3  sing N N 440 
TRP CH2 HH2  sing N N 441 
TRP OXT HXT  sing N N 442 
TYR N   CA   sing N N 443 
TYR N   H    sing N N 444 
TYR N   H2   sing N N 445 
TYR CA  C    sing N N 446 
TYR CA  CB   sing N N 447 
TYR CA  HA   sing N N 448 
TYR C   O    doub N N 449 
TYR C   OXT  sing N N 450 
TYR CB  CG   sing N N 451 
TYR CB  HB2  sing N N 452 
TYR CB  HB3  sing N N 453 
TYR CG  CD1  doub Y N 454 
TYR CG  CD2  sing Y N 455 
TYR CD1 CE1  sing Y N 456 
TYR CD1 HD1  sing N N 457 
TYR CD2 CE2  doub Y N 458 
TYR CD2 HD2  sing N N 459 
TYR CE1 CZ   doub Y N 460 
TYR CE1 HE1  sing N N 461 
TYR CE2 CZ   sing Y N 462 
TYR CE2 HE2  sing N N 463 
TYR CZ  OH   sing N N 464 
TYR OH  HH   sing N N 465 
TYR OXT HXT  sing N N 466 
VAL N   CA   sing N N 467 
VAL N   H    sing N N 468 
VAL N   H2   sing N N 469 
VAL CA  C    sing N N 470 
VAL CA  CB   sing N N 471 
VAL CA  HA   sing N N 472 
VAL C   O    doub N N 473 
VAL C   OXT  sing N N 474 
VAL CB  CG1  sing N N 475 
VAL CB  CG2  sing N N 476 
VAL CB  HB   sing N N 477 
VAL CG1 HG11 sing N N 478 
VAL CG1 HG12 sing N N 479 
VAL CG1 HG13 sing N N 480 
VAL CG2 HG21 sing N N 481 
VAL CG2 HG22 sing N N 482 
VAL CG2 HG23 sing N N 483 
VAL OXT HXT  sing N N 484 
# 
loop_
_pdbx_branch_scheme.asym_id 
_pdbx_branch_scheme.entity_id 
_pdbx_branch_scheme.mon_id 
_pdbx_branch_scheme.num 
_pdbx_branch_scheme.pdb_asym_id 
_pdbx_branch_scheme.pdb_mon_id 
_pdbx_branch_scheme.pdb_seq_num 
_pdbx_branch_scheme.auth_asym_id 
_pdbx_branch_scheme.auth_mon_id 
_pdbx_branch_scheme.auth_seq_num 
_pdbx_branch_scheme.hetero 
B 2 NAG 1 B NAG 1 A NAG 1139 n 
B 2 NAG 2 B NAG 2 A NAG 1140 n 
B 2 BMA 3 B BMA 3 A BMA 1131 n 
B 2 MAN 4 B MAN 4 A MAN 1132 n 
B 2 NAG 5 B NAG 5 A NAG 1133 n 
B 2 MAN 6 B MAN 6 A MAN 1134 n 
B 2 NAG 7 B NAG 7 A NAG 1135 n 
# 
loop_
_pdbx_chem_comp_identifier.comp_id 
_pdbx_chem_comp_identifier.type 
_pdbx_chem_comp_identifier.program 
_pdbx_chem_comp_identifier.program_version 
_pdbx_chem_comp_identifier.identifier 
BMA 'CONDENSED IUPAC CARBOHYDRATE SYMBOL' GMML     1.0 DManpb                         
BMA 'COMMON NAME'                         GMML     1.0 b-D-mannopyranose              
BMA 'IUPAC CARBOHYDRATE SYMBOL'           PDB-CARE 1.0 b-D-Manp                       
BMA 'SNFG CARBOHYDRATE SYMBOL'            GMML     1.0 Man                            
MAN 'CONDENSED IUPAC CARBOHYDRATE SYMBOL' GMML     1.0 DManpa                         
MAN 'COMMON NAME'                         GMML     1.0 a-D-mannopyranose              
MAN 'IUPAC CARBOHYDRATE SYMBOL'           PDB-CARE 1.0 a-D-Manp                       
MAN 'SNFG CARBOHYDRATE SYMBOL'            GMML     1.0 Man                            
NAG 'CONDENSED IUPAC CARBOHYDRATE SYMBOL' GMML     1.0 DGlcpNAcb                      
NAG 'COMMON NAME'                         GMML     1.0 N-acetyl-b-D-glucopyranosamine 
NAG 'IUPAC CARBOHYDRATE SYMBOL'           PDB-CARE 1.0 b-D-GlcpNAc                    
NAG 'SNFG CARBOHYDRATE SYMBOL'            GMML     1.0 GlcNAc                         
# 
_pdbx_entity_branch.entity_id   2 
_pdbx_entity_branch.type        oligosaccharide 
# 
loop_
_pdbx_entity_branch_descriptor.ordinal 
_pdbx_entity_branch_descriptor.entity_id 
_pdbx_entity_branch_descriptor.descriptor 
_pdbx_entity_branch_descriptor.type 
_pdbx_entity_branch_descriptor.program 
_pdbx_entity_branch_descriptor.program_version 
1 2 'DGlcpNAcb1-2DManpa1-3[DGlcpNAcb1-2DManpa1-6]DManpb1-4DGlcpNAcb1-4DGlcpNAcb1-ROH' 'Glycam Condensed Sequence' GMML       1.0   
2 2 'WURCS=2.0/3,7,6/[a2122h-1b_1-5_2*NCC/3=O][a1122h-1b_1-5][a1122h-1a_1-5]/1-1-2-3-1-3-1/a4-b1_b4-c1_c3-d1_c6-f1_d2-e1_f2-g1' 
WURCS                       PDB2Glycan 1.1.0 
3 2 
;[][b-D-GlcpNAc]{[(4+1)][b-D-GlcpNAc]{[(4+1)][b-D-Manp]{[(3+1)][a-D-Manp]{[(2+1)][b-D-GlcpNAc]{}}[(6+1)][a-D-Manp]{[(2+1)][b-D-GlcpNAc]{}}}}}
;
LINUCS                      PDB-CARE   ?     
# 
loop_
_pdbx_entity_branch_link.link_id 
_pdbx_entity_branch_link.entity_id 
_pdbx_entity_branch_link.entity_branch_list_num_1 
_pdbx_entity_branch_link.comp_id_1 
_pdbx_entity_branch_link.atom_id_1 
_pdbx_entity_branch_link.leaving_atom_id_1 
_pdbx_entity_branch_link.entity_branch_list_num_2 
_pdbx_entity_branch_link.comp_id_2 
_pdbx_entity_branch_link.atom_id_2 
_pdbx_entity_branch_link.leaving_atom_id_2 
_pdbx_entity_branch_link.value_order 
_pdbx_entity_branch_link.details 
1 2 2 NAG C1 O1 1 NAG O4 HO4 sing ? 
2 2 3 BMA C1 O1 2 NAG O4 HO4 sing ? 
3 2 4 MAN C1 O1 3 BMA O3 HO3 sing ? 
4 2 5 NAG C1 O1 4 MAN O2 HO2 sing ? 
5 2 6 MAN C1 O1 3 BMA O6 HO6 sing ? 
6 2 7 NAG C1 O1 6 MAN O2 HO2 sing ? 
# 
loop_
_pdbx_entity_branch_list.entity_id 
_pdbx_entity_branch_list.comp_id 
_pdbx_entity_branch_list.num 
_pdbx_entity_branch_list.hetero 
2 NAG 1 n 
2 NAG 2 n 
2 BMA 3 n 
2 MAN 4 n 
2 NAG 5 n 
2 MAN 6 n 
2 NAG 7 n 
# 
loop_
_pdbx_entity_nonpoly.entity_id 
_pdbx_entity_nonpoly.name 
_pdbx_entity_nonpoly.comp_id 
3 'CALCIUM ION' CA  
4 GLYCEROL      GOL 
5 water         HOH 
# 
_pdbx_initial_refinement_model.id               1 
_pdbx_initial_refinement_model.entity_id_list   ? 
_pdbx_initial_refinement_model.type             'experimental model' 
_pdbx_initial_refinement_model.source_name      PDB 
_pdbx_initial_refinement_model.accession_code   2VUV 
_pdbx_initial_refinement_model.details          'PDB ENTRY 2VUV' 
# 
